data_1L7L
# 
_entry.id   1L7L 
# 
_audit_conform.dict_name       mmcif_pdbx.dic 
_audit_conform.dict_version    5.386 
_audit_conform.dict_location   http://mmcif.pdb.org/dictionaries/ascii/mmcif_pdbx.dic 
# 
loop_
_database_2.database_id 
_database_2.database_code 
_database_2.pdbx_database_accession 
_database_2.pdbx_DOI 
PDB   1L7L         pdb_00001l7l 10.2210/pdb1l7l/pdb 
RCSB  RCSB015715   ?            ?                   
WWPDB D_1000015715 ?            ?                   
# 
loop_
_pdbx_audit_revision_history.ordinal 
_pdbx_audit_revision_history.data_content_type 
_pdbx_audit_revision_history.major_revision 
_pdbx_audit_revision_history.minor_revision 
_pdbx_audit_revision_history.revision_date 
1 'Structure model' 1 0 2002-12-11 
2 'Structure model' 1 1 2008-04-28 
3 'Structure model' 1 2 2011-07-13 
4 'Structure model' 1 3 2017-10-11 
5 'Structure model' 1 4 2019-07-24 
6 'Structure model' 1 5 2024-02-14 
# 
_pdbx_audit_revision_details.ordinal             1 
_pdbx_audit_revision_details.revision_ordinal    1 
_pdbx_audit_revision_details.data_content_type   'Structure model' 
_pdbx_audit_revision_details.provider            repository 
_pdbx_audit_revision_details.type                'Initial release' 
_pdbx_audit_revision_details.description         ? 
_pdbx_audit_revision_details.details             ? 
# 
loop_
_pdbx_audit_revision_group.ordinal 
_pdbx_audit_revision_group.revision_ordinal 
_pdbx_audit_revision_group.data_content_type 
_pdbx_audit_revision_group.group 
1 2 'Structure model' 'Version format compliance' 
2 3 'Structure model' 'Version format compliance' 
3 4 'Structure model' 'Refinement description'    
4 5 'Structure model' 'Data collection'           
5 5 'Structure model' 'Refinement description'    
6 6 'Structure model' 'Data collection'           
7 6 'Structure model' 'Database references'       
8 6 'Structure model' 'Derived calculations'      
# 
loop_
_pdbx_audit_revision_category.ordinal 
_pdbx_audit_revision_category.revision_ordinal 
_pdbx_audit_revision_category.data_content_type 
_pdbx_audit_revision_category.category 
1 4 'Structure model' software               
2 5 'Structure model' software               
3 6 'Structure model' chem_comp_atom         
4 6 'Structure model' chem_comp_bond         
5 6 'Structure model' database_2             
6 6 'Structure model' pdbx_struct_conn_angle 
7 6 'Structure model' struct_conn            
8 6 'Structure model' struct_site            
# 
loop_
_pdbx_audit_revision_item.ordinal 
_pdbx_audit_revision_item.revision_ordinal 
_pdbx_audit_revision_item.data_content_type 
_pdbx_audit_revision_item.item 
1  5 'Structure model' '_software.classification'                    
2  5 'Structure model' '_software.name'                              
3  5 'Structure model' '_software.version'                           
4  6 'Structure model' '_database_2.pdbx_DOI'                        
5  6 'Structure model' '_database_2.pdbx_database_accession'         
6  6 'Structure model' '_pdbx_struct_conn_angle.ptnr1_auth_comp_id'  
7  6 'Structure model' '_pdbx_struct_conn_angle.ptnr1_auth_seq_id'   
8  6 'Structure model' '_pdbx_struct_conn_angle.ptnr1_label_atom_id' 
9  6 'Structure model' '_pdbx_struct_conn_angle.ptnr1_label_comp_id' 
10 6 'Structure model' '_pdbx_struct_conn_angle.ptnr1_label_seq_id'  
11 6 'Structure model' '_pdbx_struct_conn_angle.ptnr3_auth_comp_id'  
12 6 'Structure model' '_pdbx_struct_conn_angle.ptnr3_auth_seq_id'   
13 6 'Structure model' '_pdbx_struct_conn_angle.ptnr3_label_atom_id' 
14 6 'Structure model' '_pdbx_struct_conn_angle.ptnr3_label_comp_id' 
15 6 'Structure model' '_pdbx_struct_conn_angle.ptnr3_label_seq_id'  
16 6 'Structure model' '_pdbx_struct_conn_angle.value'               
17 6 'Structure model' '_struct_conn.pdbx_dist_value'                
18 6 'Structure model' '_struct_conn.ptnr1_auth_comp_id'             
19 6 'Structure model' '_struct_conn.ptnr1_auth_seq_id'              
20 6 'Structure model' '_struct_conn.ptnr1_label_asym_id'            
21 6 'Structure model' '_struct_conn.ptnr1_label_atom_id'            
22 6 'Structure model' '_struct_conn.ptnr1_label_comp_id'            
23 6 'Structure model' '_struct_conn.ptnr1_label_seq_id'             
24 6 'Structure model' '_struct_conn.ptnr2_auth_comp_id'             
25 6 'Structure model' '_struct_conn.ptnr2_auth_seq_id'              
26 6 'Structure model' '_struct_conn.ptnr2_label_asym_id'            
27 6 'Structure model' '_struct_conn.ptnr2_label_atom_id'            
28 6 'Structure model' '_struct_conn.ptnr2_label_comp_id'            
29 6 'Structure model' '_struct_conn.ptnr2_label_seq_id'             
30 6 'Structure model' '_struct_site.pdbx_auth_asym_id'              
31 6 'Structure model' '_struct_site.pdbx_auth_comp_id'              
32 6 'Structure model' '_struct_site.pdbx_auth_seq_id'               
# 
_pdbx_database_status.status_code                     REL 
_pdbx_database_status.entry_id                        1L7L 
_pdbx_database_status.recvd_initial_deposition_date   2002-03-15 
_pdbx_database_status.deposit_site                    RCSB 
_pdbx_database_status.process_site                    RCSB 
_pdbx_database_status.SG_entry                        Y 
_pdbx_database_status.status_code_sf                  REL 
_pdbx_database_status.pdb_format_compatible           Y 
_pdbx_database_status.status_code_mr                  ? 
_pdbx_database_status.status_code_cs                  ? 
_pdbx_database_status.methods_development_category    ? 
_pdbx_database_status.status_code_nmr_data            ? 
# 
_pdbx_database_related.db_name        TargetDB 
_pdbx_database_related.db_id          Pae-lectin1 
_pdbx_database_related.details        . 
_pdbx_database_related.content_type   unspecified 
# 
loop_
_audit_author.name 
_audit_author.pdbx_ordinal 
'Liu, Z.J.'                                               1 
'Tempel, W.'                                              2 
'Lin, D.'                                                 3 
'Karaveg, K.'                                             4 
'Doyle, R.J.'                                             5 
'Rose, J.P.'                                              6 
'Wang, B.C.'                                              7 
'Southeast Collaboratory for Structural Genomics (SECSG)' 8 
# 
_citation.id                        primary 
_citation.title                     
;Structure determination of P. aeruginosa lectin-1 using single       
wavelength anomalous scattering data from native crystals (P028)
;
_citation.journal_abbrev            'AM.CRYST.ASSOC.,ABSTR.PAPERS (ANNUAL MEETING)' 
_citation.journal_volume            29 
_citation.page_first                98 
_citation.page_last                 ? 
_citation.year                      2002 
_citation.journal_id_ASTM           ? 
_citation.country                   US 
_citation.journal_id_ISSN           0569-4221 
_citation.journal_id_CSD            0877 
_citation.book_publisher            ? 
_citation.pdbx_database_id_PubMed   -1 
_citation.pdbx_database_id_DOI      ? 
# 
loop_
_citation_author.citation_id 
_citation_author.name 
_citation_author.ordinal 
_citation_author.identifier_ORCID 
primary 'Liu, Z.J.'   1 ? 
primary 'Tempel, W.'  2 ? 
primary 'Lin, D.'     3 ? 
primary 'Karaveg, K.' 4 ? 
primary 'Doyle, R.J.' 5 ? 
primary 'Rose, J.P.'  6 ? 
primary 'Wang, B.C.'  7 ? 
# 
loop_
_entity.id 
_entity.type 
_entity.src_method 
_entity.pdbx_description 
_entity.formula_weight 
_entity.pdbx_number_of_molecules 
_entity.pdbx_ec 
_entity.pdbx_mutation 
_entity.pdbx_fragment 
_entity.details 
1 polymer     nat 'PA-I galactophilic lectin' 12770.137 1   ? ? ? ? 
2 non-polymer syn 'CALCIUM ION'               40.078    1   ? ? ? ? 
3 water       nat water                       18.015    107 ? ? ? ? 
# 
_entity_name_com.entity_id   1 
_entity_name_com.name        'PA-IL, Galactose-binding lectin, lectin 1' 
# 
_entity_poly.entity_id                      1 
_entity_poly.type                           'polypeptide(L)' 
_entity_poly.nstd_linkage                   no 
_entity_poly.nstd_monomer                   no 
_entity_poly.pdbx_seq_one_letter_code       
;AWKGEVLANNEAGQVTSIIYNPGDVITIVAAGWASYGPTQKWGPQGDREHPDQGLICHDAFCGALVMKIGNSGTIPVNTG
LFRWVAPNNVQGAITLIYNDVPGTYGNNSGSFSVNIGKDQS
;
_entity_poly.pdbx_seq_one_letter_code_can   
;AWKGEVLANNEAGQVTSIIYNPGDVITIVAAGWASYGPTQKWGPQGDREHPDQGLICHDAFCGALVMKIGNSGTIPVNTG
LFRWVAPNNVQGAITLIYNDVPGTYGNNSGSFSVNIGKDQS
;
_entity_poly.pdbx_strand_id                 A 
_entity_poly.pdbx_target_identifier         Pae-lectin1 
# 
loop_
_pdbx_entity_nonpoly.entity_id 
_pdbx_entity_nonpoly.name 
_pdbx_entity_nonpoly.comp_id 
2 'CALCIUM ION' CA  
3 water         HOH 
# 
loop_
_entity_poly_seq.entity_id 
_entity_poly_seq.num 
_entity_poly_seq.mon_id 
_entity_poly_seq.hetero 
1 1   ALA n 
1 2   TRP n 
1 3   LYS n 
1 4   GLY n 
1 5   GLU n 
1 6   VAL n 
1 7   LEU n 
1 8   ALA n 
1 9   ASN n 
1 10  ASN n 
1 11  GLU n 
1 12  ALA n 
1 13  GLY n 
1 14  GLN n 
1 15  VAL n 
1 16  THR n 
1 17  SER n 
1 18  ILE n 
1 19  ILE n 
1 20  TYR n 
1 21  ASN n 
1 22  PRO n 
1 23  GLY n 
1 24  ASP n 
1 25  VAL n 
1 26  ILE n 
1 27  THR n 
1 28  ILE n 
1 29  VAL n 
1 30  ALA n 
1 31  ALA n 
1 32  GLY n 
1 33  TRP n 
1 34  ALA n 
1 35  SER n 
1 36  TYR n 
1 37  GLY n 
1 38  PRO n 
1 39  THR n 
1 40  GLN n 
1 41  LYS n 
1 42  TRP n 
1 43  GLY n 
1 44  PRO n 
1 45  GLN n 
1 46  GLY n 
1 47  ASP n 
1 48  ARG n 
1 49  GLU n 
1 50  HIS n 
1 51  PRO n 
1 52  ASP n 
1 53  GLN n 
1 54  GLY n 
1 55  LEU n 
1 56  ILE n 
1 57  CYS n 
1 58  HIS n 
1 59  ASP n 
1 60  ALA n 
1 61  PHE n 
1 62  CYS n 
1 63  GLY n 
1 64  ALA n 
1 65  LEU n 
1 66  VAL n 
1 67  MET n 
1 68  LYS n 
1 69  ILE n 
1 70  GLY n 
1 71  ASN n 
1 72  SER n 
1 73  GLY n 
1 74  THR n 
1 75  ILE n 
1 76  PRO n 
1 77  VAL n 
1 78  ASN n 
1 79  THR n 
1 80  GLY n 
1 81  LEU n 
1 82  PHE n 
1 83  ARG n 
1 84  TRP n 
1 85  VAL n 
1 86  ALA n 
1 87  PRO n 
1 88  ASN n 
1 89  ASN n 
1 90  VAL n 
1 91  GLN n 
1 92  GLY n 
1 93  ALA n 
1 94  ILE n 
1 95  THR n 
1 96  LEU n 
1 97  ILE n 
1 98  TYR n 
1 99  ASN n 
1 100 ASP n 
1 101 VAL n 
1 102 PRO n 
1 103 GLY n 
1 104 THR n 
1 105 TYR n 
1 106 GLY n 
1 107 ASN n 
1 108 ASN n 
1 109 SER n 
1 110 GLY n 
1 111 SER n 
1 112 PHE n 
1 113 SER n 
1 114 VAL n 
1 115 ASN n 
1 116 ILE n 
1 117 GLY n 
1 118 LYS n 
1 119 ASP n 
1 120 GLN n 
1 121 SER n 
# 
_entity_src_nat.entity_id                  1 
_entity_src_nat.pdbx_src_id                1 
_entity_src_nat.pdbx_alt_source_flag       sample 
_entity_src_nat.pdbx_beg_seq_num           ? 
_entity_src_nat.pdbx_end_seq_num           ? 
_entity_src_nat.common_name                ? 
_entity_src_nat.pdbx_organism_scientific   'Pseudomonas aeruginosa' 
_entity_src_nat.pdbx_ncbi_taxonomy_id      287 
_entity_src_nat.genus                      Pseudomonas 
_entity_src_nat.species                    ? 
_entity_src_nat.strain                     ? 
_entity_src_nat.tissue                     ? 
_entity_src_nat.tissue_fraction            ? 
_entity_src_nat.pdbx_secretion             ? 
_entity_src_nat.pdbx_fragment              ? 
_entity_src_nat.pdbx_variant               ? 
_entity_src_nat.pdbx_cell_line             ? 
_entity_src_nat.pdbx_atcc                  ? 
_entity_src_nat.pdbx_cellular_location     ? 
_entity_src_nat.pdbx_organ                 ? 
_entity_src_nat.pdbx_organelle             ? 
_entity_src_nat.pdbx_cell                  ? 
_entity_src_nat.pdbx_plasmid_name          ? 
_entity_src_nat.pdbx_plasmid_details       ? 
_entity_src_nat.details                    ? 
# 
loop_
_chem_comp.id 
_chem_comp.type 
_chem_comp.mon_nstd_flag 
_chem_comp.name 
_chem_comp.pdbx_synonyms 
_chem_comp.formula 
_chem_comp.formula_weight 
ALA 'L-peptide linking' y ALANINE         ? 'C3 H7 N O2'     89.093  
ARG 'L-peptide linking' y ARGININE        ? 'C6 H15 N4 O2 1' 175.209 
ASN 'L-peptide linking' y ASPARAGINE      ? 'C4 H8 N2 O3'    132.118 
ASP 'L-peptide linking' y 'ASPARTIC ACID' ? 'C4 H7 N O4'     133.103 
CA  non-polymer         . 'CALCIUM ION'   ? 'Ca 2'           40.078  
CYS 'L-peptide linking' y CYSTEINE        ? 'C3 H7 N O2 S'   121.158 
GLN 'L-peptide linking' y GLUTAMINE       ? 'C5 H10 N2 O3'   146.144 
GLU 'L-peptide linking' y 'GLUTAMIC ACID' ? 'C5 H9 N O4'     147.129 
GLY 'peptide linking'   y GLYCINE         ? 'C2 H5 N O2'     75.067  
HIS 'L-peptide linking' y HISTIDINE       ? 'C6 H10 N3 O2 1' 156.162 
HOH non-polymer         . WATER           ? 'H2 O'           18.015  
ILE 'L-peptide linking' y ISOLEUCINE      ? 'C6 H13 N O2'    131.173 
LEU 'L-peptide linking' y LEUCINE         ? 'C6 H13 N O2'    131.173 
LYS 'L-peptide linking' y LYSINE          ? 'C6 H15 N2 O2 1' 147.195 
MET 'L-peptide linking' y METHIONINE      ? 'C5 H11 N O2 S'  149.211 
PHE 'L-peptide linking' y PHENYLALANINE   ? 'C9 H11 N O2'    165.189 
PRO 'L-peptide linking' y PROLINE         ? 'C5 H9 N O2'     115.130 
SER 'L-peptide linking' y SERINE          ? 'C3 H7 N O3'     105.093 
THR 'L-peptide linking' y THREONINE       ? 'C4 H9 N O3'     119.119 
TRP 'L-peptide linking' y TRYPTOPHAN      ? 'C11 H12 N2 O2'  204.225 
TYR 'L-peptide linking' y TYROSINE        ? 'C9 H11 N O3'    181.189 
VAL 'L-peptide linking' y VALINE          ? 'C5 H11 N O2'    117.146 
# 
loop_
_pdbx_poly_seq_scheme.asym_id 
_pdbx_poly_seq_scheme.entity_id 
_pdbx_poly_seq_scheme.seq_id 
_pdbx_poly_seq_scheme.mon_id 
_pdbx_poly_seq_scheme.ndb_seq_num 
_pdbx_poly_seq_scheme.pdb_seq_num 
_pdbx_poly_seq_scheme.auth_seq_num 
_pdbx_poly_seq_scheme.pdb_mon_id 
_pdbx_poly_seq_scheme.auth_mon_id 
_pdbx_poly_seq_scheme.pdb_strand_id 
_pdbx_poly_seq_scheme.pdb_ins_code 
_pdbx_poly_seq_scheme.hetero 
A 1 1   ALA 1   1   1   ALA ALA A . n 
A 1 2   TRP 2   2   2   TRP TRP A . n 
A 1 3   LYS 3   3   3   LYS LYS A . n 
A 1 4   GLY 4   4   4   GLY GLY A . n 
A 1 5   GLU 5   5   5   GLU GLU A . n 
A 1 6   VAL 6   6   6   VAL VAL A . n 
A 1 7   LEU 7   7   7   LEU LEU A . n 
A 1 8   ALA 8   8   8   ALA ALA A . n 
A 1 9   ASN 9   9   9   ASN ASN A . n 
A 1 10  ASN 10  10  10  ASN ASN A . n 
A 1 11  GLU 11  11  11  GLU GLU A . n 
A 1 12  ALA 12  12  12  ALA ALA A . n 
A 1 13  GLY 13  13  13  GLY GLY A . n 
A 1 14  GLN 14  14  14  GLN GLN A . n 
A 1 15  VAL 15  15  15  VAL VAL A . n 
A 1 16  THR 16  16  16  THR THR A . n 
A 1 17  SER 17  17  17  SER SER A . n 
A 1 18  ILE 18  18  18  ILE ILE A . n 
A 1 19  ILE 19  19  19  ILE ILE A . n 
A 1 20  TYR 20  20  20  TYR TYR A . n 
A 1 21  ASN 21  21  21  ASN ASN A . n 
A 1 22  PRO 22  22  22  PRO PRO A . n 
A 1 23  GLY 23  23  23  GLY GLY A . n 
A 1 24  ASP 24  24  24  ASP ASP A . n 
A 1 25  VAL 25  25  25  VAL VAL A . n 
A 1 26  ILE 26  26  26  ILE ILE A . n 
A 1 27  THR 27  27  27  THR THR A . n 
A 1 28  ILE 28  28  28  ILE ILE A . n 
A 1 29  VAL 29  29  29  VAL VAL A . n 
A 1 30  ALA 30  30  30  ALA ALA A . n 
A 1 31  ALA 31  31  31  ALA ALA A . n 
A 1 32  GLY 32  32  32  GLY GLY A . n 
A 1 33  TRP 33  33  33  TRP TRP A . n 
A 1 34  ALA 34  34  34  ALA ALA A . n 
A 1 35  SER 35  35  35  SER SER A . n 
A 1 36  TYR 36  36  36  TYR TYR A . n 
A 1 37  GLY 37  37  37  GLY GLY A . n 
A 1 38  PRO 38  38  38  PRO PRO A . n 
A 1 39  THR 39  39  39  THR THR A . n 
A 1 40  GLN 40  40  40  GLN GLN A . n 
A 1 41  LYS 41  41  41  LYS LYS A . n 
A 1 42  TRP 42  42  42  TRP TRP A . n 
A 1 43  GLY 43  43  43  GLY GLY A . n 
A 1 44  PRO 44  44  44  PRO PRO A . n 
A 1 45  GLN 45  45  45  GLN GLN A . n 
A 1 46  GLY 46  46  46  GLY GLY A . n 
A 1 47  ASP 47  47  47  ASP ASP A . n 
A 1 48  ARG 48  48  48  ARG ARG A . n 
A 1 49  GLU 49  49  49  GLU GLU A . n 
A 1 50  HIS 50  50  50  HIS HIS A . n 
A 1 51  PRO 51  51  51  PRO PRO A . n 
A 1 52  ASP 52  52  52  ASP ASP A . n 
A 1 53  GLN 53  53  53  GLN GLN A . n 
A 1 54  GLY 54  54  54  GLY GLY A . n 
A 1 55  LEU 55  55  55  LEU LEU A . n 
A 1 56  ILE 56  56  56  ILE ILE A . n 
A 1 57  CYS 57  57  57  CYS CYS A . n 
A 1 58  HIS 58  58  58  HIS HIS A . n 
A 1 59  ASP 59  59  59  ASP ASP A . n 
A 1 60  ALA 60  60  60  ALA ALA A . n 
A 1 61  PHE 61  61  61  PHE PHE A . n 
A 1 62  CYS 62  62  62  CYS CYS A . n 
A 1 63  GLY 63  63  63  GLY GLY A . n 
A 1 64  ALA 64  64  64  ALA ALA A . n 
A 1 65  LEU 65  65  65  LEU LEU A . n 
A 1 66  VAL 66  66  66  VAL VAL A . n 
A 1 67  MET 67  67  67  MET MET A . n 
A 1 68  LYS 68  68  68  LYS LYS A . n 
A 1 69  ILE 69  69  69  ILE ILE A . n 
A 1 70  GLY 70  70  70  GLY GLY A . n 
A 1 71  ASN 71  71  71  ASN ASN A . n 
A 1 72  SER 72  72  72  SER SER A . n 
A 1 73  GLY 73  73  73  GLY GLY A . n 
A 1 74  THR 74  74  74  THR THR A . n 
A 1 75  ILE 75  75  75  ILE ILE A . n 
A 1 76  PRO 76  76  76  PRO PRO A . n 
A 1 77  VAL 77  77  77  VAL VAL A . n 
A 1 78  ASN 78  78  78  ASN ASN A . n 
A 1 79  THR 79  79  79  THR THR A . n 
A 1 80  GLY 80  80  80  GLY GLY A . n 
A 1 81  LEU 81  81  81  LEU LEU A . n 
A 1 82  PHE 82  82  82  PHE PHE A . n 
A 1 83  ARG 83  83  83  ARG ARG A . n 
A 1 84  TRP 84  84  84  TRP TRP A . n 
A 1 85  VAL 85  85  85  VAL VAL A . n 
A 1 86  ALA 86  86  86  ALA ALA A . n 
A 1 87  PRO 87  87  87  PRO PRO A . n 
A 1 88  ASN 88  88  88  ASN ASN A . n 
A 1 89  ASN 89  89  89  ASN ASN A . n 
A 1 90  VAL 90  90  90  VAL VAL A . n 
A 1 91  GLN 91  91  91  GLN GLN A . n 
A 1 92  GLY 92  92  92  GLY GLY A . n 
A 1 93  ALA 93  93  93  ALA ALA A . n 
A 1 94  ILE 94  94  94  ILE ILE A . n 
A 1 95  THR 95  95  95  THR THR A . n 
A 1 96  LEU 96  96  96  LEU LEU A . n 
A 1 97  ILE 97  97  97  ILE ILE A . n 
A 1 98  TYR 98  98  98  TYR TYR A . n 
A 1 99  ASN 99  99  99  ASN ASN A . n 
A 1 100 ASP 100 100 100 ASP ASP A . n 
A 1 101 VAL 101 101 101 VAL VAL A . n 
A 1 102 PRO 102 102 102 PRO PRO A . n 
A 1 103 GLY 103 103 103 GLY GLY A . n 
A 1 104 THR 104 104 104 THR THR A . n 
A 1 105 TYR 105 105 105 TYR TYR A . n 
A 1 106 GLY 106 106 106 GLY GLY A . n 
A 1 107 ASN 107 107 107 ASN ASN A . n 
A 1 108 ASN 108 108 108 ASN ASN A . n 
A 1 109 SER 109 109 109 SER SER A . n 
A 1 110 GLY 110 110 110 GLY GLY A . n 
A 1 111 SER 111 111 111 SER SER A . n 
A 1 112 PHE 112 112 112 PHE PHE A . n 
A 1 113 SER 113 113 113 SER SER A . n 
A 1 114 VAL 114 114 114 VAL VAL A . n 
A 1 115 ASN 115 115 115 ASN ASN A . n 
A 1 116 ILE 116 116 116 ILE ILE A . n 
A 1 117 GLY 117 117 117 GLY GLY A . n 
A 1 118 LYS 118 118 118 LYS LYS A . n 
A 1 119 ASP 119 119 119 ASP ASP A . n 
A 1 120 GLN 120 120 120 GLN GLN A . n 
A 1 121 SER 121 121 121 SER SER A . n 
# 
loop_
_pdbx_nonpoly_scheme.asym_id 
_pdbx_nonpoly_scheme.entity_id 
_pdbx_nonpoly_scheme.mon_id 
_pdbx_nonpoly_scheme.ndb_seq_num 
_pdbx_nonpoly_scheme.pdb_seq_num 
_pdbx_nonpoly_scheme.auth_seq_num 
_pdbx_nonpoly_scheme.pdb_mon_id 
_pdbx_nonpoly_scheme.auth_mon_id 
_pdbx_nonpoly_scheme.pdb_strand_id 
_pdbx_nonpoly_scheme.pdb_ins_code 
B 2 CA  1   201 201 CA  CA  A . 
C 3 HOH 1   202 1   HOH HOH A . 
C 3 HOH 2   203 2   HOH HOH A . 
C 3 HOH 3   204 3   HOH HOH A . 
C 3 HOH 4   205 4   HOH HOH A . 
C 3 HOH 5   206 5   HOH HOH A . 
C 3 HOH 6   207 6   HOH HOH A . 
C 3 HOH 7   208 7   HOH HOH A . 
C 3 HOH 8   209 8   HOH HOH A . 
C 3 HOH 9   210 9   HOH HOH A . 
C 3 HOH 10  211 10  HOH HOH A . 
C 3 HOH 11  212 11  HOH HOH A . 
C 3 HOH 12  213 12  HOH HOH A . 
C 3 HOH 13  214 13  HOH HOH A . 
C 3 HOH 14  215 14  HOH HOH A . 
C 3 HOH 15  216 15  HOH HOH A . 
C 3 HOH 16  217 16  HOH HOH A . 
C 3 HOH 17  218 17  HOH HOH A . 
C 3 HOH 18  219 18  HOH HOH A . 
C 3 HOH 19  220 19  HOH HOH A . 
C 3 HOH 20  221 20  HOH HOH A . 
C 3 HOH 21  222 21  HOH HOH A . 
C 3 HOH 22  223 22  HOH HOH A . 
C 3 HOH 23  224 23  HOH HOH A . 
C 3 HOH 24  225 24  HOH HOH A . 
C 3 HOH 25  226 25  HOH HOH A . 
C 3 HOH 26  227 26  HOH HOH A . 
C 3 HOH 27  228 27  HOH HOH A . 
C 3 HOH 28  229 28  HOH HOH A . 
C 3 HOH 29  230 29  HOH HOH A . 
C 3 HOH 30  231 30  HOH HOH A . 
C 3 HOH 31  232 31  HOH HOH A . 
C 3 HOH 32  233 32  HOH HOH A . 
C 3 HOH 33  234 33  HOH HOH A . 
C 3 HOH 34  235 34  HOH HOH A . 
C 3 HOH 35  236 35  HOH HOH A . 
C 3 HOH 36  237 36  HOH HOH A . 
C 3 HOH 37  238 37  HOH HOH A . 
C 3 HOH 38  239 38  HOH HOH A . 
C 3 HOH 39  240 39  HOH HOH A . 
C 3 HOH 40  241 40  HOH HOH A . 
C 3 HOH 41  242 41  HOH HOH A . 
C 3 HOH 42  243 42  HOH HOH A . 
C 3 HOH 43  244 43  HOH HOH A . 
C 3 HOH 44  245 44  HOH HOH A . 
C 3 HOH 45  246 45  HOH HOH A . 
C 3 HOH 46  247 46  HOH HOH A . 
C 3 HOH 47  248 47  HOH HOH A . 
C 3 HOH 48  249 48  HOH HOH A . 
C 3 HOH 49  250 49  HOH HOH A . 
C 3 HOH 50  251 50  HOH HOH A . 
C 3 HOH 51  252 51  HOH HOH A . 
C 3 HOH 52  253 52  HOH HOH A . 
C 3 HOH 53  254 53  HOH HOH A . 
C 3 HOH 54  255 54  HOH HOH A . 
C 3 HOH 55  256 55  HOH HOH A . 
C 3 HOH 56  257 56  HOH HOH A . 
C 3 HOH 57  258 57  HOH HOH A . 
C 3 HOH 58  259 58  HOH HOH A . 
C 3 HOH 59  260 59  HOH HOH A . 
C 3 HOH 60  261 60  HOH HOH A . 
C 3 HOH 61  262 61  HOH HOH A . 
C 3 HOH 62  263 62  HOH HOH A . 
C 3 HOH 63  264 63  HOH HOH A . 
C 3 HOH 64  265 64  HOH HOH A . 
C 3 HOH 65  266 65  HOH HOH A . 
C 3 HOH 66  267 66  HOH HOH A . 
C 3 HOH 67  268 67  HOH HOH A . 
C 3 HOH 68  269 68  HOH HOH A . 
C 3 HOH 69  270 69  HOH HOH A . 
C 3 HOH 70  271 70  HOH HOH A . 
C 3 HOH 71  272 71  HOH HOH A . 
C 3 HOH 72  273 72  HOH HOH A . 
C 3 HOH 73  274 73  HOH HOH A . 
C 3 HOH 74  275 74  HOH HOH A . 
C 3 HOH 75  276 75  HOH HOH A . 
C 3 HOH 76  277 76  HOH HOH A . 
C 3 HOH 77  278 77  HOH HOH A . 
C 3 HOH 78  279 78  HOH HOH A . 
C 3 HOH 79  280 79  HOH HOH A . 
C 3 HOH 80  281 80  HOH HOH A . 
C 3 HOH 81  282 81  HOH HOH A . 
C 3 HOH 82  283 82  HOH HOH A . 
C 3 HOH 83  284 83  HOH HOH A . 
C 3 HOH 84  285 84  HOH HOH A . 
C 3 HOH 85  286 85  HOH HOH A . 
C 3 HOH 86  287 86  HOH HOH A . 
C 3 HOH 87  288 87  HOH HOH A . 
C 3 HOH 88  289 88  HOH HOH A . 
C 3 HOH 89  290 89  HOH HOH A . 
C 3 HOH 90  291 90  HOH HOH A . 
C 3 HOH 91  292 91  HOH HOH A . 
C 3 HOH 92  293 92  HOH HOH A . 
C 3 HOH 93  294 93  HOH HOH A . 
C 3 HOH 94  295 94  HOH HOH A . 
C 3 HOH 95  296 95  HOH HOH A . 
C 3 HOH 96  297 96  HOH HOH A . 
C 3 HOH 97  298 97  HOH HOH A . 
C 3 HOH 98  299 98  HOH HOH A . 
C 3 HOH 99  300 99  HOH HOH A . 
C 3 HOH 100 301 100 HOH HOH A . 
C 3 HOH 101 302 101 HOH HOH A . 
C 3 HOH 102 303 102 HOH HOH A . 
C 3 HOH 103 304 103 HOH HOH A . 
C 3 HOH 104 305 104 HOH HOH A . 
C 3 HOH 105 306 105 HOH HOH A . 
C 3 HOH 106 307 106 HOH HOH A . 
C 3 HOH 107 308 107 HOH HOH A . 
# 
loop_
_pdbx_unobs_or_zero_occ_atoms.id 
_pdbx_unobs_or_zero_occ_atoms.PDB_model_num 
_pdbx_unobs_or_zero_occ_atoms.polymer_flag 
_pdbx_unobs_or_zero_occ_atoms.occupancy_flag 
_pdbx_unobs_or_zero_occ_atoms.auth_asym_id 
_pdbx_unobs_or_zero_occ_atoms.auth_comp_id 
_pdbx_unobs_or_zero_occ_atoms.auth_seq_id 
_pdbx_unobs_or_zero_occ_atoms.PDB_ins_code 
_pdbx_unobs_or_zero_occ_atoms.auth_atom_id 
_pdbx_unobs_or_zero_occ_atoms.label_alt_id 
_pdbx_unobs_or_zero_occ_atoms.label_asym_id 
_pdbx_unobs_or_zero_occ_atoms.label_comp_id 
_pdbx_unobs_or_zero_occ_atoms.label_seq_id 
_pdbx_unobs_or_zero_occ_atoms.label_atom_id 
1 1 Y 1 A ASN 71 ? CB  ? A ASN 71 CB  
2 1 Y 1 A ASN 71 ? CG  ? A ASN 71 CG  
3 1 Y 1 A ASN 71 ? OD1 ? A ASN 71 OD1 
4 1 Y 1 A ASN 71 ? ND2 ? A ASN 71 ND2 
# 
loop_
_software.name 
_software.classification 
_software.version 
_software.citation_id 
_software.pdbx_ordinal 
REFMAC    refinement        5.1.24 ? 1  
SCALEPACK 'data scaling'    .      ? 2  
SHELX     'model building'  .      ? 3  
ISAS      'model building'  .      ? 4  
RESOLVE   'model building'  .      ? 5  
CNS       refinement        1.1    ? 6  
SHELX     phasing           .      ? 7  
ISAS      phasing           .      ? 8  
RESOLVE   phasing           .      ? 9  
MAR345    'data collection' .      ? 10 
# 
_cell.entry_id           1L7L 
_cell.length_a           40.259 
_cell.length_b           72.351 
_cell.length_c           133.886 
_cell.angle_alpha        90.00 
_cell.angle_beta         90.00 
_cell.angle_gamma        90.00 
_cell.Z_PDB              8 
_cell.pdbx_unique_axis   ? 
# 
_symmetry.entry_id                         1L7L 
_symmetry.space_group_name_H-M             'I 2 2 2' 
_symmetry.pdbx_full_space_group_name_H-M   ? 
_symmetry.cell_setting                     ? 
_symmetry.Int_Tables_number                23 
# 
_exptl.entry_id          1L7L 
_exptl.method            'X-RAY DIFFRACTION' 
_exptl.crystals_number   1 
# 
_exptl_crystal.id                    1 
_exptl_crystal.density_meas          ? 
_exptl_crystal.density_percent_sol   67.76 
_exptl_crystal.density_Matthews      3.82 
_exptl_crystal.description           ? 
# 
_exptl_crystal_grow.crystal_id      1 
_exptl_crystal_grow.method          'VAPOR DIFFUSION, HANGING DROP' 
_exptl_crystal_grow.temp            298 
_exptl_crystal_grow.temp_details    ? 
_exptl_crystal_grow.pH              7.0 
_exptl_crystal_grow.pdbx_details    'ammonium sulfate, pH 7.0, VAPOR DIFFUSION, HANGING DROP, temperature 298K' 
_exptl_crystal_grow.pdbx_pH_range   . 
# 
_diffrn.id                     1 
_diffrn.ambient_temp           100 
_diffrn.ambient_temp_details   ? 
_diffrn.crystal_id             1 
# 
_diffrn_detector.diffrn_id              1 
_diffrn_detector.detector               CCD 
_diffrn_detector.type                   MARRESEARCH 
_diffrn_detector.pdbx_collection_date   2001-09-18 
_diffrn_detector.details                ? 
# 
_diffrn_radiation.diffrn_id                        1 
_diffrn_radiation.wavelength_id                    1 
_diffrn_radiation.monochromator                    ? 
_diffrn_radiation.pdbx_monochromatic_or_laue_m_l   M 
_diffrn_radiation.pdbx_diffrn_protocol             'SINGLE WAVELENGTH' 
_diffrn_radiation.pdbx_scattering_type             x-ray 
# 
_diffrn_radiation_wavelength.id           1 
_diffrn_radiation_wavelength.wavelength   1.0 
_diffrn_radiation_wavelength.wt           1.0 
# 
_diffrn_source.diffrn_id                   1 
_diffrn_source.source                      SYNCHROTRON 
_diffrn_source.type                        'APS BEAMLINE 17-ID' 
_diffrn_source.pdbx_synchrotron_site       APS 
_diffrn_source.pdbx_synchrotron_beamline   17-ID 
_diffrn_source.pdbx_wavelength             ? 
_diffrn_source.pdbx_wavelength_list        1.0 
# 
_reflns.entry_id                     1L7L 
_reflns.observed_criterion_sigma_I   0 
_reflns.observed_criterion_sigma_F   0 
_reflns.d_resolution_low             50 
_reflns.d_resolution_high            1.5 
_reflns.number_obs                   31619 
_reflns.number_all                   31830 
_reflns.percent_possible_obs         99.3 
_reflns.pdbx_Rmerge_I_obs            ? 
_reflns.pdbx_Rsym_value              0.026 
_reflns.pdbx_netI_over_sigmaI        61 
_reflns.B_iso_Wilson_estimate        16.5 
_reflns.pdbx_redundancy              7.1 
_reflns.R_free_details               ? 
_reflns.limit_h_max                  ? 
_reflns.limit_h_min                  ? 
_reflns.limit_k_max                  ? 
_reflns.limit_k_min                  ? 
_reflns.limit_l_max                  ? 
_reflns.limit_l_min                  ? 
_reflns.observed_criterion_F_max     ? 
_reflns.observed_criterion_F_min     ? 
_reflns.pdbx_diffrn_id               1 
_reflns.pdbx_ordinal                 1 
# 
_reflns_shell.d_res_high             1.5 
_reflns_shell.d_res_low              1.55 
_reflns_shell.percent_possible_all   96.3 
_reflns_shell.Rmerge_I_obs           0.14 
_reflns_shell.pdbx_Rsym_value        0.14 
_reflns_shell.meanI_over_sigI_obs    10.0 
_reflns_shell.pdbx_redundancy        4.2 
_reflns_shell.percent_possible_obs   ? 
_reflns_shell.number_unique_all      3029 
_reflns_shell.pdbx_diffrn_id         ? 
_reflns_shell.pdbx_ordinal           1 
# 
_refine.entry_id                                 1L7L 
_refine.ls_number_reflns_obs                     29435 
_refine.ls_number_reflns_all                     ? 
_refine.pdbx_ls_sigma_I                          ? 
_refine.pdbx_ls_sigma_F                          ? 
_refine.pdbx_data_cutoff_high_absF               ? 
_refine.pdbx_data_cutoff_low_absF                ? 
_refine.pdbx_data_cutoff_high_rms_absF           ? 
_refine.ls_d_res_low                             14.60 
_refine.ls_d_res_high                            1.50 
_refine.ls_percent_reflns_obs                    97.31 
_refine.ls_R_factor_obs                          0.19262 
_refine.ls_R_factor_all                          ? 
_refine.ls_R_factor_R_work                       0.19225 
_refine.ls_R_factor_R_free                       0.2002 
_refine.ls_R_factor_R_free_error                 ? 
_refine.ls_R_factor_R_free_error_details         ? 
_refine.ls_percent_reflns_R_free                 5.0 
_refine.ls_number_reflns_R_free                  1535 
_refine.ls_number_parameters                     ? 
_refine.ls_number_restraints                     ? 
_refine.occupancy_min                            ? 
_refine.occupancy_max                            ? 
_refine.correlation_coeff_Fo_to_Fc               0.947 
_refine.correlation_coeff_Fo_to_Fc_free          0.947 
_refine.B_iso_mean                               13.435 
_refine.aniso_B[1][1]                            1.14 
_refine.aniso_B[2][2]                            -0.19 
_refine.aniso_B[3][3]                            -0.94 
_refine.aniso_B[1][2]                            0.00 
_refine.aniso_B[1][3]                            0.00 
_refine.aniso_B[2][3]                            0.00 
_refine.solvent_model_details                    'BABINET MODEL WITH MASK' 
_refine.solvent_model_param_ksol                 ? 
_refine.solvent_model_param_bsol                 ? 
_refine.pdbx_solvent_vdw_probe_radii             1.40 
_refine.pdbx_solvent_ion_probe_radii             0.80 
_refine.pdbx_solvent_shrinkage_radii             0.80 
_refine.pdbx_ls_cross_valid_method               THROUGHOUT 
_refine.details                                  'HYDROGENS HAVE BEEN ADDED IN THE RIDING POSITIONS' 
_refine.pdbx_starting_model                      ? 
_refine.pdbx_method_to_determine_struct          SAS 
_refine.pdbx_isotropic_thermal_model             ? 
_refine.pdbx_stereochemistry_target_values       'MAXIMUM LIKELIHOOD' 
_refine.pdbx_stereochem_target_val_spec_case     ? 
_refine.pdbx_R_Free_selection_details            RANDOM 
_refine.pdbx_overall_ESU_R                       0.059 
_refine.pdbx_overall_ESU_R_Free                  0.057 
_refine.overall_SU_ML                            0.031 
_refine.overall_SU_B                             0.793 
_refine.ls_redundancy_reflns_obs                 ? 
_refine.B_iso_min                                ? 
_refine.B_iso_max                                ? 
_refine.overall_SU_R_Cruickshank_DPI             ? 
_refine.overall_SU_R_free                        ? 
_refine.pdbx_refine_id                           'X-RAY DIFFRACTION' 
_refine.pdbx_diffrn_id                           1 
_refine.pdbx_TLS_residual_ADP_flag               ? 
_refine.pdbx_overall_phase_error                 ? 
_refine.pdbx_overall_SU_R_free_Cruickshank_DPI   ? 
_refine.pdbx_overall_SU_R_Blow_DPI               ? 
_refine.pdbx_overall_SU_R_free_Blow_DPI          ? 
# 
_refine_analyze.entry_id                        1L7L 
_refine_analyze.Luzzati_coordinate_error_obs    .17 
_refine_analyze.Luzzati_sigma_a_obs             -.04 
_refine_analyze.Luzzati_d_res_low_obs           5.00 
_refine_analyze.Luzzati_coordinate_error_free   .18 
_refine_analyze.Luzzati_sigma_a_free            .06 
_refine_analyze.Luzzati_d_res_low_free          ? 
_refine_analyze.number_disordered_residues      ? 
_refine_analyze.occupancy_sum_hydrogen          ? 
_refine_analyze.occupancy_sum_non_hydrogen      ? 
_refine_analyze.pdbx_Luzzati_d_res_high_obs     ? 
_refine_analyze.pdbx_refine_id                  'X-RAY DIFFRACTION' 
# 
_refine_hist.pdbx_refine_id                   'X-RAY DIFFRACTION' 
_refine_hist.cycle_id                         LAST 
_refine_hist.pdbx_number_atoms_protein        897 
_refine_hist.pdbx_number_atoms_nucleic_acid   0 
_refine_hist.pdbx_number_atoms_ligand         1 
_refine_hist.number_atoms_solvent             107 
_refine_hist.number_atoms_total               1005 
_refine_hist.d_res_high                       1.50 
_refine_hist.d_res_low                        14.60 
# 
loop_
_refine_ls_restr.type 
_refine_ls_restr.dev_ideal 
_refine_ls_restr.dev_ideal_target 
_refine_ls_restr.weight 
_refine_ls_restr.number 
_refine_ls_restr.pdbx_refine_id 
_refine_ls_restr.pdbx_restraint_function 
r_bond_refined_d         0.011 0.021 ? 920  'X-RAY DIFFRACTION' ? 
r_bond_other_d           0.002 0.020 ? 788  'X-RAY DIFFRACTION' ? 
r_angle_refined_deg      1.301 1.916 ? 1257 'X-RAY DIFFRACTION' ? 
r_angle_other_deg        0.722 3.000 ? 1840 'X-RAY DIFFRACTION' ? 
r_dihedral_angle_1_deg   5.971 5.000 ? 120  'X-RAY DIFFRACTION' ? 
r_dihedral_angle_2_deg   ?     ?     ? ?    'X-RAY DIFFRACTION' ? 
r_chiral_restr           0.082 0.200 ? 135  'X-RAY DIFFRACTION' ? 
r_gen_planes_refined     0.006 0.020 ? 1066 'X-RAY DIFFRACTION' ? 
r_gen_planes_other       0.004 0.020 ? 176  'X-RAY DIFFRACTION' ? 
r_nbd_refined            0.200 0.200 ? 145  'X-RAY DIFFRACTION' ? 
r_nbd_other              0.252 0.200 ? 874  'X-RAY DIFFRACTION' ? 
r_nbtor_other            0.083 0.200 ? 514  'X-RAY DIFFRACTION' ? 
r_xyhbond_nbd_refined    0.092 0.200 ? 58   'X-RAY DIFFRACTION' ? 
r_metal_ion_refined      0.062 0.200 ? 3    'X-RAY DIFFRACTION' ? 
r_xyhbond_nbd_other      ?     ?     ? ?    'X-RAY DIFFRACTION' ? 
r_symmetry_vdw_refined   0.152 0.200 ? 5    'X-RAY DIFFRACTION' ? 
r_symmetry_vdw_other     0.327 0.200 ? 33   'X-RAY DIFFRACTION' ? 
r_symmetry_hbond_refined 0.129 0.200 ? 8    'X-RAY DIFFRACTION' ? 
r_symmetry_hbond_other   ?     ?     ? ?    'X-RAY DIFFRACTION' ? 
r_mcbond_it              0.737 1.500 ? 594  'X-RAY DIFFRACTION' ? 
r_mcangle_it             1.316 2.000 ? 950  'X-RAY DIFFRACTION' ? 
r_scbond_it              2.169 3.000 ? 326  'X-RAY DIFFRACTION' ? 
r_scangle_it             3.352 4.500 ? 307  'X-RAY DIFFRACTION' ? 
r_rigid_bond_restr       ?     ?     ? ?    'X-RAY DIFFRACTION' ? 
r_sphericity_free        ?     ?     ? ?    'X-RAY DIFFRACTION' ? 
r_sphericity_bonded      ?     ?     ? ?    'X-RAY DIFFRACTION' ? 
# 
_refine_ls_shell.pdbx_total_number_of_bins_used   20 
_refine_ls_shell.d_res_high                       1.500 
_refine_ls_shell.d_res_low                        1.539 
_refine_ls_shell.number_reflns_R_work             2025 
_refine_ls_shell.R_factor_R_work                  0.184 
_refine_ls_shell.percent_reflns_obs               ? 
_refine_ls_shell.R_factor_R_free                  0.207 
_refine_ls_shell.R_factor_R_free_error            ? 
_refine_ls_shell.percent_reflns_R_free            ? 
_refine_ls_shell.number_reflns_R_free             124 
_refine_ls_shell.redundancy_reflns_obs            ? 
_refine_ls_shell.number_reflns_all                ? 
_refine_ls_shell.number_reflns_obs                ? 
_refine_ls_shell.pdbx_refine_id                   'X-RAY DIFFRACTION' 
_refine_ls_shell.R_factor_all                     ? 
# 
loop_
_pdbx_xplor_file.serial_no 
_pdbx_xplor_file.param_file 
_pdbx_xplor_file.topol_file 
_pdbx_xplor_file.pdbx_refine_id 
1 PROTEIN_REP.PARAM PROTEIN.TOP 'X-RAY DIFFRACTION' 
2 WATER_REP.PARAM   WATER.TOP   'X-RAY DIFFRACTION' 
3 ION.PARAM         ION.TOP     'X-RAY DIFFRACTION' 
# 
_struct.entry_id                  1L7L 
_struct.title                     
'Crystal structure of Pseudomonas aeruginosa lectin 1 determined by single wavelength anomalous scattering phasing method' 
_struct.pdbx_model_details        ? 
_struct.pdbx_CASP_flag            ? 
_struct.pdbx_model_type_details   ? 
# 
_struct_keywords.entry_id        1L7L 
_struct_keywords.pdbx_keywords   'SUGAR BINDING PROTEIN' 
_struct_keywords.text            
;Pseudomonas aeruginosa, lectin, agglutinin, single wavelength anomalous scattering phasing, Structural Genomics, PSI, Protein Structure Initiative, Southeast Collaboratory for Structural Genomics, SECSG, SUGAR BINDING PROTEIN
;
# 
loop_
_struct_asym.id 
_struct_asym.pdbx_blank_PDB_chainid_flag 
_struct_asym.pdbx_modified 
_struct_asym.entity_id 
_struct_asym.details 
A N N 1 ? 
B N N 2 ? 
C N N 3 ? 
# 
_struct_ref.id                         1 
_struct_ref.db_name                    UNP 
_struct_ref.db_code                    PA1L_PSEAE 
_struct_ref.entity_id                  1 
_struct_ref.pdbx_seq_one_letter_code   
;AWKGEVLANNEAGQVTSIIYNPGDVITIVAAGWASYGPTQKWGPQGDREHPDQGLICHDAFCGALVMKIGNSGTIPVNTG
LFRWVAPNNVQGAITLIYNDVPGTYGNNSGSFSVNIGKDQS
;
_struct_ref.pdbx_align_begin           1 
_struct_ref.pdbx_db_accession          Q05097 
_struct_ref.pdbx_db_isoform            ? 
# 
_struct_ref_seq.align_id                      1 
_struct_ref_seq.ref_id                        1 
_struct_ref_seq.pdbx_PDB_id_code              1L7L 
_struct_ref_seq.pdbx_strand_id                A 
_struct_ref_seq.seq_align_beg                 1 
_struct_ref_seq.pdbx_seq_align_beg_ins_code   ? 
_struct_ref_seq.seq_align_end                 121 
_struct_ref_seq.pdbx_seq_align_end_ins_code   ? 
_struct_ref_seq.pdbx_db_accession             Q05097 
_struct_ref_seq.db_align_beg                  1 
_struct_ref_seq.pdbx_db_align_beg_ins_code    ? 
_struct_ref_seq.db_align_end                  121 
_struct_ref_seq.pdbx_db_align_end_ins_code    ? 
_struct_ref_seq.pdbx_auth_seq_align_beg       1 
_struct_ref_seq.pdbx_auth_seq_align_end       121 
# 
_pdbx_struct_assembly.id                   1 
_pdbx_struct_assembly.details              author_defined_assembly 
_pdbx_struct_assembly.method_details       ? 
_pdbx_struct_assembly.oligomeric_details   tetrameric 
_pdbx_struct_assembly.oligomeric_count     4 
# 
_pdbx_struct_assembly_gen.assembly_id       1 
_pdbx_struct_assembly_gen.oper_expression   1,2,3,4 
_pdbx_struct_assembly_gen.asym_id_list      A,B,C 
# 
loop_
_pdbx_struct_oper_list.id 
_pdbx_struct_oper_list.type 
_pdbx_struct_oper_list.name 
_pdbx_struct_oper_list.symmetry_operation 
_pdbx_struct_oper_list.matrix[1][1] 
_pdbx_struct_oper_list.matrix[1][2] 
_pdbx_struct_oper_list.matrix[1][3] 
_pdbx_struct_oper_list.vector[1] 
_pdbx_struct_oper_list.matrix[2][1] 
_pdbx_struct_oper_list.matrix[2][2] 
_pdbx_struct_oper_list.matrix[2][3] 
_pdbx_struct_oper_list.vector[2] 
_pdbx_struct_oper_list.matrix[3][1] 
_pdbx_struct_oper_list.matrix[3][2] 
_pdbx_struct_oper_list.matrix[3][3] 
_pdbx_struct_oper_list.vector[3] 
1 'identity operation'         1_555 x,y,z     1.0000000000  0.0000000000  0.0000000000  0.0000000000   0.0000000000  1.0000000000  0.0000000000  0.0000000000  0.0000000000  0.0000000000  1.0000000000  0.0000000000  
2 'crystal symmetry operation' 2_565 -x,-y+1,z -0.8527176193 -0.4881467493 -0.1859715379 -22.0356839256 -0.4881467493 0.6178937882  0.6163765227  -5.4802941201 -0.1859715379 0.6163765227  -0.7651761689 -3.0664919778 
3 'crystal symmetry operation' 3_555 -x,y,-z   0.8171533045  0.3847434975  0.4292236226  -11.3504783590 0.3847434975  -0.9185387614 0.0908789574  35.7392144195 0.4292236226  0.0908789574  -0.8986145430 16.0175920981 
4 'crystal symmetry operation' 4_565 x,-y+1,-z -0.9644356852 0.1034032518  -0.2432520847 -32.7817286171 0.1034032518  -0.6993550267 -0.7072554801 32.0163112966 -0.2432520847 -0.7072554801 0.6637907119  8.8169068894 
# 
_struct_biol.id                    1 
_struct_biol.details               
;The active tetramer is generated by applying the following transformations to deposited coordinates: 
-x,1-y,z; 
-x,y,-z; 
x,1-y,-z
;
_struct_biol.pdbx_parent_biol_id   ? 
# 
_struct_conf.conf_type_id            HELX_P 
_struct_conf.id                      HELX_P1 
_struct_conf.pdbx_PDB_helix_id       1 
_struct_conf.beg_label_comp_id       THR 
_struct_conf.beg_label_asym_id       A 
_struct_conf.beg_label_seq_id        104 
_struct_conf.pdbx_beg_PDB_ins_code   ? 
_struct_conf.end_label_comp_id       ASN 
_struct_conf.end_label_asym_id       A 
_struct_conf.end_label_seq_id        108 
_struct_conf.pdbx_end_PDB_ins_code   ? 
_struct_conf.beg_auth_comp_id        THR 
_struct_conf.beg_auth_asym_id        A 
_struct_conf.beg_auth_seq_id         104 
_struct_conf.end_auth_comp_id        ASN 
_struct_conf.end_auth_asym_id        A 
_struct_conf.end_auth_seq_id         108 
_struct_conf.pdbx_PDB_helix_class    5 
_struct_conf.details                 ? 
_struct_conf.pdbx_PDB_helix_length   5 
# 
_struct_conf_type.id          HELX_P 
_struct_conf_type.criteria    ? 
_struct_conf_type.reference   ? 
# 
loop_
_struct_conn.id 
_struct_conn.conn_type_id 
_struct_conn.pdbx_leaving_atom_flag 
_struct_conn.pdbx_PDB_id 
_struct_conn.ptnr1_label_asym_id 
_struct_conn.ptnr1_label_comp_id 
_struct_conn.ptnr1_label_seq_id 
_struct_conn.ptnr1_label_atom_id 
_struct_conn.pdbx_ptnr1_label_alt_id 
_struct_conn.pdbx_ptnr1_PDB_ins_code 
_struct_conn.pdbx_ptnr1_standard_comp_id 
_struct_conn.ptnr1_symmetry 
_struct_conn.ptnr2_label_asym_id 
_struct_conn.ptnr2_label_comp_id 
_struct_conn.ptnr2_label_seq_id 
_struct_conn.ptnr2_label_atom_id 
_struct_conn.pdbx_ptnr2_label_alt_id 
_struct_conn.pdbx_ptnr2_PDB_ins_code 
_struct_conn.ptnr1_auth_asym_id 
_struct_conn.ptnr1_auth_comp_id 
_struct_conn.ptnr1_auth_seq_id 
_struct_conn.ptnr2_auth_asym_id 
_struct_conn.ptnr2_auth_comp_id 
_struct_conn.ptnr2_auth_seq_id 
_struct_conn.ptnr2_symmetry 
_struct_conn.pdbx_ptnr3_label_atom_id 
_struct_conn.pdbx_ptnr3_label_seq_id 
_struct_conn.pdbx_ptnr3_label_comp_id 
_struct_conn.pdbx_ptnr3_label_asym_id 
_struct_conn.pdbx_ptnr3_label_alt_id 
_struct_conn.pdbx_ptnr3_PDB_ins_code 
_struct_conn.details 
_struct_conn.pdbx_dist_value 
_struct_conn.pdbx_value_order 
_struct_conn.pdbx_role 
metalc1 metalc ? ? A TYR 36  O   ? ? ? 1_555 B CA . CA ? ? A TYR 36  A CA 201 1_555 ? ? ? ? ? ? ? 2.412 ? ? 
metalc2 metalc ? ? A ASP 100 OD2 ? ? ? 1_555 B CA . CA ? ? A ASP 100 A CA 201 1_555 ? ? ? ? ? ? ? 2.483 ? ? 
metalc3 metalc ? ? A THR 104 O   ? ? ? 1_555 B CA . CA ? ? A THR 104 A CA 201 1_555 ? ? ? ? ? ? ? 2.315 ? ? 
metalc4 metalc ? ? A ASN 107 OD1 ? ? ? 1_555 B CA . CA ? ? A ASN 107 A CA 201 1_555 ? ? ? ? ? ? ? 2.489 ? ? 
metalc5 metalc ? ? A ASN 108 OD1 ? ? ? 1_555 B CA . CA ? ? A ASN 108 A CA 201 1_555 ? ? ? ? ? ? ? 2.387 ? ? 
# 
_struct_conn_type.id          metalc 
_struct_conn_type.criteria    ? 
_struct_conn_type.reference   ? 
# 
loop_
_pdbx_struct_conn_angle.id 
_pdbx_struct_conn_angle.ptnr1_label_atom_id 
_pdbx_struct_conn_angle.ptnr1_label_alt_id 
_pdbx_struct_conn_angle.ptnr1_label_asym_id 
_pdbx_struct_conn_angle.ptnr1_label_comp_id 
_pdbx_struct_conn_angle.ptnr1_label_seq_id 
_pdbx_struct_conn_angle.ptnr1_auth_atom_id 
_pdbx_struct_conn_angle.ptnr1_auth_asym_id 
_pdbx_struct_conn_angle.ptnr1_auth_comp_id 
_pdbx_struct_conn_angle.ptnr1_auth_seq_id 
_pdbx_struct_conn_angle.ptnr1_PDB_ins_code 
_pdbx_struct_conn_angle.ptnr1_symmetry 
_pdbx_struct_conn_angle.ptnr2_label_atom_id 
_pdbx_struct_conn_angle.ptnr2_label_alt_id 
_pdbx_struct_conn_angle.ptnr2_label_asym_id 
_pdbx_struct_conn_angle.ptnr2_label_comp_id 
_pdbx_struct_conn_angle.ptnr2_label_seq_id 
_pdbx_struct_conn_angle.ptnr2_auth_atom_id 
_pdbx_struct_conn_angle.ptnr2_auth_asym_id 
_pdbx_struct_conn_angle.ptnr2_auth_comp_id 
_pdbx_struct_conn_angle.ptnr2_auth_seq_id 
_pdbx_struct_conn_angle.ptnr2_PDB_ins_code 
_pdbx_struct_conn_angle.ptnr2_symmetry 
_pdbx_struct_conn_angle.ptnr3_label_atom_id 
_pdbx_struct_conn_angle.ptnr3_label_alt_id 
_pdbx_struct_conn_angle.ptnr3_label_asym_id 
_pdbx_struct_conn_angle.ptnr3_label_comp_id 
_pdbx_struct_conn_angle.ptnr3_label_seq_id 
_pdbx_struct_conn_angle.ptnr3_auth_atom_id 
_pdbx_struct_conn_angle.ptnr3_auth_asym_id 
_pdbx_struct_conn_angle.ptnr3_auth_comp_id 
_pdbx_struct_conn_angle.ptnr3_auth_seq_id 
_pdbx_struct_conn_angle.ptnr3_PDB_ins_code 
_pdbx_struct_conn_angle.ptnr3_symmetry 
_pdbx_struct_conn_angle.value 
_pdbx_struct_conn_angle.value_esd 
1  O   ? A TYR 36  ? A TYR 36  ? 1_555 CA ? B CA . ? A CA 201 ? 1_555 OD2 ? A ASP 100 ? A ASP 100 ? 1_555 108.0 ? 
2  O   ? A TYR 36  ? A TYR 36  ? 1_555 CA ? B CA . ? A CA 201 ? 1_555 O   ? A THR 104 ? A THR 104 ? 1_555 157.7 ? 
3  OD2 ? A ASP 100 ? A ASP 100 ? 1_555 CA ? B CA . ? A CA 201 ? 1_555 O   ? A THR 104 ? A THR 104 ? 1_555 90.0  ? 
4  O   ? A TYR 36  ? A TYR 36  ? 1_555 CA ? B CA . ? A CA 201 ? 1_555 OD1 ? A ASN 107 ? A ASN 107 ? 1_555 81.4  ? 
5  OD2 ? A ASP 100 ? A ASP 100 ? 1_555 CA ? B CA . ? A CA 201 ? 1_555 OD1 ? A ASN 107 ? A ASN 107 ? 1_555 149.3 ? 
6  O   ? A THR 104 ? A THR 104 ? 1_555 CA ? B CA . ? A CA 201 ? 1_555 OD1 ? A ASN 107 ? A ASN 107 ? 1_555 76.5  ? 
7  O   ? A TYR 36  ? A TYR 36  ? 1_555 CA ? B CA . ? A CA 201 ? 1_555 OD1 ? A ASN 108 ? A ASN 108 ? 1_555 78.1  ? 
8  OD2 ? A ASP 100 ? A ASP 100 ? 1_555 CA ? B CA . ? A CA 201 ? 1_555 OD1 ? A ASN 108 ? A ASN 108 ? 1_555 76.0  ? 
9  O   ? A THR 104 ? A THR 104 ? 1_555 CA ? B CA . ? A CA 201 ? 1_555 OD1 ? A ASN 108 ? A ASN 108 ? 1_555 94.2  ? 
10 OD1 ? A ASN 107 ? A ASN 107 ? 1_555 CA ? B CA . ? A CA 201 ? 1_555 OD1 ? A ASN 108 ? A ASN 108 ? 1_555 77.7  ? 
# 
loop_
_struct_sheet.id 
_struct_sheet.type 
_struct_sheet.number_strands 
_struct_sheet.details 
A ? 4 ? 
B ? 4 ? 
# 
loop_
_struct_sheet_order.sheet_id 
_struct_sheet_order.range_id_1 
_struct_sheet_order.range_id_2 
_struct_sheet_order.offset 
_struct_sheet_order.sense 
A 1 2 ? anti-parallel 
A 2 3 ? anti-parallel 
A 3 4 ? anti-parallel 
B 1 2 ? anti-parallel 
B 2 3 ? anti-parallel 
B 3 4 ? anti-parallel 
# 
loop_
_struct_sheet_range.sheet_id 
_struct_sheet_range.id 
_struct_sheet_range.beg_label_comp_id 
_struct_sheet_range.beg_label_asym_id 
_struct_sheet_range.beg_label_seq_id 
_struct_sheet_range.pdbx_beg_PDB_ins_code 
_struct_sheet_range.end_label_comp_id 
_struct_sheet_range.end_label_asym_id 
_struct_sheet_range.end_label_seq_id 
_struct_sheet_range.pdbx_end_PDB_ins_code 
_struct_sheet_range.beg_auth_comp_id 
_struct_sheet_range.beg_auth_asym_id 
_struct_sheet_range.beg_auth_seq_id 
_struct_sheet_range.end_auth_comp_id 
_struct_sheet_range.end_auth_asym_id 
_struct_sheet_range.end_auth_seq_id 
A 1 TRP A 2   ? LEU A 7   ? TRP A 2   LEU A 7   
A 2 SER A 109 ? LYS A 118 ? SER A 109 LYS A 118 
A 3 ILE A 26  ? SER A 35  ? ILE A 26  SER A 35  
A 4 GLY A 80  ? TRP A 84  ? GLY A 80  TRP A 84  
B 1 GLN A 14  ? TYR A 20  ? GLN A 14  TYR A 20  
B 2 GLY A 92  ? TYR A 98  ? GLY A 92  TYR A 98  
B 3 LEU A 65  ? ILE A 69  ? LEU A 65  ILE A 69  
B 4 ILE A 75  ? PRO A 76  ? ILE A 75  PRO A 76  
# 
loop_
_pdbx_struct_sheet_hbond.sheet_id 
_pdbx_struct_sheet_hbond.range_id_1 
_pdbx_struct_sheet_hbond.range_id_2 
_pdbx_struct_sheet_hbond.range_1_label_atom_id 
_pdbx_struct_sheet_hbond.range_1_label_comp_id 
_pdbx_struct_sheet_hbond.range_1_label_asym_id 
_pdbx_struct_sheet_hbond.range_1_label_seq_id 
_pdbx_struct_sheet_hbond.range_1_PDB_ins_code 
_pdbx_struct_sheet_hbond.range_1_auth_atom_id 
_pdbx_struct_sheet_hbond.range_1_auth_comp_id 
_pdbx_struct_sheet_hbond.range_1_auth_asym_id 
_pdbx_struct_sheet_hbond.range_1_auth_seq_id 
_pdbx_struct_sheet_hbond.range_2_label_atom_id 
_pdbx_struct_sheet_hbond.range_2_label_comp_id 
_pdbx_struct_sheet_hbond.range_2_label_asym_id 
_pdbx_struct_sheet_hbond.range_2_label_seq_id 
_pdbx_struct_sheet_hbond.range_2_PDB_ins_code 
_pdbx_struct_sheet_hbond.range_2_auth_atom_id 
_pdbx_struct_sheet_hbond.range_2_auth_comp_id 
_pdbx_struct_sheet_hbond.range_2_auth_asym_id 
_pdbx_struct_sheet_hbond.range_2_auth_seq_id 
A 1 2 N TRP A 2   ? N TRP A 2   O ILE A 116 ? O ILE A 116 
A 2 3 O SER A 109 ? O SER A 109 N SER A 35  ? N SER A 35  
A 3 4 N ILE A 26  ? N ILE A 26  O TRP A 84  ? O TRP A 84  
B 1 2 N GLN A 14  ? N GLN A 14  O LEU A 96  ? O LEU A 96  
B 2 3 O ILE A 97  ? O ILE A 97  N VAL A 66  ? N VAL A 66  
B 3 4 N MET A 67  ? N MET A 67  O ILE A 75  ? O ILE A 75  
# 
_struct_site.id                   AC1 
_struct_site.pdbx_evidence_code   Software 
_struct_site.pdbx_auth_asym_id    A 
_struct_site.pdbx_auth_comp_id    CA 
_struct_site.pdbx_auth_seq_id     201 
_struct_site.pdbx_auth_ins_code   ? 
_struct_site.pdbx_num_residues    5 
_struct_site.details              'BINDING SITE FOR RESIDUE CA A 201' 
# 
loop_
_struct_site_gen.id 
_struct_site_gen.site_id 
_struct_site_gen.pdbx_num_res 
_struct_site_gen.label_comp_id 
_struct_site_gen.label_asym_id 
_struct_site_gen.label_seq_id 
_struct_site_gen.pdbx_auth_ins_code 
_struct_site_gen.auth_comp_id 
_struct_site_gen.auth_asym_id 
_struct_site_gen.auth_seq_id 
_struct_site_gen.label_atom_id 
_struct_site_gen.label_alt_id 
_struct_site_gen.symmetry 
_struct_site_gen.details 
1 AC1 5 TYR A 36  ? TYR A 36  . ? 1_555 ? 
2 AC1 5 ASP A 100 ? ASP A 100 . ? 1_555 ? 
3 AC1 5 THR A 104 ? THR A 104 . ? 1_555 ? 
4 AC1 5 ASN A 107 ? ASN A 107 . ? 1_555 ? 
5 AC1 5 ASN A 108 ? ASN A 108 . ? 1_555 ? 
# 
_pdbx_validate_torsion.id              1 
_pdbx_validate_torsion.PDB_model_num   1 
_pdbx_validate_torsion.auth_comp_id    ASN 
_pdbx_validate_torsion.auth_asym_id    A 
_pdbx_validate_torsion.auth_seq_id     78 
_pdbx_validate_torsion.PDB_ins_code    ? 
_pdbx_validate_torsion.label_alt_id    ? 
_pdbx_validate_torsion.phi             57.01 
_pdbx_validate_torsion.psi             -133.34 
# 
_pdbx_SG_project.id                    1 
_pdbx_SG_project.project_name          'PSI, Protein Structure Initiative' 
_pdbx_SG_project.full_name_of_center   'Southeast Collaboratory for Structural Genomics' 
_pdbx_SG_project.initial_of_center     SECSG 
# 
loop_
_chem_comp_atom.comp_id 
_chem_comp_atom.atom_id 
_chem_comp_atom.type_symbol 
_chem_comp_atom.pdbx_aromatic_flag 
_chem_comp_atom.pdbx_stereo_config 
_chem_comp_atom.pdbx_ordinal 
ALA N    N  N N 1   
ALA CA   C  N S 2   
ALA C    C  N N 3   
ALA O    O  N N 4   
ALA CB   C  N N 5   
ALA OXT  O  N N 6   
ALA H    H  N N 7   
ALA H2   H  N N 8   
ALA HA   H  N N 9   
ALA HB1  H  N N 10  
ALA HB2  H  N N 11  
ALA HB3  H  N N 12  
ALA HXT  H  N N 13  
ARG N    N  N N 14  
ARG CA   C  N S 15  
ARG C    C  N N 16  
ARG O    O  N N 17  
ARG CB   C  N N 18  
ARG CG   C  N N 19  
ARG CD   C  N N 20  
ARG NE   N  N N 21  
ARG CZ   C  N N 22  
ARG NH1  N  N N 23  
ARG NH2  N  N N 24  
ARG OXT  O  N N 25  
ARG H    H  N N 26  
ARG H2   H  N N 27  
ARG HA   H  N N 28  
ARG HB2  H  N N 29  
ARG HB3  H  N N 30  
ARG HG2  H  N N 31  
ARG HG3  H  N N 32  
ARG HD2  H  N N 33  
ARG HD3  H  N N 34  
ARG HE   H  N N 35  
ARG HH11 H  N N 36  
ARG HH12 H  N N 37  
ARG HH21 H  N N 38  
ARG HH22 H  N N 39  
ARG HXT  H  N N 40  
ASN N    N  N N 41  
ASN CA   C  N S 42  
ASN C    C  N N 43  
ASN O    O  N N 44  
ASN CB   C  N N 45  
ASN CG   C  N N 46  
ASN OD1  O  N N 47  
ASN ND2  N  N N 48  
ASN OXT  O  N N 49  
ASN H    H  N N 50  
ASN H2   H  N N 51  
ASN HA   H  N N 52  
ASN HB2  H  N N 53  
ASN HB3  H  N N 54  
ASN HD21 H  N N 55  
ASN HD22 H  N N 56  
ASN HXT  H  N N 57  
ASP N    N  N N 58  
ASP CA   C  N S 59  
ASP C    C  N N 60  
ASP O    O  N N 61  
ASP CB   C  N N 62  
ASP CG   C  N N 63  
ASP OD1  O  N N 64  
ASP OD2  O  N N 65  
ASP OXT  O  N N 66  
ASP H    H  N N 67  
ASP H2   H  N N 68  
ASP HA   H  N N 69  
ASP HB2  H  N N 70  
ASP HB3  H  N N 71  
ASP HD2  H  N N 72  
ASP HXT  H  N N 73  
CA  CA   CA N N 74  
CYS N    N  N N 75  
CYS CA   C  N R 76  
CYS C    C  N N 77  
CYS O    O  N N 78  
CYS CB   C  N N 79  
CYS SG   S  N N 80  
CYS OXT  O  N N 81  
CYS H    H  N N 82  
CYS H2   H  N N 83  
CYS HA   H  N N 84  
CYS HB2  H  N N 85  
CYS HB3  H  N N 86  
CYS HG   H  N N 87  
CYS HXT  H  N N 88  
GLN N    N  N N 89  
GLN CA   C  N S 90  
GLN C    C  N N 91  
GLN O    O  N N 92  
GLN CB   C  N N 93  
GLN CG   C  N N 94  
GLN CD   C  N N 95  
GLN OE1  O  N N 96  
GLN NE2  N  N N 97  
GLN OXT  O  N N 98  
GLN H    H  N N 99  
GLN H2   H  N N 100 
GLN HA   H  N N 101 
GLN HB2  H  N N 102 
GLN HB3  H  N N 103 
GLN HG2  H  N N 104 
GLN HG3  H  N N 105 
GLN HE21 H  N N 106 
GLN HE22 H  N N 107 
GLN HXT  H  N N 108 
GLU N    N  N N 109 
GLU CA   C  N S 110 
GLU C    C  N N 111 
GLU O    O  N N 112 
GLU CB   C  N N 113 
GLU CG   C  N N 114 
GLU CD   C  N N 115 
GLU OE1  O  N N 116 
GLU OE2  O  N N 117 
GLU OXT  O  N N 118 
GLU H    H  N N 119 
GLU H2   H  N N 120 
GLU HA   H  N N 121 
GLU HB2  H  N N 122 
GLU HB3  H  N N 123 
GLU HG2  H  N N 124 
GLU HG3  H  N N 125 
GLU HE2  H  N N 126 
GLU HXT  H  N N 127 
GLY N    N  N N 128 
GLY CA   C  N N 129 
GLY C    C  N N 130 
GLY O    O  N N 131 
GLY OXT  O  N N 132 
GLY H    H  N N 133 
GLY H2   H  N N 134 
GLY HA2  H  N N 135 
GLY HA3  H  N N 136 
GLY HXT  H  N N 137 
HIS N    N  N N 138 
HIS CA   C  N S 139 
HIS C    C  N N 140 
HIS O    O  N N 141 
HIS CB   C  N N 142 
HIS CG   C  Y N 143 
HIS ND1  N  Y N 144 
HIS CD2  C  Y N 145 
HIS CE1  C  Y N 146 
HIS NE2  N  Y N 147 
HIS OXT  O  N N 148 
HIS H    H  N N 149 
HIS H2   H  N N 150 
HIS HA   H  N N 151 
HIS HB2  H  N N 152 
HIS HB3  H  N N 153 
HIS HD1  H  N N 154 
HIS HD2  H  N N 155 
HIS HE1  H  N N 156 
HIS HE2  H  N N 157 
HIS HXT  H  N N 158 
HOH O    O  N N 159 
HOH H1   H  N N 160 
HOH H2   H  N N 161 
ILE N    N  N N 162 
ILE CA   C  N S 163 
ILE C    C  N N 164 
ILE O    O  N N 165 
ILE CB   C  N S 166 
ILE CG1  C  N N 167 
ILE CG2  C  N N 168 
ILE CD1  C  N N 169 
ILE OXT  O  N N 170 
ILE H    H  N N 171 
ILE H2   H  N N 172 
ILE HA   H  N N 173 
ILE HB   H  N N 174 
ILE HG12 H  N N 175 
ILE HG13 H  N N 176 
ILE HG21 H  N N 177 
ILE HG22 H  N N 178 
ILE HG23 H  N N 179 
ILE HD11 H  N N 180 
ILE HD12 H  N N 181 
ILE HD13 H  N N 182 
ILE HXT  H  N N 183 
LEU N    N  N N 184 
LEU CA   C  N S 185 
LEU C    C  N N 186 
LEU O    O  N N 187 
LEU CB   C  N N 188 
LEU CG   C  N N 189 
LEU CD1  C  N N 190 
LEU CD2  C  N N 191 
LEU OXT  O  N N 192 
LEU H    H  N N 193 
LEU H2   H  N N 194 
LEU HA   H  N N 195 
LEU HB2  H  N N 196 
LEU HB3  H  N N 197 
LEU HG   H  N N 198 
LEU HD11 H  N N 199 
LEU HD12 H  N N 200 
LEU HD13 H  N N 201 
LEU HD21 H  N N 202 
LEU HD22 H  N N 203 
LEU HD23 H  N N 204 
LEU HXT  H  N N 205 
LYS N    N  N N 206 
LYS CA   C  N S 207 
LYS C    C  N N 208 
LYS O    O  N N 209 
LYS CB   C  N N 210 
LYS CG   C  N N 211 
LYS CD   C  N N 212 
LYS CE   C  N N 213 
LYS NZ   N  N N 214 
LYS OXT  O  N N 215 
LYS H    H  N N 216 
LYS H2   H  N N 217 
LYS HA   H  N N 218 
LYS HB2  H  N N 219 
LYS HB3  H  N N 220 
LYS HG2  H  N N 221 
LYS HG3  H  N N 222 
LYS HD2  H  N N 223 
LYS HD3  H  N N 224 
LYS HE2  H  N N 225 
LYS HE3  H  N N 226 
LYS HZ1  H  N N 227 
LYS HZ2  H  N N 228 
LYS HZ3  H  N N 229 
LYS HXT  H  N N 230 
MET N    N  N N 231 
MET CA   C  N S 232 
MET C    C  N N 233 
MET O    O  N N 234 
MET CB   C  N N 235 
MET CG   C  N N 236 
MET SD   S  N N 237 
MET CE   C  N N 238 
MET OXT  O  N N 239 
MET H    H  N N 240 
MET H2   H  N N 241 
MET HA   H  N N 242 
MET HB2  H  N N 243 
MET HB3  H  N N 244 
MET HG2  H  N N 245 
MET HG3  H  N N 246 
MET HE1  H  N N 247 
MET HE2  H  N N 248 
MET HE3  H  N N 249 
MET HXT  H  N N 250 
PHE N    N  N N 251 
PHE CA   C  N S 252 
PHE C    C  N N 253 
PHE O    O  N N 254 
PHE CB   C  N N 255 
PHE CG   C  Y N 256 
PHE CD1  C  Y N 257 
PHE CD2  C  Y N 258 
PHE CE1  C  Y N 259 
PHE CE2  C  Y N 260 
PHE CZ   C  Y N 261 
PHE OXT  O  N N 262 
PHE H    H  N N 263 
PHE H2   H  N N 264 
PHE HA   H  N N 265 
PHE HB2  H  N N 266 
PHE HB3  H  N N 267 
PHE HD1  H  N N 268 
PHE HD2  H  N N 269 
PHE HE1  H  N N 270 
PHE HE2  H  N N 271 
PHE HZ   H  N N 272 
PHE HXT  H  N N 273 
PRO N    N  N N 274 
PRO CA   C  N S 275 
PRO C    C  N N 276 
PRO O    O  N N 277 
PRO CB   C  N N 278 
PRO CG   C  N N 279 
PRO CD   C  N N 280 
PRO OXT  O  N N 281 
PRO H    H  N N 282 
PRO HA   H  N N 283 
PRO HB2  H  N N 284 
PRO HB3  H  N N 285 
PRO HG2  H  N N 286 
PRO HG3  H  N N 287 
PRO HD2  H  N N 288 
PRO HD3  H  N N 289 
PRO HXT  H  N N 290 
SER N    N  N N 291 
SER CA   C  N S 292 
SER C    C  N N 293 
SER O    O  N N 294 
SER CB   C  N N 295 
SER OG   O  N N 296 
SER OXT  O  N N 297 
SER H    H  N N 298 
SER H2   H  N N 299 
SER HA   H  N N 300 
SER HB2  H  N N 301 
SER HB3  H  N N 302 
SER HG   H  N N 303 
SER HXT  H  N N 304 
THR N    N  N N 305 
THR CA   C  N S 306 
THR C    C  N N 307 
THR O    O  N N 308 
THR CB   C  N R 309 
THR OG1  O  N N 310 
THR CG2  C  N N 311 
THR OXT  O  N N 312 
THR H    H  N N 313 
THR H2   H  N N 314 
THR HA   H  N N 315 
THR HB   H  N N 316 
THR HG1  H  N N 317 
THR HG21 H  N N 318 
THR HG22 H  N N 319 
THR HG23 H  N N 320 
THR HXT  H  N N 321 
TRP N    N  N N 322 
TRP CA   C  N S 323 
TRP C    C  N N 324 
TRP O    O  N N 325 
TRP CB   C  N N 326 
TRP CG   C  Y N 327 
TRP CD1  C  Y N 328 
TRP CD2  C  Y N 329 
TRP NE1  N  Y N 330 
TRP CE2  C  Y N 331 
TRP CE3  C  Y N 332 
TRP CZ2  C  Y N 333 
TRP CZ3  C  Y N 334 
TRP CH2  C  Y N 335 
TRP OXT  O  N N 336 
TRP H    H  N N 337 
TRP H2   H  N N 338 
TRP HA   H  N N 339 
TRP HB2  H  N N 340 
TRP HB3  H  N N 341 
TRP HD1  H  N N 342 
TRP HE1  H  N N 343 
TRP HE3  H  N N 344 
TRP HZ2  H  N N 345 
TRP HZ3  H  N N 346 
TRP HH2  H  N N 347 
TRP HXT  H  N N 348 
TYR N    N  N N 349 
TYR CA   C  N S 350 
TYR C    C  N N 351 
TYR O    O  N N 352 
TYR CB   C  N N 353 
TYR CG   C  Y N 354 
TYR CD1  C  Y N 355 
TYR CD2  C  Y N 356 
TYR CE1  C  Y N 357 
TYR CE2  C  Y N 358 
TYR CZ   C  Y N 359 
TYR OH   O  N N 360 
TYR OXT  O  N N 361 
TYR H    H  N N 362 
TYR H2   H  N N 363 
TYR HA   H  N N 364 
TYR HB2  H  N N 365 
TYR HB3  H  N N 366 
TYR HD1  H  N N 367 
TYR HD2  H  N N 368 
TYR HE1  H  N N 369 
TYR HE2  H  N N 370 
TYR HH   H  N N 371 
TYR HXT  H  N N 372 
VAL N    N  N N 373 
VAL CA   C  N S 374 
VAL C    C  N N 375 
VAL O    O  N N 376 
VAL CB   C  N N 377 
VAL CG1  C  N N 378 
VAL CG2  C  N N 379 
VAL OXT  O  N N 380 
VAL H    H  N N 381 
VAL H2   H  N N 382 
VAL HA   H  N N 383 
VAL HB   H  N N 384 
VAL HG11 H  N N 385 
VAL HG12 H  N N 386 
VAL HG13 H  N N 387 
VAL HG21 H  N N 388 
VAL HG22 H  N N 389 
VAL HG23 H  N N 390 
VAL HXT  H  N N 391 
# 
loop_
_chem_comp_bond.comp_id 
_chem_comp_bond.atom_id_1 
_chem_comp_bond.atom_id_2 
_chem_comp_bond.value_order 
_chem_comp_bond.pdbx_aromatic_flag 
_chem_comp_bond.pdbx_stereo_config 
_chem_comp_bond.pdbx_ordinal 
ALA N   CA   sing N N 1   
ALA N   H    sing N N 2   
ALA N   H2   sing N N 3   
ALA CA  C    sing N N 4   
ALA CA  CB   sing N N 5   
ALA CA  HA   sing N N 6   
ALA C   O    doub N N 7   
ALA C   OXT  sing N N 8   
ALA CB  HB1  sing N N 9   
ALA CB  HB2  sing N N 10  
ALA CB  HB3  sing N N 11  
ALA OXT HXT  sing N N 12  
ARG N   CA   sing N N 13  
ARG N   H    sing N N 14  
ARG N   H2   sing N N 15  
ARG CA  C    sing N N 16  
ARG CA  CB   sing N N 17  
ARG CA  HA   sing N N 18  
ARG C   O    doub N N 19  
ARG C   OXT  sing N N 20  
ARG CB  CG   sing N N 21  
ARG CB  HB2  sing N N 22  
ARG CB  HB3  sing N N 23  
ARG CG  CD   sing N N 24  
ARG CG  HG2  sing N N 25  
ARG CG  HG3  sing N N 26  
ARG CD  NE   sing N N 27  
ARG CD  HD2  sing N N 28  
ARG CD  HD3  sing N N 29  
ARG NE  CZ   sing N N 30  
ARG NE  HE   sing N N 31  
ARG CZ  NH1  sing N N 32  
ARG CZ  NH2  doub N N 33  
ARG NH1 HH11 sing N N 34  
ARG NH1 HH12 sing N N 35  
ARG NH2 HH21 sing N N 36  
ARG NH2 HH22 sing N N 37  
ARG OXT HXT  sing N N 38  
ASN N   CA   sing N N 39  
ASN N   H    sing N N 40  
ASN N   H2   sing N N 41  
ASN CA  C    sing N N 42  
ASN CA  CB   sing N N 43  
ASN CA  HA   sing N N 44  
ASN C   O    doub N N 45  
ASN C   OXT  sing N N 46  
ASN CB  CG   sing N N 47  
ASN CB  HB2  sing N N 48  
ASN CB  HB3  sing N N 49  
ASN CG  OD1  doub N N 50  
ASN CG  ND2  sing N N 51  
ASN ND2 HD21 sing N N 52  
ASN ND2 HD22 sing N N 53  
ASN OXT HXT  sing N N 54  
ASP N   CA   sing N N 55  
ASP N   H    sing N N 56  
ASP N   H2   sing N N 57  
ASP CA  C    sing N N 58  
ASP CA  CB   sing N N 59  
ASP CA  HA   sing N N 60  
ASP C   O    doub N N 61  
ASP C   OXT  sing N N 62  
ASP CB  CG   sing N N 63  
ASP CB  HB2  sing N N 64  
ASP CB  HB3  sing N N 65  
ASP CG  OD1  doub N N 66  
ASP CG  OD2  sing N N 67  
ASP OD2 HD2  sing N N 68  
ASP OXT HXT  sing N N 69  
CYS N   CA   sing N N 70  
CYS N   H    sing N N 71  
CYS N   H2   sing N N 72  
CYS CA  C    sing N N 73  
CYS CA  CB   sing N N 74  
CYS CA  HA   sing N N 75  
CYS C   O    doub N N 76  
CYS C   OXT  sing N N 77  
CYS CB  SG   sing N N 78  
CYS CB  HB2  sing N N 79  
CYS CB  HB3  sing N N 80  
CYS SG  HG   sing N N 81  
CYS OXT HXT  sing N N 82  
GLN N   CA   sing N N 83  
GLN N   H    sing N N 84  
GLN N   H2   sing N N 85  
GLN CA  C    sing N N 86  
GLN CA  CB   sing N N 87  
GLN CA  HA   sing N N 88  
GLN C   O    doub N N 89  
GLN C   OXT  sing N N 90  
GLN CB  CG   sing N N 91  
GLN CB  HB2  sing N N 92  
GLN CB  HB3  sing N N 93  
GLN CG  CD   sing N N 94  
GLN CG  HG2  sing N N 95  
GLN CG  HG3  sing N N 96  
GLN CD  OE1  doub N N 97  
GLN CD  NE2  sing N N 98  
GLN NE2 HE21 sing N N 99  
GLN NE2 HE22 sing N N 100 
GLN OXT HXT  sing N N 101 
GLU N   CA   sing N N 102 
GLU N   H    sing N N 103 
GLU N   H2   sing N N 104 
GLU CA  C    sing N N 105 
GLU CA  CB   sing N N 106 
GLU CA  HA   sing N N 107 
GLU C   O    doub N N 108 
GLU C   OXT  sing N N 109 
GLU CB  CG   sing N N 110 
GLU CB  HB2  sing N N 111 
GLU CB  HB3  sing N N 112 
GLU CG  CD   sing N N 113 
GLU CG  HG2  sing N N 114 
GLU CG  HG3  sing N N 115 
GLU CD  OE1  doub N N 116 
GLU CD  OE2  sing N N 117 
GLU OE2 HE2  sing N N 118 
GLU OXT HXT  sing N N 119 
GLY N   CA   sing N N 120 
GLY N   H    sing N N 121 
GLY N   H2   sing N N 122 
GLY CA  C    sing N N 123 
GLY CA  HA2  sing N N 124 
GLY CA  HA3  sing N N 125 
GLY C   O    doub N N 126 
GLY C   OXT  sing N N 127 
GLY OXT HXT  sing N N 128 
HIS N   CA   sing N N 129 
HIS N   H    sing N N 130 
HIS N   H2   sing N N 131 
HIS CA  C    sing N N 132 
HIS CA  CB   sing N N 133 
HIS CA  HA   sing N N 134 
HIS C   O    doub N N 135 
HIS C   OXT  sing N N 136 
HIS CB  CG   sing N N 137 
HIS CB  HB2  sing N N 138 
HIS CB  HB3  sing N N 139 
HIS CG  ND1  sing Y N 140 
HIS CG  CD2  doub Y N 141 
HIS ND1 CE1  doub Y N 142 
HIS ND1 HD1  sing N N 143 
HIS CD2 NE2  sing Y N 144 
HIS CD2 HD2  sing N N 145 
HIS CE1 NE2  sing Y N 146 
HIS CE1 HE1  sing N N 147 
HIS NE2 HE2  sing N N 148 
HIS OXT HXT  sing N N 149 
HOH O   H1   sing N N 150 
HOH O   H2   sing N N 151 
ILE N   CA   sing N N 152 
ILE N   H    sing N N 153 
ILE N   H2   sing N N 154 
ILE CA  C    sing N N 155 
ILE CA  CB   sing N N 156 
ILE CA  HA   sing N N 157 
ILE C   O    doub N N 158 
ILE C   OXT  sing N N 159 
ILE CB  CG1  sing N N 160 
ILE CB  CG2  sing N N 161 
ILE CB  HB   sing N N 162 
ILE CG1 CD1  sing N N 163 
ILE CG1 HG12 sing N N 164 
ILE CG1 HG13 sing N N 165 
ILE CG2 HG21 sing N N 166 
ILE CG2 HG22 sing N N 167 
ILE CG2 HG23 sing N N 168 
ILE CD1 HD11 sing N N 169 
ILE CD1 HD12 sing N N 170 
ILE CD1 HD13 sing N N 171 
ILE OXT HXT  sing N N 172 
LEU N   CA   sing N N 173 
LEU N   H    sing N N 174 
LEU N   H2   sing N N 175 
LEU CA  C    sing N N 176 
LEU CA  CB   sing N N 177 
LEU CA  HA   sing N N 178 
LEU C   O    doub N N 179 
LEU C   OXT  sing N N 180 
LEU CB  CG   sing N N 181 
LEU CB  HB2  sing N N 182 
LEU CB  HB3  sing N N 183 
LEU CG  CD1  sing N N 184 
LEU CG  CD2  sing N N 185 
LEU CG  HG   sing N N 186 
LEU CD1 HD11 sing N N 187 
LEU CD1 HD12 sing N N 188 
LEU CD1 HD13 sing N N 189 
LEU CD2 HD21 sing N N 190 
LEU CD2 HD22 sing N N 191 
LEU CD2 HD23 sing N N 192 
LEU OXT HXT  sing N N 193 
LYS N   CA   sing N N 194 
LYS N   H    sing N N 195 
LYS N   H2   sing N N 196 
LYS CA  C    sing N N 197 
LYS CA  CB   sing N N 198 
LYS CA  HA   sing N N 199 
LYS C   O    doub N N 200 
LYS C   OXT  sing N N 201 
LYS CB  CG   sing N N 202 
LYS CB  HB2  sing N N 203 
LYS CB  HB3  sing N N 204 
LYS CG  CD   sing N N 205 
LYS CG  HG2  sing N N 206 
LYS CG  HG3  sing N N 207 
LYS CD  CE   sing N N 208 
LYS CD  HD2  sing N N 209 
LYS CD  HD3  sing N N 210 
LYS CE  NZ   sing N N 211 
LYS CE  HE2  sing N N 212 
LYS CE  HE3  sing N N 213 
LYS NZ  HZ1  sing N N 214 
LYS NZ  HZ2  sing N N 215 
LYS NZ  HZ3  sing N N 216 
LYS OXT HXT  sing N N 217 
MET N   CA   sing N N 218 
MET N   H    sing N N 219 
MET N   H2   sing N N 220 
MET CA  C    sing N N 221 
MET CA  CB   sing N N 222 
MET CA  HA   sing N N 223 
MET C   O    doub N N 224 
MET C   OXT  sing N N 225 
MET CB  CG   sing N N 226 
MET CB  HB2  sing N N 227 
MET CB  HB3  sing N N 228 
MET CG  SD   sing N N 229 
MET CG  HG2  sing N N 230 
MET CG  HG3  sing N N 231 
MET SD  CE   sing N N 232 
MET CE  HE1  sing N N 233 
MET CE  HE2  sing N N 234 
MET CE  HE3  sing N N 235 
MET OXT HXT  sing N N 236 
PHE N   CA   sing N N 237 
PHE N   H    sing N N 238 
PHE N   H2   sing N N 239 
PHE CA  C    sing N N 240 
PHE CA  CB   sing N N 241 
PHE CA  HA   sing N N 242 
PHE C   O    doub N N 243 
PHE C   OXT  sing N N 244 
PHE CB  CG   sing N N 245 
PHE CB  HB2  sing N N 246 
PHE CB  HB3  sing N N 247 
PHE CG  CD1  doub Y N 248 
PHE CG  CD2  sing Y N 249 
PHE CD1 CE1  sing Y N 250 
PHE CD1 HD1  sing N N 251 
PHE CD2 CE2  doub Y N 252 
PHE CD2 HD2  sing N N 253 
PHE CE1 CZ   doub Y N 254 
PHE CE1 HE1  sing N N 255 
PHE CE2 CZ   sing Y N 256 
PHE CE2 HE2  sing N N 257 
PHE CZ  HZ   sing N N 258 
PHE OXT HXT  sing N N 259 
PRO N   CA   sing N N 260 
PRO N   CD   sing N N 261 
PRO N   H    sing N N 262 
PRO CA  C    sing N N 263 
PRO CA  CB   sing N N 264 
PRO CA  HA   sing N N 265 
PRO C   O    doub N N 266 
PRO C   OXT  sing N N 267 
PRO CB  CG   sing N N 268 
PRO CB  HB2  sing N N 269 
PRO CB  HB3  sing N N 270 
PRO CG  CD   sing N N 271 
PRO CG  HG2  sing N N 272 
PRO CG  HG3  sing N N 273 
PRO CD  HD2  sing N N 274 
PRO CD  HD3  sing N N 275 
PRO OXT HXT  sing N N 276 
SER N   CA   sing N N 277 
SER N   H    sing N N 278 
SER N   H2   sing N N 279 
SER CA  C    sing N N 280 
SER CA  CB   sing N N 281 
SER CA  HA   sing N N 282 
SER C   O    doub N N 283 
SER C   OXT  sing N N 284 
SER CB  OG   sing N N 285 
SER CB  HB2  sing N N 286 
SER CB  HB3  sing N N 287 
SER OG  HG   sing N N 288 
SER OXT HXT  sing N N 289 
THR N   CA   sing N N 290 
THR N   H    sing N N 291 
THR N   H2   sing N N 292 
THR CA  C    sing N N 293 
THR CA  CB   sing N N 294 
THR CA  HA   sing N N 295 
THR C   O    doub N N 296 
THR C   OXT  sing N N 297 
THR CB  OG1  sing N N 298 
THR CB  CG2  sing N N 299 
THR CB  HB   sing N N 300 
THR OG1 HG1  sing N N 301 
THR CG2 HG21 sing N N 302 
THR CG2 HG22 sing N N 303 
THR CG2 HG23 sing N N 304 
THR OXT HXT  sing N N 305 
TRP N   CA   sing N N 306 
TRP N   H    sing N N 307 
TRP N   H2   sing N N 308 
TRP CA  C    sing N N 309 
TRP CA  CB   sing N N 310 
TRP CA  HA   sing N N 311 
TRP C   O    doub N N 312 
TRP C   OXT  sing N N 313 
TRP CB  CG   sing N N 314 
TRP CB  HB2  sing N N 315 
TRP CB  HB3  sing N N 316 
TRP CG  CD1  doub Y N 317 
TRP CG  CD2  sing Y N 318 
TRP CD1 NE1  sing Y N 319 
TRP CD1 HD1  sing N N 320 
TRP CD2 CE2  doub Y N 321 
TRP CD2 CE3  sing Y N 322 
TRP NE1 CE2  sing Y N 323 
TRP NE1 HE1  sing N N 324 
TRP CE2 CZ2  sing Y N 325 
TRP CE3 CZ3  doub Y N 326 
TRP CE3 HE3  sing N N 327 
TRP CZ2 CH2  doub Y N 328 
TRP CZ2 HZ2  sing N N 329 
TRP CZ3 CH2  sing Y N 330 
TRP CZ3 HZ3  sing N N 331 
TRP CH2 HH2  sing N N 332 
TRP OXT HXT  sing N N 333 
TYR N   CA   sing N N 334 
TYR N   H    sing N N 335 
TYR N   H2   sing N N 336 
TYR CA  C    sing N N 337 
TYR CA  CB   sing N N 338 
TYR CA  HA   sing N N 339 
TYR C   O    doub N N 340 
TYR C   OXT  sing N N 341 
TYR CB  CG   sing N N 342 
TYR CB  HB2  sing N N 343 
TYR CB  HB3  sing N N 344 
TYR CG  CD1  doub Y N 345 
TYR CG  CD2  sing Y N 346 
TYR CD1 CE1  sing Y N 347 
TYR CD1 HD1  sing N N 348 
TYR CD2 CE2  doub Y N 349 
TYR CD2 HD2  sing N N 350 
TYR CE1 CZ   doub Y N 351 
TYR CE1 HE1  sing N N 352 
TYR CE2 CZ   sing Y N 353 
TYR CE2 HE2  sing N N 354 
TYR CZ  OH   sing N N 355 
TYR OH  HH   sing N N 356 
TYR OXT HXT  sing N N 357 
VAL N   CA   sing N N 358 
VAL N   H    sing N N 359 
VAL N   H2   sing N N 360 
VAL CA  C    sing N N 361 
VAL CA  CB   sing N N 362 
VAL CA  HA   sing N N 363 
VAL C   O    doub N N 364 
VAL C   OXT  sing N N 365 
VAL CB  CG1  sing N N 366 
VAL CB  CG2  sing N N 367 
VAL CB  HB   sing N N 368 
VAL CG1 HG11 sing N N 369 
VAL CG1 HG12 sing N N 370 
VAL CG1 HG13 sing N N 371 
VAL CG2 HG21 sing N N 372 
VAL CG2 HG22 sing N N 373 
VAL CG2 HG23 sing N N 374 
VAL OXT HXT  sing N N 375 
# 
_atom_sites.entry_id                    1L7L 
_atom_sites.fract_transf_matrix[1][1]   -0.00331227 
_atom_sites.fract_transf_matrix[1][2]   -0.00963044 
_atom_sites.fract_transf_matrix[1][3]   0.02265523 
_atom_sites.fract_transf_matrix[2][1]   -0.01317503 
_atom_sites.fract_transf_matrix[2][2]   -0.00278953 
_atom_sites.fract_transf_matrix[2][3]   -0.00311203 
_atom_sites.fract_transf_matrix[3][1]   0.00202686 
_atom_sites.fract_transf_matrix[3][2]   -0.00671773 
_atom_sites.fract_transf_matrix[3][3]   -0.00255928 
_atom_sites.fract_transf_vector[1]      -0.028147 
_atom_sites.fract_transf_vector[2]      0.342442 
_atom_sites.fract_transf_vector[3]      0.152043 
# 
loop_
_atom_type.symbol 
C  
CA 
N  
O  
S  
# 
loop_
_atom_site.group_PDB 
_atom_site.id 
_atom_site.type_symbol 
_atom_site.label_atom_id 
_atom_site.label_alt_id 
_atom_site.label_comp_id 
_atom_site.label_asym_id 
_atom_site.label_entity_id 
_atom_site.label_seq_id 
_atom_site.pdbx_PDB_ins_code 
_atom_site.Cartn_x 
_atom_site.Cartn_y 
_atom_site.Cartn_z 
_atom_site.occupancy 
_atom_site.B_iso_or_equiv 
_atom_site.pdbx_formal_charge 
_atom_site.auth_seq_id 
_atom_site.auth_comp_id 
_atom_site.auth_asym_id 
_atom_site.auth_atom_id 
_atom_site.pdbx_PDB_model_num 
ATOM   1    N  N   . ALA A 1 1   ? -6.849  15.911  -1.884  1.00 20.66 ? 1   ALA A N   1 
ATOM   2    C  CA  . ALA A 1 1   ? -7.027  14.441  -2.142  1.00 19.41 ? 1   ALA A CA  1 
ATOM   3    C  C   . ALA A 1 1   ? -6.079  14.029  -3.257  1.00 19.16 ? 1   ALA A C   1 
ATOM   4    O  O   . ALA A 1 1   ? -5.578  14.861  -4.015  1.00 20.59 ? 1   ALA A O   1 
ATOM   5    C  CB  . ALA A 1 1   ? -8.445  14.124  -2.523  1.00 19.65 ? 1   ALA A CB  1 
ATOM   6    N  N   . TRP A 1 2   ? -5.809  12.729  -3.344  1.00 16.92 ? 2   TRP A N   1 
ATOM   7    C  CA  . TRP A 1 2   ? -4.883  12.204  -4.330  1.00 15.89 ? 2   TRP A CA  1 
ATOM   8    C  C   . TRP A 1 2   ? -5.496  10.996  -5.016  1.00 15.66 ? 2   TRP A C   1 
ATOM   9    O  O   . TRP A 1 2   ? -6.182  10.197  -4.387  1.00 14.65 ? 2   TRP A O   1 
ATOM   10   C  CB  . TRP A 1 2   ? -3.575  11.825  -3.649  1.00 15.43 ? 2   TRP A CB  1 
ATOM   11   C  CG  . TRP A 1 2   ? -2.546  11.269  -4.564  1.00 15.19 ? 2   TRP A CG  1 
ATOM   12   C  CD1 . TRP A 1 2   ? -1.616  11.978  -5.288  1.00 15.69 ? 2   TRP A CD1 1 
ATOM   13   C  CD2 . TRP A 1 2   ? -2.314  9.890   -4.870  1.00 14.97 ? 2   TRP A CD2 1 
ATOM   14   N  NE1 . TRP A 1 2   ? -0.823  11.122  -6.012  1.00 16.95 ? 2   TRP A NE1 1 
ATOM   15   C  CE2 . TRP A 1 2   ? -1.229  9.832   -5.780  1.00 15.51 ? 2   TRP A CE2 1 
ATOM   16   C  CE3 . TRP A 1 2   ? -2.916  8.686   -4.472  1.00 15.19 ? 2   TRP A CE3 1 
ATOM   17   C  CZ2 . TRP A 1 2   ? -0.740  8.628   -6.290  1.00 16.41 ? 2   TRP A CZ2 1 
ATOM   18   C  CZ3 . TRP A 1 2   ? -2.436  7.499   -4.990  1.00 15.30 ? 2   TRP A CZ3 1 
ATOM   19   C  CH2 . TRP A 1 2   ? -1.358  7.477   -5.883  1.00 16.67 ? 2   TRP A CH2 1 
ATOM   20   N  N   . LYS A 1 3   ? -5.289  10.889  -6.321  1.00 15.03 ? 3   LYS A N   1 
ATOM   21   C  CA  . LYS A 1 3   ? -5.617  9.686   -7.058  1.00 16.20 ? 3   LYS A CA  1 
ATOM   22   C  C   . LYS A 1 3   ? -4.476  9.329   -7.972  1.00 15.97 ? 3   LYS A C   1 
ATOM   23   O  O   . LYS A 1 3   ? -3.930  10.200  -8.664  1.00 16.69 ? 3   LYS A O   1 
ATOM   24   C  CB  . LYS A 1 3   ? -6.898  9.844   -7.873  1.00 16.76 ? 3   LYS A CB  1 
ATOM   25   C  CG  . LYS A 1 3   ? -7.273  8.593   -8.655  1.00 19.56 ? 3   LYS A CG  1 
ATOM   26   C  CD  . LYS A 1 3   ? -8.545  8.770   -9.460  1.00 22.82 ? 3   LYS A CD  1 
ATOM   27   C  CE  . LYS A 1 3   ? -8.964  7.457   -10.080 1.00 25.15 ? 3   LYS A CE  1 
ATOM   28   N  NZ  . LYS A 1 3   ? -10.032 7.636   -11.097 1.00 27.94 ? 3   LYS A NZ  1 
ATOM   29   N  N   . GLY A 1 4   ? -4.110  8.054   -8.004  1.00 15.42 ? 4   GLY A N   1 
ATOM   30   C  CA  . GLY A 1 4   ? -3.052  7.605   -8.883  1.00 15.60 ? 4   GLY A CA  1 
ATOM   31   C  C   . GLY A 1 4   ? -2.846  6.111   -8.885  1.00 16.15 ? 4   GLY A C   1 
ATOM   32   O  O   . GLY A 1 4   ? -3.487  5.359   -8.163  1.00 16.85 ? 4   GLY A O   1 
ATOM   33   N  N   . GLU A 1 5   ? -1.913  5.688   -9.710  1.00 16.05 ? 5   GLU A N   1 
ATOM   34   C  CA  . GLU A 1 5   ? -1.599  4.292   -9.916  1.00 15.97 ? 5   GLU A CA  1 
ATOM   35   C  C   . GLU A 1 5   ? -0.367  3.920   -9.102  1.00 15.38 ? 5   GLU A C   1 
ATOM   36   O  O   . GLU A 1 5   ? 0.598   4.698   -9.000  1.00 16.26 ? 5   GLU A O   1 
ATOM   37   C  CB  . GLU A 1 5   ? -1.340  4.074   -11.403 1.00 17.09 ? 5   GLU A CB  1 
ATOM   38   C  CG  . GLU A 1 5   ? -1.235  2.634   -11.859 1.00 22.11 ? 5   GLU A CG  1 
ATOM   39   C  CD  . GLU A 1 5   ? -0.944  2.529   -13.353 1.00 26.24 ? 5   GLU A CD  1 
ATOM   40   O  OE1 . GLU A 1 5   ? -0.552  3.550   -13.963 1.00 31.64 ? 5   GLU A OE1 1 
ATOM   41   O  OE2 . GLU A 1 5   ? -1.105  1.435   -13.935 1.00 29.27 ? 5   GLU A OE2 1 
ATOM   42   N  N   . VAL A 1 6   ? -0.401  2.722   -8.525  1.00 13.21 ? 6   VAL A N   1 
ATOM   43   C  CA  . VAL A 1 6   ? 0.713   2.139   -7.794  1.00 12.98 ? 6   VAL A CA  1 
ATOM   44   C  C   . VAL A 1 6   ? 1.138   0.884   -8.539  1.00 12.35 ? 6   VAL A C   1 
ATOM   45   O  O   . VAL A 1 6   ? 0.413   -0.112  -8.554  1.00 11.82 ? 6   VAL A O   1 
ATOM   46   C  CB  . VAL A 1 6   ? 0.310   1.771   -6.328  1.00 13.18 ? 6   VAL A CB  1 
ATOM   47   C  CG1 . VAL A 1 6   ? 1.502   1.172   -5.578  1.00 14.34 ? 6   VAL A CG1 1 
ATOM   48   C  CG2 . VAL A 1 6   ? -0.260  2.985   -5.596  1.00 14.34 ? 6   VAL A CG2 1 
ATOM   49   N  N   . LEU A 1 7   ? 2.313   0.925   -9.162  1.00 12.40 ? 7   LEU A N   1 
ATOM   50   C  CA  . LEU A 1 7   ? 2.780   -0.189  -9.981  1.00 12.70 ? 7   LEU A CA  1 
ATOM   51   C  C   . LEU A 1 7   ? 3.315   -1.288  -9.071  1.00 11.53 ? 7   LEU A C   1 
ATOM   52   O  O   . LEU A 1 7   ? 4.050   -1.023  -8.132  1.00 12.15 ? 7   LEU A O   1 
ATOM   53   C  CB  . LEU A 1 7   ? 3.877   0.263   -10.950 1.00 13.22 ? 7   LEU A CB  1 
ATOM   54   C  CG  . LEU A 1 7   ? 3.386   0.714   -12.322 1.00 16.19 ? 7   LEU A CG  1 
ATOM   55   C  CD1 . LEU A 1 7   ? 2.341   1.809   -12.267 1.00 19.47 ? 7   LEU A CD1 1 
ATOM   56   C  CD2 . LEU A 1 7   ? 4.606   1.135   -13.153 1.00 17.89 ? 7   LEU A CD2 1 
ATOM   57   N  N   . ALA A 1 8   ? 2.940   -2.521  -9.371  1.00 11.88 ? 8   ALA A N   1 
ATOM   58   C  CA  . ALA A 1 8   ? 3.397   -3.675  -8.594  1.00 11.32 ? 8   ALA A CA  1 
ATOM   59   C  C   . ALA A 1 8   ? 4.910   -3.844  -8.603  1.00 12.48 ? 8   ALA A C   1 
ATOM   60   O  O   . ALA A 1 8   ? 5.473   -4.341  -7.637  1.00 11.78 ? 8   ALA A O   1 
ATOM   61   C  CB  . ALA A 1 8   ? 2.728   -4.924  -9.071  1.00 11.54 ? 8   ALA A CB  1 
ATOM   62   N  N   . ASN A 1 9   ? 5.568   -3.416  -9.682  1.00 12.27 ? 9   ASN A N   1 
ATOM   63   C  CA  . ASN A 1 9   ? 7.026   -3.545  -9.781  1.00 12.92 ? 9   ASN A CA  1 
ATOM   64   C  C   . ASN A 1 9   ? 7.811   -2.345  -9.209  1.00 13.45 ? 9   ASN A C   1 
ATOM   65   O  O   . ASN A 1 9   ? 9.042   -2.311  -9.308  1.00 14.65 ? 9   ASN A O   1 
ATOM   66   C  CB  . ASN A 1 9   ? 7.441   -3.848  -11.232 1.00 13.28 ? 9   ASN A CB  1 
ATOM   67   C  CG  . ASN A 1 9   ? 7.354   -2.639  -12.126 1.00 14.15 ? 9   ASN A CG  1 
ATOM   68   O  OD1 . ASN A 1 9   ? 6.960   -1.560  -11.697 1.00 14.95 ? 9   ASN A OD1 1 
ATOM   69   N  ND2 . ASN A 1 9   ? 7.715   -2.831  -13.401 1.00 14.93 ? 9   ASN A ND2 1 
ATOM   70   N  N   . ASN A 1 10  ? 7.133   -1.397  -8.555  1.00 13.12 ? 10  ASN A N   1 
ATOM   71   C  CA  . ASN A 1 10  ? 7.773   -0.181  -8.067  1.00 13.56 ? 10  ASN A CA  1 
ATOM   72   C  C   . ASN A 1 10  ? 8.246   -0.412  -6.645  1.00 14.07 ? 10  ASN A C   1 
ATOM   73   O  O   . ASN A 1 10  ? 7.539   -0.131  -5.675  1.00 14.15 ? 10  ASN A O   1 
ATOM   74   C  CB  . ASN A 1 10  ? 6.809   1.002   -8.164  1.00 13.87 ? 10  ASN A CB  1 
ATOM   75   C  CG  . ASN A 1 10  ? 7.431   2.320   -7.747  1.00 16.16 ? 10  ASN A CG  1 
ATOM   76   O  OD1 . ASN A 1 10  ? 8.606   2.394   -7.381  1.00 18.26 ? 10  ASN A OD1 1 
ATOM   77   N  ND2 . ASN A 1 10  ? 6.628   3.386   -7.804  1.00 17.10 ? 10  ASN A ND2 1 
ATOM   78   N  N   . GLU A 1 11  ? 9.459   -0.946  -6.519  1.00 14.07 ? 11  GLU A N   1 
ATOM   79   C  CA  . GLU A 1 11  ? 10.024  -1.276  -5.220  1.00 14.08 ? 11  GLU A CA  1 
ATOM   80   C  C   . GLU A 1 11  ? 10.137  -0.068  -4.284  1.00 14.62 ? 11  GLU A C   1 
ATOM   81   O  O   . GLU A 1 11  ? 9.943   -0.203  -3.083  1.00 14.35 ? 11  GLU A O   1 
ATOM   82   C  CB  . GLU A 1 11  ? 11.401  -1.929  -5.386  1.00 14.71 ? 11  GLU A CB  1 
ATOM   83   C  CG  . GLU A 1 11  ? 11.921  -2.498  -4.086  1.00 14.45 ? 11  GLU A CG  1 
ATOM   84   C  CD  . GLU A 1 11  ? 13.063  -3.487  -4.236  1.00 16.59 ? 11  GLU A CD  1 
ATOM   85   O  OE1 . GLU A 1 11  ? 13.600  -3.652  -5.336  1.00 19.03 ? 11  GLU A OE1 1 
ATOM   86   O  OE2 . GLU A 1 11  ? 13.412  -4.104  -3.219  1.00 17.61 ? 11  GLU A OE2 1 
ATOM   87   N  N   . ALA A 1 12  ? 10.439  1.117   -4.815  1.00 15.87 ? 12  ALA A N   1 
ATOM   88   C  CA  . ALA A 1 12  ? 10.625  2.286   -3.955  1.00 17.28 ? 12  ALA A CA  1 
ATOM   89   C  C   . ALA A 1 12  ? 9.295   2.834   -3.460  1.00 17.25 ? 12  ALA A C   1 
ATOM   90   O  O   . ALA A 1 12  ? 9.251   3.557   -2.457  1.00 20.45 ? 12  ALA A O   1 
ATOM   91   C  CB  . ALA A 1 12  ? 11.379  3.358   -4.694  1.00 17.81 ? 12  ALA A CB  1 
ATOM   92   N  N   . GLY A 1 13  ? 8.235   2.497   -4.187  1.00 16.98 ? 13  GLY A N   1 
ATOM   93   C  CA  . GLY A 1 13  ? 6.890   2.922   -3.858  1.00 17.24 ? 13  GLY A CA  1 
ATOM   94   C  C   . GLY A 1 13  ? 6.496   4.184   -4.584  1.00 16.97 ? 13  GLY A C   1 
ATOM   95   O  O   . GLY A 1 13  ? 7.331   4.907   -5.151  1.00 17.02 ? 13  GLY A O   1 
ATOM   96   N  N   . GLN A 1 14  ? 5.192   4.424   -4.567  1.00 15.95 ? 14  GLN A N   1 
ATOM   97   C  CA  . GLN A 1 14  ? 4.576   5.563   -5.192  1.00 15.85 ? 14  GLN A CA  1 
ATOM   98   C  C   . GLN A 1 14  ? 4.302   6.641   -4.160  1.00 16.34 ? 14  GLN A C   1 
ATOM   99   O  O   . GLN A 1 14  ? 3.453   6.495   -3.284  1.00 15.15 ? 14  GLN A O   1 
ATOM   100  C  CB  . GLN A 1 14  ? 3.267   5.119   -5.849  1.00 16.33 ? 14  GLN A CB  1 
ATOM   101  C  CG  . GLN A 1 14  ? 2.507   6.230   -6.503  1.00 17.03 ? 14  GLN A CG  1 
ATOM   102  C  CD  . GLN A 1 14  ? 3.313   6.850   -7.612  1.00 18.20 ? 14  GLN A CD  1 
ATOM   103  O  OE1 . GLN A 1 14  ? 3.730   6.151   -8.526  1.00 19.08 ? 14  GLN A OE1 1 
ATOM   104  N  NE2 . GLN A 1 14  ? 3.581   8.142   -7.506  1.00 18.32 ? 14  GLN A NE2 1 
ATOM   105  N  N   . VAL A 1 15  ? 5.033   7.746   -4.250  1.00 17.36 ? 15  VAL A N   1 
ATOM   106  C  CA  . VAL A 1 15  ? 4.793   8.888   -3.385  1.00 18.71 ? 15  VAL A CA  1 
ATOM   107  C  C   . VAL A 1 15  ? 3.462   9.538   -3.781  1.00 18.26 ? 15  VAL A C   1 
ATOM   108  O  O   . VAL A 1 15  ? 3.116   9.605   -4.959  1.00 19.04 ? 15  VAL A O   1 
ATOM   109  C  CB  . VAL A 1 15  ? 5.956   9.907   -3.472  1.00 19.81 ? 15  VAL A CB  1 
ATOM   110  C  CG1 . VAL A 1 15  ? 5.924   10.660  -4.791  1.00 22.14 ? 15  VAL A CG1 1 
ATOM   111  C  CG2 . VAL A 1 15  ? 5.926   10.850  -2.276  1.00 21.20 ? 15  VAL A CG2 1 
ATOM   112  N  N   . THR A 1 16  ? 2.680   9.935   -2.789  1.00 17.27 ? 16  THR A N   1 
ATOM   113  C  CA  . THR A 1 16  ? 1.450   10.685  -3.032  1.00 17.06 ? 16  THR A CA  1 
ATOM   114  C  C   . THR A 1 16  ? 1.624   12.131  -2.593  1.00 17.54 ? 16  THR A C   1 
ATOM   115  O  O   . THR A 1 16  ? 2.627   12.491  -1.981  1.00 17.82 ? 16  THR A O   1 
ATOM   116  C  CB  . THR A 1 16  ? 0.265   10.081  -2.262  1.00 16.75 ? 16  THR A CB  1 
ATOM   117  O  OG1 . THR A 1 16  ? 0.403   10.370  -0.864  1.00 15.25 ? 16  THR A OG1 1 
ATOM   118  C  CG2 . THR A 1 16  ? 0.232   8.548   -2.377  1.00 16.65 ? 16  THR A CG2 1 
ATOM   119  N  N   . SER A 1 17  ? 0.595   12.929  -2.867  1.00 18.16 ? 17  SER A N   1 
ATOM   120  C  CA  . SER A 1 17  ? 0.542   14.320  -2.438  1.00 18.59 ? 17  SER A CA  1 
ATOM   121  C  C   . SER A 1 17  ? 0.013   14.492  -1.013  1.00 18.48 ? 17  SER A C   1 
ATOM   122  O  O   . SER A 1 17  ? -0.087  15.614  -0.527  1.00 19.76 ? 17  SER A O   1 
ATOM   123  C  CB  . SER A 1 17  ? -0.342  15.106  -3.413  1.00 18.15 ? 17  SER A CB  1 
ATOM   124  O  OG  . SER A 1 17  ? -1.707  14.738  -3.280  1.00 19.79 ? 17  SER A OG  1 
ATOM   125  N  N   . ILE A 1 18  ? -0.330  13.398  -0.336  1.00 17.22 ? 18  ILE A N   1 
ATOM   126  C  CA  . ILE A 1 18  ? -0.891  13.468  1.009   1.00 17.08 ? 18  ILE A CA  1 
ATOM   127  C  C   . ILE A 1 18  ? 0.212   13.489  2.055   1.00 17.30 ? 18  ILE A C   1 
ATOM   128  O  O   . ILE A 1 18  ? 1.062   12.599  2.083   1.00 16.71 ? 18  ILE A O   1 
ATOM   129  C  CB  . ILE A 1 18  ? -1.822  12.252  1.308   1.00 17.09 ? 18  ILE A CB  1 
ATOM   130  C  CG1 . ILE A 1 18  ? -2.844  12.034  0.188   1.00 17.83 ? 18  ILE A CG1 1 
ATOM   131  C  CG2 . ILE A 1 18  ? -2.503  12.447  2.663   1.00 17.25 ? 18  ILE A CG2 1 
ATOM   132  C  CD1 . ILE A 1 18  ? -3.789  13.176  -0.063  1.00 18.78 ? 18  ILE A CD1 1 
ATOM   133  N  N   . ILE A 1 19  ? 0.215   14.517  2.898   1.00 17.14 ? 19  ILE A N   1 
ATOM   134  C  CA  . ILE A 1 19  ? 1.024   14.548  4.093   1.00 17.48 ? 19  ILE A CA  1 
ATOM   135  C  C   . ILE A 1 19  ? 0.083   14.289  5.247   1.00 16.97 ? 19  ILE A C   1 
ATOM   136  O  O   . ILE A 1 19  ? -0.801  15.116  5.526   1.00 17.39 ? 19  ILE A O   1 
ATOM   137  C  CB  . ILE A 1 19  ? 1.712   15.929  4.280   1.00 17.97 ? 19  ILE A CB  1 
ATOM   138  C  CG1 . ILE A 1 19  ? 2.421   16.362  2.996   1.00 21.53 ? 19  ILE A CG1 1 
ATOM   139  C  CG2 . ILE A 1 19  ? 2.658   15.861  5.462   1.00 18.84 ? 19  ILE A CG2 1 
ATOM   140  C  CD1 . ILE A 1 19  ? 3.465   15.418  2.481   1.00 23.93 ? 19  ILE A CD1 1 
ATOM   141  N  N   . TYR A 1 20  ? 0.240   13.145  5.896   1.00 16.11 ? 20  TYR A N   1 
ATOM   142  C  CA  . TYR A 1 20  ? -0.535  12.801  7.073   1.00 15.77 ? 20  TYR A CA  1 
ATOM   143  C  C   . TYR A 1 20  ? 0.000   13.575  8.273   1.00 16.46 ? 20  TYR A C   1 
ATOM   144  O  O   . TYR A 1 20  ? 1.169   13.448  8.632   1.00 16.86 ? 20  TYR A O   1 
ATOM   145  C  CB  . TYR A 1 20  ? -0.515  11.273  7.351   1.00 15.83 ? 20  TYR A CB  1 
ATOM   146  C  CG  . TYR A 1 20  ? -1.402  10.950  8.513   1.00 15.88 ? 20  TYR A CG  1 
ATOM   147  C  CD1 . TYR A 1 20  ? -0.954  11.092  9.820   1.00 15.96 ? 20  TYR A CD1 1 
ATOM   148  C  CD2 . TYR A 1 20  ? -2.741  10.625  8.320   1.00 15.03 ? 20  TYR A CD2 1 
ATOM   149  C  CE1 . TYR A 1 20  ? -1.790  10.868  10.900  1.00 15.37 ? 20  TYR A CE1 1 
ATOM   150  C  CE2 . TYR A 1 20  ? -3.580  10.395  9.385   1.00 14.84 ? 20  TYR A CE2 1 
ATOM   151  C  CZ  . TYR A 1 20  ? -3.113  10.523  10.680  1.00 15.12 ? 20  TYR A CZ  1 
ATOM   152  O  OH  . TYR A 1 20  ? -3.965  10.319  11.731  1.00 16.11 ? 20  TYR A OH  1 
ATOM   153  N  N   . ASN A 1 21  ? -0.859  14.381  8.893   1.00 16.01 ? 21  ASN A N   1 
ATOM   154  C  CA  . ASN A 1 21  ? -0.507  15.187  10.055  1.00 15.81 ? 21  ASN A CA  1 
ATOM   155  C  C   . ASN A 1 21  ? -1.244  14.697  11.301  1.00 16.40 ? 21  ASN A C   1 
ATOM   156  O  O   . ASN A 1 21  ? -2.315  14.105  11.196  1.00 16.23 ? 21  ASN A O   1 
ATOM   157  C  CB  . ASN A 1 21  ? -0.884  16.646  9.798   1.00 15.48 ? 21  ASN A CB  1 
ATOM   158  C  CG  . ASN A 1 21  ? -0.205  17.222  8.572   1.00 15.56 ? 21  ASN A CG  1 
ATOM   159  O  OD1 . ASN A 1 21  ? 1.022   17.154  8.455   1.00 18.49 ? 21  ASN A OD1 1 
ATOM   160  N  ND2 . ASN A 1 21  ? -0.980  17.802  7.651   1.00 15.65 ? 21  ASN A ND2 1 
ATOM   161  N  N   . PRO A 1 22  ? -0.686  14.925  12.485  1.00 16.90 ? 22  PRO A N   1 
ATOM   162  C  CA  . PRO A 1 22  ? -1.354  14.532  13.722  1.00 16.95 ? 22  PRO A CA  1 
ATOM   163  C  C   . PRO A 1 22  ? -2.820  14.971  13.752  1.00 16.58 ? 22  PRO A C   1 
ATOM   164  O  O   . PRO A 1 22  ? -3.151  16.135  13.463  1.00 17.17 ? 22  PRO A O   1 
ATOM   165  C  CB  . PRO A 1 22  ? -0.514  15.223  14.800  1.00 17.39 ? 22  PRO A CB  1 
ATOM   166  C  CG  . PRO A 1 22  ? 0.814   15.253  14.202  1.00 17.70 ? 22  PRO A CG  1 
ATOM   167  C  CD  . PRO A 1 22  ? 0.619   15.561  12.751  1.00 17.94 ? 22  PRO A CD  1 
ATOM   168  N  N   . GLY A 1 23  ? -3.684  14.014  14.071  1.00 16.24 ? 23  GLY A N   1 
ATOM   169  C  CA  . GLY A 1 23  ? -5.107  14.256  14.173  1.00 15.97 ? 23  GLY A CA  1 
ATOM   170  C  C   . GLY A 1 23  ? -5.888  13.996  12.895  1.00 15.35 ? 23  GLY A C   1 
ATOM   171  O  O   . GLY A 1 23  ? -7.128  13.970  12.924  1.00 16.56 ? 23  GLY A O   1 
ATOM   172  N  N   . ASP A 1 24  ? -5.195  13.834  11.770  1.00 14.82 ? 24  ASP A N   1 
ATOM   173  C  CA  . ASP A 1 24  ? -5.869  13.649  10.499  1.00 14.17 ? 24  ASP A CA  1 
ATOM   174  C  C   . ASP A 1 24  ? -6.663  12.344  10.509  1.00 14.22 ? 24  ASP A C   1 
ATOM   175  O  O   . ASP A 1 24  ? -6.262  11.340  11.112  1.00 14.72 ? 24  ASP A O   1 
ATOM   176  C  CB  . ASP A 1 24  ? -4.906  13.627  9.302   1.00 14.11 ? 24  ASP A CB  1 
ATOM   177  C  CG  . ASP A 1 24  ? -4.422  14.996  8.874   1.00 14.56 ? 24  ASP A CG  1 
ATOM   178  O  OD1 . ASP A 1 24  ? -4.942  16.047  9.351   1.00 15.23 ? 24  ASP A OD1 1 
ATOM   179  O  OD2 . ASP A 1 24  ? -3.542  15.091  7.998   1.00 13.34 ? 24  ASP A OD2 1 
ATOM   180  N  N   . VAL A 1 25  ? -7.820  12.396  9.860   1.00 13.72 ? 25  VAL A N   1 
ATOM   181  C  CA  . VAL A 1 25  ? -8.616  11.219  9.544   1.00 13.44 ? 25  VAL A CA  1 
ATOM   182  C  C   . VAL A 1 25  ? -8.549  11.059  8.032   1.00 13.05 ? 25  VAL A C   1 
ATOM   183  O  O   . VAL A 1 25  ? -8.753  12.019  7.301   1.00 13.32 ? 25  VAL A O   1 
ATOM   184  C  CB  . VAL A 1 25  ? -10.073 11.389  10.030  1.00 13.91 ? 25  VAL A CB  1 
ATOM   185  C  CG1 . VAL A 1 25  ? -10.891 10.150  9.714   1.00 15.16 ? 25  VAL A CG1 1 
ATOM   186  C  CG2 . VAL A 1 25  ? -10.122 11.655  11.523  1.00 14.25 ? 25  VAL A CG2 1 
ATOM   187  N  N   . ILE A 1 26  ? -8.224  9.861   7.544   1.00 12.89 ? 26  ILE A N   1 
ATOM   188  C  CA  . ILE A 1 26  ? -8.163  9.628   6.105   1.00 12.60 ? 26  ILE A CA  1 
ATOM   189  C  C   . ILE A 1 26  ? -8.964  8.417   5.672   1.00 12.07 ? 26  ILE A C   1 
ATOM   190  O  O   . ILE A 1 26  ? -9.219  7.493   6.449   1.00 12.53 ? 26  ILE A O   1 
ATOM   191  C  CB  . ILE A 1 26  ? -6.704  9.468   5.598   1.00 12.30 ? 26  ILE A CB  1 
ATOM   192  C  CG1 . ILE A 1 26  ? -6.042  8.225   6.208   1.00 13.69 ? 26  ILE A CG1 1 
ATOM   193  C  CG2 . ILE A 1 26  ? -5.892  10.713  5.907   1.00 12.99 ? 26  ILE A CG2 1 
ATOM   194  C  CD1 . ILE A 1 26  ? -4.666  7.868   5.616   1.00 15.87 ? 26  ILE A CD1 1 
ATOM   195  N  N   . THR A 1 27  ? -9.347  8.448   4.411   1.00 12.38 ? 27  THR A N   1 
ATOM   196  C  CA  . THR A 1 27  ? -9.939  7.304   3.757   1.00 12.35 ? 27  THR A CA  1 
ATOM   197  C  C   . THR A 1 27  ? -9.142  6.972   2.510   1.00 11.92 ? 27  THR A C   1 
ATOM   198  O  O   . THR A 1 27  ? -8.750  7.855   1.739   1.00 12.08 ? 27  THR A O   1 
ATOM   199  C  CB  . THR A 1 27  ? -11.406 7.567   3.446   1.00 12.67 ? 27  THR A CB  1 
ATOM   200  O  OG1 . THR A 1 27  ? -12.136 7.612   4.682   1.00 13.98 ? 27  THR A OG1 1 
ATOM   201  C  CG2 . THR A 1 27  ? -12.020 6.415   2.664   1.00 14.41 ? 27  THR A CG2 1 
ATOM   202  N  N   . ILE A 1 28  ? -8.899  5.674   2.329   1.00 11.32 ? 28  ILE A N   1 
ATOM   203  C  CA  . ILE A 1 28  ? -8.258  5.140   1.143   1.00 11.04 ? 28  ILE A CA  1 
ATOM   204  C  C   . ILE A 1 28  ? -9.160  4.079   0.526   1.00 11.21 ? 28  ILE A C   1 
ATOM   205  O  O   . ILE A 1 28  ? -9.710  3.251   1.239   1.00 10.74 ? 28  ILE A O   1 
ATOM   206  C  CB  . ILE A 1 28  ? -6.895  4.498   1.519   1.00 11.12 ? 28  ILE A CB  1 
ATOM   207  C  CG1 . ILE A 1 28  ? -6.012  5.500   2.280   1.00 12.03 ? 28  ILE A CG1 1 
ATOM   208  C  CG2 . ILE A 1 28  ? -6.182  3.982   0.241   1.00 11.03 ? 28  ILE A CG2 1 
ATOM   209  C  CD1 . ILE A 1 28  ? -4.560  5.053   2.527   1.00 13.31 ? 28  ILE A CD1 1 
ATOM   210  N  N   . VAL A 1 29  ? -9.317  4.084   -0.793  1.00 11.09 ? 29  VAL A N   1 
ATOM   211  C  CA  . VAL A 1 29  ? -9.938  2.978   -1.517  1.00 11.17 ? 29  VAL A CA  1 
ATOM   212  C  C   . VAL A 1 29  ? -8.974  2.576   -2.619  1.00 10.90 ? 29  VAL A C   1 
ATOM   213  O  O   . VAL A 1 29  ? -8.512  3.434   -3.374  1.00 11.91 ? 29  VAL A O   1 
ATOM   214  C  CB  . VAL A 1 29  ? -11.289 3.392   -2.144  1.00 11.51 ? 29  VAL A CB  1 
ATOM   215  C  CG1 . VAL A 1 29  ? -11.908 2.245   -2.906  1.00 12.35 ? 29  VAL A CG1 1 
ATOM   216  C  CG2 . VAL A 1 29  ? -12.253 3.890   -1.082  1.00 12.90 ? 29  VAL A CG2 1 
ATOM   217  N  N   . ALA A 1 30  ? -8.670  1.286   -2.715  1.00 10.51 ? 30  ALA A N   1 
ATOM   218  C  CA  . ALA A 1 30  ? -7.728  0.736   -3.693  1.00 9.77  ? 30  ALA A CA  1 
ATOM   219  C  C   . ALA A 1 30  ? -8.425  -0.328  -4.523  1.00 10.35 ? 30  ALA A C   1 
ATOM   220  O  O   . ALA A 1 30  ? -9.168  -1.142  -3.979  1.00 10.40 ? 30  ALA A O   1 
ATOM   221  C  CB  . ALA A 1 30  ? -6.537  0.144   -2.985  1.00 10.66 ? 30  ALA A CB  1 
ATOM   222  N  N   . ALA A 1 31  ? -8.153  -0.350  -5.825  1.00 10.49 ? 31  ALA A N   1 
ATOM   223  C  CA  . ALA A 1 31  ? -8.759  -1.284  -6.740  1.00 10.10 ? 31  ALA A CA  1 
ATOM   224  C  C   . ALA A 1 31  ? -7.750  -1.766  -7.768  1.00 10.17 ? 31  ALA A C   1 
ATOM   225  O  O   . ALA A 1 31  ? -6.741  -1.105  -7.994  1.00 11.63 ? 31  ALA A O   1 
ATOM   226  C  CB  . ALA A 1 31  ? -9.932  -0.641  -7.416  1.00 10.96 ? 31  ALA A CB  1 
ATOM   227  N  N   . GLY A 1 32  ? -8.020  -2.911  -8.366  1.00 10.15 ? 32  GLY A N   1 
ATOM   228  C  CA  . GLY A 1 32  ? -7.231  -3.391  -9.485  1.00 10.17 ? 32  GLY A CA  1 
ATOM   229  C  C   . GLY A 1 32  ? -6.624  -4.753  -9.292  1.00 10.44 ? 32  GLY A C   1 
ATOM   230  O  O   . GLY A 1 32  ? -6.892  -5.469  -8.322  1.00 10.25 ? 32  GLY A O   1 
ATOM   231  N  N   . TRP A 1 33  ? -5.742  -5.091  -10.217 1.00 10.41 ? 33  TRP A N   1 
ATOM   232  C  CA  . TRP A 1 33  ? -5.209  -6.432  -10.364 1.00 10.17 ? 33  TRP A CA  1 
ATOM   233  C  C   . TRP A 1 33  ? -3.711  -6.368  -10.583 1.00 10.85 ? 33  TRP A C   1 
ATOM   234  O  O   . TRP A 1 33  ? -3.228  -5.631  -11.466 1.00 11.77 ? 33  TRP A O   1 
ATOM   235  C  CB  . TRP A 1 33  ? -5.885  -7.140  -11.532 1.00 10.45 ? 33  TRP A CB  1 
ATOM   236  C  CG  . TRP A 1 33  ? -7.345  -7.303  -11.356 1.00 11.37 ? 33  TRP A CG  1 
ATOM   237  C  CD1 . TRP A 1 33  ? -8.324  -6.598  -11.979 1.00 13.26 ? 33  TRP A CD1 1 
ATOM   238  C  CD2 . TRP A 1 33  ? -8.004  -8.221  -10.488 1.00 11.26 ? 33  TRP A CD2 1 
ATOM   239  N  NE1 . TRP A 1 33  ? -9.562  -7.019  -11.556 1.00 13.59 ? 33  TRP A NE1 1 
ATOM   240  C  CE2 . TRP A 1 33  ? -9.396  -8.010  -10.630 1.00 12.41 ? 33  TRP A CE2 1 
ATOM   241  C  CE3 . TRP A 1 33  ? -7.565  -9.195  -9.593  1.00 13.14 ? 33  TRP A CE3 1 
ATOM   242  C  CZ2 . TRP A 1 33  ? -10.340 -8.763  -9.958  1.00 13.31 ? 33  TRP A CZ2 1 
ATOM   243  C  CZ3 . TRP A 1 33  ? -8.517  -9.917  -8.889  1.00 14.72 ? 33  TRP A CZ3 1 
ATOM   244  C  CH2 . TRP A 1 33  ? -9.884  -9.700  -9.090  1.00 13.49 ? 33  TRP A CH2 1 
ATOM   245  N  N   . ALA A 1 34  ? -2.972  -7.155  -9.810  1.00 10.54 ? 34  ALA A N   1 
ATOM   246  C  CA  . ALA A 1 34  ? -1.513  -7.161  -9.873  1.00 11.43 ? 34  ALA A CA  1 
ATOM   247  C  C   . ALA A 1 34  ? -0.975  -8.534  -9.537  1.00 11.73 ? 34  ALA A C   1 
ATOM   248  O  O   . ALA A 1 34  ? -1.671  -9.377  -8.965  1.00 11.70 ? 34  ALA A O   1 
ATOM   249  C  CB  . ALA A 1 34  ? -0.981  -6.141  -8.923  1.00 11.39 ? 34  ALA A CB  1 
ATOM   250  N  N   . SER A 1 35  ? 0.282   -8.768  -9.881  1.00 11.83 ? 35  SER A N   1 
ATOM   251  C  CA  . SER A 1 35  ? 0.945   -10.033 -9.576  1.00 12.14 ? 35  SER A CA  1 
ATOM   252  C  C   . SER A 1 35  ? 2.360   -9.810  -9.096  1.00 12.11 ? 35  SER A C   1 
ATOM   253  O  O   . SER A 1 35  ? 3.044   -8.867  -9.490  1.00 11.88 ? 35  SER A O   1 
ATOM   254  C  CB  . SER A 1 35  ? 0.980   -10.936 -10.797 1.00 12.66 ? 35  SER A CB  1 
ATOM   255  O  OG  . SER A 1 35  ? 1.705   -12.127 -10.488 1.00 12.71 ? 35  SER A OG  1 
ATOM   256  N  N   . TYR A 1 36  ? 2.801   -10.708 -8.219  1.00 12.17 ? 36  TYR A N   1 
ATOM   257  C  CA  . TYR A 1 36  ? 4.161   -10.735 -7.711  1.00 12.09 ? 36  TYR A CA  1 
ATOM   258  C  C   . TYR A 1 36  ? 5.020   -11.701 -8.528  1.00 12.62 ? 36  TYR A C   1 
ATOM   259  O  O   . TYR A 1 36  ? 6.139   -11.965 -8.141  1.00 13.08 ? 36  TYR A O   1 
ATOM   260  C  CB  . TYR A 1 36  ? 4.143   -11.148 -6.220  1.00 11.59 ? 36  TYR A CB  1 
ATOM   261  C  CG  . TYR A 1 36  ? 3.468   -12.476 -5.972  1.00 12.10 ? 36  TYR A CG  1 
ATOM   262  C  CD1 . TYR A 1 36  ? 2.103   -12.559 -5.711  1.00 12.01 ? 36  TYR A CD1 1 
ATOM   263  C  CD2 . TYR A 1 36  ? 4.192   -13.668 -5.995  1.00 12.37 ? 36  TYR A CD2 1 
ATOM   264  C  CE1 . TYR A 1 36  ? 1.488   -13.774 -5.505  1.00 12.55 ? 36  TYR A CE1 1 
ATOM   265  C  CE2 . TYR A 1 36  ? 3.569   -14.888 -5.814  1.00 12.81 ? 36  TYR A CE2 1 
ATOM   266  C  CZ  . TYR A 1 36  ? 2.230   -14.941 -5.554  1.00 12.01 ? 36  TYR A CZ  1 
ATOM   267  O  OH  . TYR A 1 36  ? 1.602   -16.147 -5.348  1.00 14.97 ? 36  TYR A OH  1 
ATOM   268  N  N   . GLY A 1 37  ? 4.505   -12.236 -9.629  1.00 13.06 ? 37  GLY A N   1 
ATOM   269  C  CA  . GLY A 1 37  ? 5.311   -13.114 -10.479 1.00 14.13 ? 37  GLY A CA  1 
ATOM   270  C  C   . GLY A 1 37  ? 4.487   -14.024 -11.358 1.00 14.93 ? 37  GLY A C   1 
ATOM   271  O  O   . GLY A 1 37  ? 4.707   -14.061 -12.577 1.00 16.83 ? 37  GLY A O   1 
ATOM   272  N  N   . PRO A 1 38  ? 3.544   -14.767 -10.784 1.00 15.65 ? 38  PRO A N   1 
ATOM   273  C  CA  . PRO A 1 38  ? 2.689   -15.668 -11.565 1.00 16.13 ? 38  PRO A CA  1 
ATOM   274  C  C   . PRO A 1 38  ? 1.842   -14.982 -12.636 1.00 17.31 ? 38  PRO A C   1 
ATOM   275  O  O   . PRO A 1 38  ? 1.697   -13.762 -12.643 1.00 17.51 ? 38  PRO A O   1 
ATOM   276  C  CB  . PRO A 1 38  ? 1.817   -16.315 -10.493 1.00 16.09 ? 38  PRO A CB  1 
ATOM   277  C  CG  . PRO A 1 38  ? 2.641   -16.229 -9.259  1.00 15.89 ? 38  PRO A CG  1 
ATOM   278  C  CD  . PRO A 1 38  ? 3.294   -14.907 -9.338  1.00 15.32 ? 38  PRO A CD  1 
ATOM   279  N  N   . THR A 1 39  ? 1.302   -15.779 -13.549 1.00 19.07 ? 39  THR A N   1 
ATOM   280  C  CA  . THR A 1 39  ? 0.436   -15.243 -14.595 1.00 20.20 ? 39  THR A CA  1 
ATOM   281  C  C   . THR A 1 39  ? -0.908  -14.801 -14.013 1.00 19.50 ? 39  THR A C   1 
ATOM   282  O  O   . THR A 1 39  ? -1.509  -13.846 -14.503 1.00 21.00 ? 39  THR A O   1 
ATOM   283  C  CB  . THR A 1 39  ? 0.251   -16.251 -15.755 1.00 21.44 ? 39  THR A CB  1 
ATOM   284  O  OG1 . THR A 1 39  ? -0.037  -17.558 -15.256 1.00 26.25 ? 39  THR A OG1 1 
ATOM   285  C  CG2 . THR A 1 39  ? 1.552   -16.430 -16.490 1.00 22.12 ? 39  THR A CG2 1 
ATOM   286  N  N   . GLN A 1 40  ? -1.350  -15.488 -12.959 1.00 18.39 ? 40  GLN A N   1 
ATOM   287  C  CA  . GLN A 1 40  ? -2.540  -15.101 -12.194 1.00 17.68 ? 40  GLN A CA  1 
ATOM   288  C  C   . GLN A 1 40  ? -2.311  -13.692 -11.635 1.00 15.68 ? 40  GLN A C   1 
ATOM   289  O  O   . GLN A 1 40  ? -1.163  -13.274 -11.446 1.00 16.09 ? 40  GLN A O   1 
ATOM   290  C  CB  . GLN A 1 40  ? -2.769  -16.111 -11.049 1.00 18.20 ? 40  GLN A CB  1 
ATOM   291  C  CG  . GLN A 1 40  ? -4.029  -15.889 -10.216 1.00 21.43 ? 40  GLN A CG  1 
ATOM   292  C  CD  . GLN A 1 40  ? -4.292  -16.976 -9.152  1.00 24.38 ? 40  GLN A CD  1 
ATOM   293  O  OE1 . GLN A 1 40  ? -3.546  -17.957 -9.044  1.00 28.42 ? 40  GLN A OE1 1 
ATOM   294  N  NE2 . GLN A 1 40  ? -5.348  -16.783 -8.362  1.00 25.87 ? 40  GLN A NE2 1 
ATOM   295  N  N   . LYS A 1 41  ? -3.404  -12.961 -11.393 1.00 13.86 ? 41  LYS A N   1 
ATOM   296  C  CA  . LYS A 1 41  ? -3.360  -11.692 -10.661 1.00 13.15 ? 41  LYS A CA  1 
ATOM   297  C  C   . LYS A 1 41  ? -4.267  -11.738 -9.445  1.00 11.77 ? 41  LYS A C   1 
ATOM   298  O  O   . LYS A 1 41  ? -5.210  -12.518 -9.404  1.00 12.46 ? 41  LYS A O   1 
ATOM   299  C  CB  . LYS A 1 41  ? -3.728  -10.522 -11.574 1.00 13.50 ? 41  LYS A CB  1 
ATOM   300  C  CG  . LYS A 1 41  ? -2.625  -10.269 -12.627 1.00 15.59 ? 41  LYS A CG  1 
ATOM   301  C  CD  . LYS A 1 41  ? -2.813  -8.995  -13.427 1.00 17.78 ? 41  LYS A CD  1 
ATOM   302  C  CE  . LYS A 1 41  ? -1.480  -8.545  -14.055 1.00 19.26 ? 41  LYS A CE  1 
ATOM   303  N  NZ  . LYS A 1 41  ? -1.036  -9.450  -15.147 1.00 24.47 ? 41  LYS A NZ  1 
ATOM   304  N  N   . TRP A 1 42  ? -3.967  -10.869 -8.489  1.00 10.96 ? 42  TRP A N   1 
ATOM   305  C  CA  . TRP A 1 42  ? -4.698  -10.747 -7.229  1.00 10.74 ? 42  TRP A CA  1 
ATOM   306  C  C   . TRP A 1 42  ? -5.062  -9.282  -7.002  1.00 9.96  ? 42  TRP A C   1 
ATOM   307  O  O   . TRP A 1 42  ? -4.419  -8.361  -7.550  1.00 10.33 ? 42  TRP A O   1 
ATOM   308  C  CB  . TRP A 1 42  ? -3.826  -11.245 -6.063  1.00 10.37 ? 42  TRP A CB  1 
ATOM   309  C  CG  . TRP A 1 42  ? -3.569  -12.714 -6.102  1.00 11.02 ? 42  TRP A CG  1 
ATOM   310  C  CD1 . TRP A 1 42  ? -4.274  -13.686 -5.443  1.00 11.65 ? 42  TRP A CD1 1 
ATOM   311  C  CD2 . TRP A 1 42  ? -2.540  -13.395 -6.832  1.00 11.90 ? 42  TRP A CD2 1 
ATOM   312  N  NE1 . TRP A 1 42  ? -3.747  -14.919 -5.721  1.00 13.33 ? 42  TRP A NE1 1 
ATOM   313  C  CE2 . TRP A 1 42  ? -2.690  -14.775 -6.574  1.00 12.40 ? 42  TRP A CE2 1 
ATOM   314  C  CE3 . TRP A 1 42  ? -1.503  -12.980 -7.684  1.00 12.72 ? 42  TRP A CE3 1 
ATOM   315  C  CZ2 . TRP A 1 42  ? -1.858  -15.744 -7.148  1.00 13.02 ? 42  TRP A CZ2 1 
ATOM   316  C  CZ3 . TRP A 1 42  ? -0.676  -13.946 -8.257  1.00 13.47 ? 42  TRP A CZ3 1 
ATOM   317  C  CH2 . TRP A 1 42  ? -0.858  -15.312 -7.971  1.00 14.73 ? 42  TRP A CH2 1 
ATOM   318  N  N   . GLY A 1 43  ? -6.106  -9.065  -6.209  1.00 10.05 ? 43  GLY A N   1 
ATOM   319  C  CA  . GLY A 1 43  ? -6.489  -7.742  -5.771  1.00 9.13  ? 43  GLY A CA  1 
ATOM   320  C  C   . GLY A 1 43  ? -5.609  -7.192  -4.672  1.00 9.59  ? 43  GLY A C   1 
ATOM   321  O  O   . GLY A 1 43  ? -4.581  -7.787  -4.312  1.00 9.76  ? 43  GLY A O   1 
ATOM   322  N  N   . PRO A 1 44  ? -6.000  -6.038  -4.135  1.00 9.74  ? 44  PRO A N   1 
ATOM   323  C  CA  . PRO A 1 44  ? -5.182  -5.333  -3.142  1.00 9.97  ? 44  PRO A CA  1 
ATOM   324  C  C   . PRO A 1 44  ? -5.031  -5.995  -1.770  1.00 9.81  ? 44  PRO A C   1 
ATOM   325  O  O   . PRO A 1 44  ? -4.221  -5.487  -0.995  1.00 9.63  ? 44  PRO A O   1 
ATOM   326  C  CB  . PRO A 1 44  ? -5.818  -3.945  -3.058  1.00 11.57 ? 44  PRO A CB  1 
ATOM   327  C  CG  . PRO A 1 44  ? -7.048  -3.986  -3.815  1.00 12.95 ? 44  PRO A CG  1 
ATOM   328  C  CD  . PRO A 1 44  ? -7.182  -5.268  -4.560  1.00 9.81  ? 44  PRO A CD  1 
ATOM   329  N  N   . GLN A 1 45  ? -5.713  -7.106  -1.501  1.00 9.63  ? 45  GLN A N   1 
ATOM   330  C  CA  . GLN A 1 45  ? -5.405  -7.940  -0.327  1.00 9.50  ? 45  GLN A CA  1 
ATOM   331  C  C   . GLN A 1 45  ? -4.333  -8.984  -0.621  1.00 10.06 ? 45  GLN A C   1 
ATOM   332  O  O   . GLN A 1 45  ? -3.862  -9.648  0.300   1.00 10.30 ? 45  GLN A O   1 
ATOM   333  C  CB  . GLN A 1 45  ? -6.663  -8.658  0.194   1.00 9.60  ? 45  GLN A CB  1 
ATOM   334  C  CG  . GLN A 1 45  ? -7.787  -7.695  0.511   1.00 9.61  ? 45  GLN A CG  1 
ATOM   335  C  CD  . GLN A 1 45  ? -9.071  -8.354  1.007   1.00 11.44 ? 45  GLN A CD  1 
ATOM   336  O  OE1 . GLN A 1 45  ? -9.666  -7.869  1.944   1.00 13.91 ? 45  GLN A OE1 1 
ATOM   337  N  NE2 . GLN A 1 45  ? -9.499  -9.424  0.376   1.00 11.92 ? 45  GLN A NE2 1 
ATOM   338  N  N   . GLY A 1 46  ? -3.908  -9.123  -1.872  1.00 9.65  ? 46  GLY A N   1 
ATOM   339  C  CA  . GLY A 1 46  ? -2.843  -10.047 -2.200  1.00 10.23 ? 46  GLY A CA  1 
ATOM   340  C  C   . GLY A 1 46  ? -3.298  -11.494 -2.238  1.00 10.76 ? 46  GLY A C   1 
ATOM   341  O  O   . GLY A 1 46  ? -4.482  -11.795 -2.387  1.00 10.57 ? 46  GLY A O   1 
ATOM   342  N  N   . ASP A 1 47  ? -2.322  -12.378 -2.128  1.00 10.89 ? 47  ASP A N   1 
ATOM   343  C  CA  . ASP A 1 47  ? -2.508  -13.814 -2.268  1.00 11.83 ? 47  ASP A CA  1 
ATOM   344  C  C   . ASP A 1 47  ? -2.429  -14.484 -0.903  1.00 12.72 ? 47  ASP A C   1 
ATOM   345  O  O   . ASP A 1 47  ? -1.336  -14.634 -0.341  1.00 12.41 ? 47  ASP A O   1 
ATOM   346  C  CB  . ASP A 1 47  ? -1.418  -14.367 -3.177  1.00 11.85 ? 47  ASP A CB  1 
ATOM   347  C  CG  . ASP A 1 47  ? -1.517  -15.865 -3.386  1.00 12.06 ? 47  ASP A CG  1 
ATOM   348  O  OD1 . ASP A 1 47  ? -2.448  -16.496 -2.819  1.00 13.33 ? 47  ASP A OD1 1 
ATOM   349  O  OD2 . ASP A 1 47  ? -0.700  -16.469 -4.137  1.00 13.56 ? 47  ASP A OD2 1 
ATOM   350  N  N   . ARG A 1 48  ? -3.587  -14.892 -0.386  1.00 13.81 ? 48  ARG A N   1 
ATOM   351  C  CA  . ARG A 1 48  ? -3.653  -15.476 0.951   1.00 14.81 ? 48  ARG A CA  1 
ATOM   352  C  C   . ARG A 1 48  ? -2.986  -16.844 1.059   1.00 15.44 ? 48  ARG A C   1 
ATOM   353  O  O   . ARG A 1 48  ? -2.790  -17.339 2.180   1.00 16.53 ? 48  ARG A O   1 
ATOM   354  C  CB  . ARG A 1 48  ? -5.107  -15.562 1.398   1.00 15.23 ? 48  ARG A CB  1 
ATOM   355  C  CG  . ARG A 1 48  ? -5.944  -16.502 0.578   1.00 17.46 ? 48  ARG A CG  1 
ATOM   356  C  CD  . ARG A 1 48  ? -7.427  -16.222 0.693   1.00 20.15 ? 48  ARG A CD  1 
ATOM   357  N  NE  . ARG A 1 48  ? -7.947  -16.508 2.029   1.00 21.85 ? 48  ARG A NE  1 
ATOM   358  C  CZ  . ARG A 1 48  ? -8.459  -17.675 2.398   1.00 24.85 ? 48  ARG A CZ  1 
ATOM   359  N  NH1 . ARG A 1 48  ? -8.513  -18.699 1.553   1.00 25.54 ? 48  ARG A NH1 1 
ATOM   360  N  NH2 . ARG A 1 48  ? -8.929  -17.820 3.634   1.00 25.66 ? 48  ARG A NH2 1 
ATOM   361  N  N   . GLU A 1 49  ? -2.643  -17.452 -0.072  1.00 15.43 ? 49  GLU A N   1 
ATOM   362  C  CA  . GLU A 1 49  ? -2.001  -18.769 -0.084  1.00 17.15 ? 49  GLU A CA  1 
ATOM   363  C  C   . GLU A 1 49  ? -0.479  -18.741 -0.212  1.00 16.80 ? 49  GLU A C   1 
ATOM   364  O  O   . GLU A 1 49  ? 0.158   -19.793 -0.114  1.00 18.06 ? 49  GLU A O   1 
ATOM   365  C  CB  . GLU A 1 49  ? -2.562  -19.621 -1.228  1.00 18.34 ? 49  GLU A CB  1 
ATOM   366  C  CG  . GLU A 1 49  ? -4.088  -19.660 -1.325  1.00 22.38 ? 49  GLU A CG  1 
ATOM   367  C  CD  . GLU A 1 49  ? -4.747  -20.681 -0.420  1.00 28.92 ? 49  GLU A CD  1 
ATOM   368  O  OE1 . GLU A 1 49  ? -4.104  -21.136 0.559   1.00 33.70 ? 49  GLU A OE1 1 
ATOM   369  O  OE2 . GLU A 1 49  ? -5.929  -21.026 -0.697  1.00 33.53 ? 49  GLU A OE2 1 
ATOM   370  N  N   . HIS A 1 50  ? 0.118   -17.579 -0.456  1.00 15.50 ? 50  HIS A N   1 
ATOM   371  C  CA  . HIS A 1 50  ? 1.552   -17.502 -0.712  1.00 15.15 ? 50  HIS A CA  1 
ATOM   372  C  C   . HIS A 1 50  ? 2.316   -17.289 0.603   1.00 15.12 ? 50  HIS A C   1 
ATOM   373  O  O   . HIS A 1 50  ? 1.947   -16.414 1.392   1.00 15.55 ? 50  HIS A O   1 
ATOM   374  C  CB  . HIS A 1 50  ? 1.861   -16.366 -1.698  1.00 15.07 ? 50  HIS A CB  1 
ATOM   375  C  CG  . HIS A 1 50  ? 3.271   -16.370 -2.200  1.00 14.19 ? 50  HIS A CG  1 
ATOM   376  N  ND1 . HIS A 1 50  ? 3.786   -17.377 -2.987  1.00 18.42 ? 50  HIS A ND1 1 
ATOM   377  C  CD2 . HIS A 1 50  ? 4.265   -15.465 -2.051  1.00 16.15 ? 50  HIS A CD2 1 
ATOM   378  C  CE1 . HIS A 1 50  ? 5.047   -17.105 -3.273  1.00 17.22 ? 50  HIS A CE1 1 
ATOM   379  N  NE2 . HIS A 1 50  ? 5.363   -15.949 -2.721  1.00 17.14 ? 50  HIS A NE2 1 
ATOM   380  N  N   . PRO A 1 51  ? 3.355   -18.087 0.856   1.00 15.64 ? 51  PRO A N   1 
ATOM   381  C  CA  . PRO A 1 51  ? 4.140   -17.901 2.079   1.00 15.52 ? 51  PRO A CA  1 
ATOM   382  C  C   . PRO A 1 51  ? 4.863   -16.571 2.086   1.00 14.95 ? 51  PRO A C   1 
ATOM   383  O  O   . PRO A 1 51  ? 5.285   -16.108 1.034   1.00 16.55 ? 51  PRO A O   1 
ATOM   384  C  CB  . PRO A 1 51  ? 5.141   -19.072 2.053   1.00 16.18 ? 51  PRO A CB  1 
ATOM   385  C  CG  . PRO A 1 51  ? 5.130   -19.600 0.713   1.00 18.20 ? 51  PRO A CG  1 
ATOM   386  C  CD  . PRO A 1 51  ? 3.847   -19.211 0.043   1.00 16.52 ? 51  PRO A CD  1 
ATOM   387  N  N   . ASP A 1 52  ? 4.985   -15.974 3.266   1.00 14.42 ? 52  ASP A N   1 
ATOM   388  C  CA  . ASP A 1 52  ? 5.800   -14.793 3.486   1.00 13.84 ? 52  ASP A CA  1 
ATOM   389  C  C   . ASP A 1 52  ? 7.269   -15.230 3.526   1.00 14.26 ? 52  ASP A C   1 
ATOM   390  O  O   . ASP A 1 52  ? 7.676   -15.982 4.409   1.00 15.20 ? 52  ASP A O   1 
ATOM   391  C  CB  . ASP A 1 52  ? 5.358   -14.144 4.793   1.00 13.67 ? 52  ASP A CB  1 
ATOM   392  C  CG  . ASP A 1 52  ? 6.133   -12.901 5.152   1.00 12.53 ? 52  ASP A CG  1 
ATOM   393  O  OD1 . ASP A 1 52  ? 7.192   -12.625 4.557   1.00 12.16 ? 52  ASP A OD1 1 
ATOM   394  O  OD2 . ASP A 1 52  ? 5.731   -12.155 6.066   1.00 14.57 ? 52  ASP A OD2 1 
ATOM   395  N  N   . GLN A 1 53  ? 8.046   -14.780 2.547   1.00 13.54 ? 53  GLN A N   1 
ATOM   396  C  CA  . GLN A 1 53  ? 9.468   -15.114 2.411   1.00 14.40 ? 53  GLN A CA  1 
ATOM   397  C  C   . GLN A 1 53  ? 10.353  -13.875 2.535   1.00 13.06 ? 53  GLN A C   1 
ATOM   398  O  O   . GLN A 1 53  ? 11.449  -13.796 1.958   1.00 13.33 ? 53  GLN A O   1 
ATOM   399  C  CB  . GLN A 1 53  ? 9.723   -15.840 1.088   1.00 14.49 ? 53  GLN A CB  1 
ATOM   400  C  CG  . GLN A 1 53  ? 8.877   -17.073 0.903   1.00 18.32 ? 53  GLN A CG  1 
ATOM   401  C  CD  . GLN A 1 53  ? 9.064   -17.723 -0.457  1.00 21.89 ? 53  GLN A CD  1 
ATOM   402  O  OE1 . GLN A 1 53  ? 9.090   -17.038 -1.491  1.00 25.15 ? 53  GLN A OE1 1 
ATOM   403  N  NE2 . GLN A 1 53  ? 9.187   -19.044 -0.462  1.00 27.24 ? 53  GLN A NE2 1 
ATOM   404  N  N   . GLY A 1 54  ? 9.894   -12.920 3.340   1.00 12.47 ? 54  GLY A N   1 
ATOM   405  C  CA  . GLY A 1 54  ? 10.619  -11.704 3.601   1.00 12.69 ? 54  GLY A CA  1 
ATOM   406  C  C   . GLY A 1 54  ? 9.920   -10.455 3.103   1.00 12.55 ? 54  GLY A C   1 
ATOM   407  O  O   . GLY A 1 54  ? 10.571  -9.520  2.674   1.00 12.71 ? 54  GLY A O   1 
ATOM   408  N  N   . LEU A 1 55  ? 8.602   -10.426 3.210   1.00 12.20 ? 55  LEU A N   1 
ATOM   409  C  CA  . LEU A 1 55  ? 7.823   -9.299  2.708   1.00 12.21 ? 55  LEU A CA  1 
ATOM   410  C  C   . LEU A 1 55  ? 8.152   -8.007  3.437   1.00 12.44 ? 55  LEU A C   1 
ATOM   411  O  O   . LEU A 1 55  ? 8.498   -8.021  4.617   1.00 12.76 ? 55  LEU A O   1 
ATOM   412  C  CB  . LEU A 1 55  ? 6.340   -9.603  2.872   1.00 12.03 ? 55  LEU A CB  1 
ATOM   413  C  CG  . LEU A 1 55  ? 5.809   -10.762 2.053   1.00 11.85 ? 55  LEU A CG  1 
ATOM   414  C  CD1 . LEU A 1 55  ? 4.437   -11.138 2.544   1.00 10.82 ? 55  LEU A CD1 1 
ATOM   415  C  CD2 . LEU A 1 55  ? 5.821   -10.449 0.556   1.00 12.18 ? 55  LEU A CD2 1 
ATOM   416  N  N   . ILE A 1 56  ? 8.008   -6.867  2.758   1.00 11.47 ? 56  ILE A N   1 
ATOM   417  C  CA  . ILE A 1 56  ? 8.210   -5.577  3.429   1.00 11.84 ? 56  ILE A CA  1 
ATOM   418  C  C   . ILE A 1 56  ? 7.184   -5.302  4.535   1.00 11.46 ? 56  ILE A C   1 
ATOM   419  O  O   . ILE A 1 56  ? 7.412   -4.480  5.416   1.00 12.61 ? 56  ILE A O   1 
ATOM   420  C  CB  . ILE A 1 56  ? 8.252   -4.381  2.434   1.00 11.51 ? 56  ILE A CB  1 
ATOM   421  C  CG1 . ILE A 1 56  ? 6.946   -4.236  1.640   1.00 11.88 ? 56  ILE A CG1 1 
ATOM   422  C  CG2 . ILE A 1 56  ? 9.458   -4.501  1.489   1.00 11.14 ? 56  ILE A CG2 1 
ATOM   423  C  CD1 . ILE A 1 56  ? 6.813   -2.879  0.966   1.00 12.13 ? 56  ILE A CD1 1 
ATOM   424  N  N   . CYS A 1 57  ? 6.040   -5.982  4.465   1.00 11.16 ? 57  CYS A N   1 
ATOM   425  C  CA  . CYS A 1 57  ? 5.012   -5.897  5.494   1.00 11.88 ? 57  CYS A CA  1 
ATOM   426  C  C   . CYS A 1 57  ? 4.560   -7.292  5.865   1.00 12.40 ? 57  CYS A C   1 
ATOM   427  O  O   . CYS A 1 57  ? 3.930   -8.003  5.094   1.00 12.72 ? 57  CYS A O   1 
ATOM   428  C  CB  . CYS A 1 57  ? 3.819   -5.069  5.022   1.00 11.94 ? 57  CYS A CB  1 
ATOM   429  S  SG  . CYS A 1 57  ? 2.626   -4.778  6.337   1.00 13.66 ? 57  CYS A SG  1 
ATOM   430  N  N   . HIS A 1 58  ? 4.890   -7.705  7.081   1.00 13.17 ? 58  HIS A N   1 
ATOM   431  C  CA  . HIS A 1 58  ? 4.543   -9.038  7.522   1.00 13.67 ? 58  HIS A CA  1 
ATOM   432  C  C   . HIS A 1 58  ? 3.141   -9.136  8.053   1.00 14.77 ? 58  HIS A C   1 
ATOM   433  O  O   . HIS A 1 58  ? 2.709   -10.225 8.408   1.00 16.32 ? 58  HIS A O   1 
ATOM   434  C  CB  . HIS A 1 58  ? 5.534   -9.491  8.592   1.00 14.10 ? 58  HIS A CB  1 
ATOM   435  C  CG  . HIS A 1 58  ? 6.951   -9.527  8.114   1.00 14.39 ? 58  HIS A CG  1 
ATOM   436  N  ND1 . HIS A 1 58  ? 7.396   -10.446 7.185   1.00 16.80 ? 58  HIS A ND1 1 
ATOM   437  C  CD2 . HIS A 1 58  ? 8.025   -8.770  8.439   1.00 16.94 ? 58  HIS A CD2 1 
ATOM   438  C  CE1 . HIS A 1 58  ? 8.681   -10.245 6.956   1.00 17.06 ? 58  HIS A CE1 1 
ATOM   439  N  NE2 . HIS A 1 58  ? 9.087   -9.236  7.703   1.00 16.81 ? 58  HIS A NE2 1 
ATOM   440  N  N   . ASP A 1 59  ? 2.419   -8.019  8.079   1.00 14.11 ? 59  ASP A N   1 
ATOM   441  C  CA  . ASP A 1 59  ? 1.032   -7.986  8.533   1.00 14.90 ? 59  ASP A CA  1 
ATOM   442  C  C   . ASP A 1 59  ? 0.043   -7.973  7.375   1.00 13.43 ? 59  ASP A C   1 
ATOM   443  O  O   . ASP A 1 59  ? -1.133  -7.724  7.582   1.00 13.99 ? 59  ASP A O   1 
ATOM   444  C  CB  . ASP A 1 59  ? 0.807   -6.761  9.430   1.00 15.06 ? 59  ASP A CB  1 
ATOM   445  C  CG  . ASP A 1 59  ? 1.664   -6.790  10.688  1.00 20.15 ? 59  ASP A CG  1 
ATOM   446  O  OD1 . ASP A 1 59  ? 1.879   -7.898  11.216  1.00 24.40 ? 59  ASP A OD1 1 
ATOM   447  O  OD2 . ASP A 1 59  ? 2.153   -5.757  11.191  1.00 25.92 ? 59  ASP A OD2 1 
ATOM   448  N  N   . ALA A 1 60  ? 0.529   -8.227  6.156   1.00 11.99 ? 60  ALA A N   1 
ATOM   449  C  CA  . ALA A 1 60  ? -0.351  -8.347  4.983   1.00 11.63 ? 60  ALA A CA  1 
ATOM   450  C  C   . ALA A 1 60  ? 0.215   -9.404  4.068   1.00 11.35 ? 60  ALA A C   1 
ATOM   451  O  O   . ALA A 1 60  ? 1.391   -9.768  4.175   1.00 11.93 ? 60  ALA A O   1 
ATOM   452  C  CB  . ALA A 1 60  ? -0.463  -7.020  4.264   1.00 11.72 ? 60  ALA A CB  1 
ATOM   453  N  N   . PHE A 1 61  ? -0.605  -9.902  3.155   1.00 10.97 ? 61  PHE A N   1 
ATOM   454  C  CA  . PHE A 1 61  ? -0.175  -10.961 2.253   1.00 10.76 ? 61  PHE A CA  1 
ATOM   455  C  C   . PHE A 1 61  ? 0.721   -10.408 1.138   1.00 10.72 ? 61  PHE A C   1 
ATOM   456  O  O   . PHE A 1 61  ? 0.709   -9.212  0.844   1.00 11.18 ? 61  PHE A O   1 
ATOM   457  C  CB  . PHE A 1 61  ? -1.376  -11.671 1.649   1.00 11.34 ? 61  PHE A CB  1 
ATOM   458  C  CG  . PHE A 1 61  ? -2.206  -12.440 2.655   1.00 11.04 ? 61  PHE A CG  1 
ATOM   459  C  CD1 . PHE A 1 61  ? -1.623  -13.421 3.445   1.00 13.18 ? 61  PHE A CD1 1 
ATOM   460  C  CD2 . PHE A 1 61  ? -3.560  -12.191 2.796   1.00 12.50 ? 61  PHE A CD2 1 
ATOM   461  C  CE1 . PHE A 1 61  ? -2.393  -14.133 4.363   1.00 14.83 ? 61  PHE A CE1 1 
ATOM   462  C  CE2 . PHE A 1 61  ? -4.321  -12.904 3.681   1.00 13.85 ? 61  PHE A CE2 1 
ATOM   463  C  CZ  . PHE A 1 61  ? -3.733  -13.859 4.490   1.00 15.21 ? 61  PHE A CZ  1 
ATOM   464  N  N   . CYS A 1 62  ? 1.485   -11.297 0.519   1.00 11.24 ? 62  CYS A N   1 
ATOM   465  C  CA  . CYS A 1 62  ? 2.226   -10.965 -0.668  1.00 11.32 ? 62  CYS A CA  1 
ATOM   466  C  C   . CYS A 1 62  ? 1.238   -10.497 -1.732  1.00 10.59 ? 62  CYS A C   1 
ATOM   467  O  O   . CYS A 1 62  ? 0.232   -11.156 -1.998  1.00 10.67 ? 62  CYS A O   1 
ATOM   468  C  CB  . CYS A 1 62  ? 3.013   -12.181 -1.133  1.00 11.41 ? 62  CYS A CB  1 
ATOM   469  S  SG  . CYS A 1 62  ? 4.045   -11.877 -2.583  1.00 13.75 ? 62  CYS A SG  1 
ATOM   470  N  N   . GLY A 1 63  ? 1.535   -9.344  -2.320  1.00 10.10 ? 63  GLY A N   1 
ATOM   471  C  CA  . GLY A 1 63  ? 0.677   -8.751  -3.323  1.00 9.98  ? 63  GLY A CA  1 
ATOM   472  C  C   . GLY A 1 63  ? -0.366  -7.792  -2.789  1.00 9.99  ? 63  GLY A C   1 
ATOM   473  O  O   . GLY A 1 63  ? -1.184  -7.282  -3.560  1.00 10.68 ? 63  GLY A O   1 
ATOM   474  N  N   . ALA A 1 64  ? -0.352  -7.540  -1.488  1.00 10.17 ? 64  ALA A N   1 
ATOM   475  C  CA  . ALA A 1 64  ? -1.254  -6.567  -0.893  1.00 9.98  ? 64  ALA A CA  1 
ATOM   476  C  C   . ALA A 1 64  ? -0.712  -5.162  -1.062  1.00 10.49 ? 64  ALA A C   1 
ATOM   477  O  O   . ALA A 1 64  ? 0.494   -4.955  -1.193  1.00 11.48 ? 64  ALA A O   1 
ATOM   478  C  CB  . ALA A 1 64  ? -1.452  -6.851  0.597   1.00 10.53 ? 64  ALA A CB  1 
ATOM   479  N  N   . LEU A 1 65  ? -1.595  -4.174  -1.015  1.00 9.96  ? 65  LEU A N   1 
ATOM   480  C  CA  . LEU A 1 65  ? -1.190  -2.785  -0.936  1.00 9.76  ? 65  LEU A CA  1 
ATOM   481  C  C   . LEU A 1 65  ? -0.855  -2.434  0.510   1.00 9.46  ? 65  LEU A C   1 
ATOM   482  O  O   . LEU A 1 65  ? -1.642  -2.713  1.424   1.00 9.94  ? 65  LEU A O   1 
ATOM   483  C  CB  . LEU A 1 65  ? -2.309  -1.868  -1.439  1.00 10.05 ? 65  LEU A CB  1 
ATOM   484  C  CG  . LEU A 1 65  ? -2.004  -0.368  -1.444  1.00 10.38 ? 65  LEU A CG  1 
ATOM   485  C  CD1 . LEU A 1 65  ? -0.842  -0.070  -2.369  1.00 12.09 ? 65  LEU A CD1 1 
ATOM   486  C  CD2 . LEU A 1 65  ? -3.230  0.390   -1.895  1.00 11.34 ? 65  LEU A CD2 1 
ATOM   487  N  N   . VAL A 1 66  ? 0.301   -1.815  0.718   1.00 10.27 ? 66  VAL A N   1 
ATOM   488  C  CA  . VAL A 1 66  ? 0.721   -1.309  2.018   1.00 10.59 ? 66  VAL A CA  1 
ATOM   489  C  C   . VAL A 1 66  ? 1.186   0.143   1.859   1.00 10.79 ? 66  VAL A C   1 
ATOM   490  O  O   . VAL A 1 66  ? 1.206   0.669   0.741   1.00 11.11 ? 66  VAL A O   1 
ATOM   491  C  CB  . VAL A 1 66  ? 1.808   -2.202  2.682   1.00 11.41 ? 66  VAL A CB  1 
ATOM   492  C  CG1 . VAL A 1 66  ? 1.312   -3.633  2.764   1.00 10.64 ? 66  VAL A CG1 1 
ATOM   493  C  CG2 . VAL A 1 66  ? 3.139   -2.102  1.968   1.00 10.60 ? 66  VAL A CG2 1 
ATOM   494  N  N   . MET A 1 67  ? 1.524   0.794   2.959   1.00 11.49 ? 67  MET A N   1 
ATOM   495  C  CA  . MET A 1 67  ? 1.992   2.177   2.910   1.00 11.62 ? 67  MET A CA  1 
ATOM   496  C  C   . MET A 1 67  ? 3.030   2.433   3.971   1.00 12.21 ? 67  MET A C   1 
ATOM   497  O  O   . MET A 1 67  ? 3.135   1.683   4.941   1.00 12.55 ? 67  MET A O   1 
ATOM   498  C  CB  . MET A 1 67  ? 0.826   3.180   3.078   1.00 12.51 ? 67  MET A CB  1 
ATOM   499  C  CG  . MET A 1 67  ? 0.247   3.219   4.467   1.00 12.62 ? 67  MET A CG  1 
ATOM   500  S  SD  . MET A 1 67  ? -1.147  4.348   4.590   1.00 14.43 ? 67  MET A SD  1 
ATOM   501  C  CE  . MET A 1 67  ? -1.705  3.940   6.181   1.00 15.72 ? 67  MET A CE  1 
ATOM   502  N  N   . LYS A 1 68  ? 3.768   3.518   3.778   1.00 13.32 ? 68  LYS A N   1 
ATOM   503  C  CA  . LYS A 1 68  ? 4.549   4.112   4.849   1.00 14.52 ? 68  LYS A CA  1 
ATOM   504  C  C   . LYS A 1 68  ? 4.095   5.552   4.977   1.00 14.58 ? 68  LYS A C   1 
ATOM   505  O  O   . LYS A 1 68  ? 3.738   6.181   3.982   1.00 15.21 ? 68  LYS A O   1 
ATOM   506  C  CB  . LYS A 1 68  ? 6.043   4.055   4.544   1.00 15.04 ? 68  LYS A CB  1 
ATOM   507  C  CG  . LYS A 1 68  ? 6.642   2.659   4.554   1.00 16.71 ? 68  LYS A CG  1 
ATOM   508  C  CD  . LYS A 1 68  ? 8.107   2.718   4.163   1.00 19.52 ? 68  LYS A CD  1 
ATOM   509  C  CE  . LYS A 1 68  ? 8.741   1.352   4.108   1.00 21.99 ? 68  LYS A CE  1 
ATOM   510  N  NZ  . LYS A 1 68  ? 10.228  1.525   4.022   1.00 23.77 ? 68  LYS A NZ  1 
ATOM   511  N  N   . ILE A 1 69  ? 4.080   6.043   6.204   1.00 15.06 ? 69  ILE A N   1 
ATOM   512  C  CA  . ILE A 1 69  ? 3.774   7.434   6.499   1.00 16.08 ? 69  ILE A CA  1 
ATOM   513  C  C   . ILE A 1 69  ? 5.051   8.032   7.092   1.00 17.24 ? 69  ILE A C   1 
ATOM   514  O  O   . ILE A 1 69  ? 5.485   7.616   8.162   1.00 17.63 ? 69  ILE A O   1 
ATOM   515  C  CB  . ILE A 1 69  ? 2.587   7.490   7.479   1.00 15.54 ? 69  ILE A CB  1 
ATOM   516  C  CG1 . ILE A 1 69  ? 1.319   6.943   6.794   1.00 16.31 ? 69  ILE A CG1 1 
ATOM   517  C  CG2 . ILE A 1 69  ? 2.354   8.938   7.960   1.00 15.97 ? 69  ILE A CG2 1 
ATOM   518  C  CD1 . ILE A 1 69  ? 0.114   6.837   7.700   1.00 17.64 ? 69  ILE A CD1 1 
ATOM   519  N  N   . GLY A 1 70  ? 5.636   8.981   6.379   1.00 19.16 ? 70  GLY A N   1 
ATOM   520  C  CA  . GLY A 1 70  ? 6.941   9.503   6.750   1.00 20.71 ? 70  GLY A CA  1 
ATOM   521  C  C   . GLY A 1 70  ? 7.931   8.351   6.787   1.00 22.17 ? 70  GLY A C   1 
ATOM   522  O  O   . GLY A 1 70  ? 7.967   7.526   5.864   1.00 23.62 ? 70  GLY A O   1 
ATOM   523  N  N   . ASN A 1 71  ? 8.696   8.277   7.869   1.00 23.36 ? 71  ASN A N   1 
ATOM   524  C  CA  . ASN A 1 71  ? 9.673   7.202   8.040   1.00 23.70 ? 71  ASN A CA  1 
ATOM   525  C  C   . ASN A 1 71  ? 9.141   6.037   8.859   1.00 23.31 ? 71  ASN A C   1 
ATOM   526  O  O   . ASN A 1 71  ? 9.910   5.341   9.526   1.00 24.78 ? 71  ASN A O   1 
ATOM   527  N  N   . SER A 1 72  ? 7.828   5.806   8.822   1.00 21.64 ? 72  SER A N   1 
ATOM   528  C  CA  . SER A 1 72  ? 7.234   4.719   9.575   1.00 20.30 ? 72  SER A CA  1 
ATOM   529  C  C   . SER A 1 72  ? 7.609   3.374   8.959   1.00 18.97 ? 72  SER A C   1 
ATOM   530  O  O   . SER A 1 72  ? 8.102   3.299   7.840   1.00 19.99 ? 72  SER A O   1 
ATOM   531  C  CB  . SER A 1 72  ? 5.701   4.837   9.638   1.00 20.12 ? 72  SER A CB  1 
ATOM   532  O  OG  . SER A 1 72  ? 5.098   4.430   8.411   1.00 18.73 ? 72  SER A OG  1 
ATOM   533  N  N   . GLY A 1 73  ? 7.352   2.326   9.715   1.00 18.66 ? 73  GLY A N   1 
ATOM   534  C  CA  . GLY A 1 73  ? 7.311   0.995   9.165   1.00 17.97 ? 73  GLY A CA  1 
ATOM   535  C  C   . GLY A 1 73  ? 6.089   0.857   8.276   1.00 16.72 ? 73  GLY A C   1 
ATOM   536  O  O   . GLY A 1 73  ? 5.211   1.725   8.238   1.00 17.32 ? 73  GLY A O   1 
ATOM   537  N  N   . THR A 1 74  ? 6.021   -0.248  7.562   1.00 15.48 ? 74  THR A N   1 
ATOM   538  C  CA  . THR A 1 74  ? 4.889   -0.487  6.679   1.00 14.49 ? 74  THR A CA  1 
ATOM   539  C  C   . THR A 1 74  ? 3.615   -0.739  7.475   1.00 14.12 ? 74  THR A C   1 
ATOM   540  O  O   . THR A 1 74  ? 3.639   -1.363  8.539   1.00 14.86 ? 74  THR A O   1 
ATOM   541  C  CB  . THR A 1 74  ? 5.144   -1.691  5.775   1.00 14.29 ? 74  THR A CB  1 
ATOM   542  O  OG1 . THR A 1 74  ? 5.562   -2.811  6.566   1.00 14.79 ? 74  THR A OG1 1 
ATOM   543  C  CG2 . THR A 1 74  ? 6.286   -1.423  4.790   1.00 14.40 ? 74  THR A CG2 1 
ATOM   544  N  N   . ILE A 1 75  ? 2.503   -0.280  6.911   1.00 13.28 ? 75  ILE A N   1 
ATOM   545  C  CA  . ILE A 1 75  ? 1.171   -0.381  7.504   1.00 13.38 ? 75  ILE A CA  1 
ATOM   546  C  C   . ILE A 1 75  ? 0.283   -0.976  6.415   1.00 12.26 ? 75  ILE A C   1 
ATOM   547  O  O   . ILE A 1 75  ? 0.277   -0.459  5.295   1.00 12.69 ? 75  ILE A O   1 
ATOM   548  C  CB  . ILE A 1 75  ? 0.653   1.026   7.870   1.00 14.05 ? 75  ILE A CB  1 
ATOM   549  C  CG1 . ILE A 1 75  ? 1.548   1.668   8.940   1.00 15.66 ? 75  ILE A CG1 1 
ATOM   550  C  CG2 . ILE A 1 75  ? -0.776  0.956   8.332   1.00 15.21 ? 75  ILE A CG2 1 
ATOM   551  C  CD1 . ILE A 1 75  ? 1.264   3.111   9.174   1.00 16.96 ? 75  ILE A CD1 1 
ATOM   552  N  N   . PRO A 1 76  ? -0.452  -2.053  6.692   1.00 11.97 ? 76  PRO A N   1 
ATOM   553  C  CA  . PRO A 1 76  ? -1.375  -2.571  5.676   1.00 11.97 ? 76  PRO A CA  1 
ATOM   554  C  C   . PRO A 1 76  ? -2.443  -1.563  5.230   1.00 11.72 ? 76  PRO A C   1 
ATOM   555  O  O   . PRO A 1 76  ? -3.014  -0.846  6.051   1.00 12.67 ? 76  PRO A O   1 
ATOM   556  C  CB  . PRO A 1 76  ? -2.024  -3.785  6.353   1.00 12.69 ? 76  PRO A CB  1 
ATOM   557  C  CG  . PRO A 1 76  ? -1.057  -4.164  7.434   1.00 12.44 ? 76  PRO A CG  1 
ATOM   558  C  CD  . PRO A 1 76  ? -0.459  -2.883  7.916   1.00 12.58 ? 76  PRO A CD  1 
ATOM   559  N  N   . VAL A 1 77  ? -2.705  -1.539  3.928   1.00 10.91 ? 77  VAL A N   1 
ATOM   560  C  CA  . VAL A 1 77  ? -3.827  -0.811  3.361   1.00 10.57 ? 77  VAL A CA  1 
ATOM   561  C  C   . VAL A 1 77  ? -4.870  -1.785  2.820   1.00 9.85  ? 77  VAL A C   1 
ATOM   562  O  O   . VAL A 1 77  ? -6.065  -1.607  3.057   1.00 10.41 ? 77  VAL A O   1 
ATOM   563  C  CB  . VAL A 1 77  ? -3.358  0.144   2.249   1.00 10.58 ? 77  VAL A CB  1 
ATOM   564  C  CG1 . VAL A 1 77  ? -4.547  0.826   1.576   1.00 11.74 ? 77  VAL A CG1 1 
ATOM   565  C  CG2 . VAL A 1 77  ? -2.418  1.193   2.838   1.00 11.11 ? 77  VAL A CG2 1 
ATOM   566  N  N   . ASN A 1 78  ? -4.441  -2.822  2.104   1.00 9.95  ? 78  ASN A N   1 
ATOM   567  C  CA  . ASN A 1 78  ? -5.348  -3.786  1.522   1.00 10.09 ? 78  ASN A CA  1 
ATOM   568  C  C   . ASN A 1 78  ? -6.341  -3.067  0.611   1.00 10.06 ? 78  ASN A C   1 
ATOM   569  O  O   . ASN A 1 78  ? -5.916  -2.233  -0.201  1.00 10.32 ? 78  ASN A O   1 
ATOM   570  C  CB  . ASN A 1 78  ? -5.980  -4.638  2.619   1.00 10.58 ? 78  ASN A CB  1 
ATOM   571  C  CG  . ASN A 1 78  ? -4.961  -5.487  3.331   1.00 9.94  ? 78  ASN A CG  1 
ATOM   572  O  OD1 . ASN A 1 78  ? -4.232  -6.250  2.697   1.00 11.75 ? 78  ASN A OD1 1 
ATOM   573  N  ND2 . ASN A 1 78  ? -4.884  -5.357  4.655   1.00 11.98 ? 78  ASN A ND2 1 
ATOM   574  N  N   . THR A 1 79  ? -7.634  -3.367  0.715   1.00 9.68  ? 79  THR A N   1 
ATOM   575  C  CA  . THR A 1 79  ? -8.626  -2.686  -0.112  1.00 9.64  ? 79  THR A CA  1 
ATOM   576  C  C   . THR A 1 79  ? -8.839  -1.216  0.248   1.00 9.74  ? 79  THR A C   1 
ATOM   577  O  O   . THR A 1 79  ? -9.482  -0.467  -0.508  1.00 10.47 ? 79  THR A O   1 
ATOM   578  C  CB  . THR A 1 79  ? -9.962  -3.385  -0.038  1.00 10.48 ? 79  THR A CB  1 
ATOM   579  O  OG1 . THR A 1 79  ? -10.395 -3.415  1.326   1.00 11.36 ? 79  THR A OG1 1 
ATOM   580  C  CG2 . THR A 1 79  ? -9.904  -4.843  -0.496  1.00 11.48 ? 79  THR A CG2 1 
ATOM   581  N  N   . GLY A 1 80  ? -8.355  -0.797  1.406   1.00 9.59  ? 80  GLY A N   1 
ATOM   582  C  CA  . GLY A 1 80  ? -8.559  0.562   1.859   1.00 10.41 ? 80  GLY A CA  1 
ATOM   583  C  C   . GLY A 1 80  ? -8.749  0.687   3.353   1.00 11.56 ? 80  GLY A C   1 
ATOM   584  O  O   . GLY A 1 80  ? -8.737  -0.282  4.099   1.00 11.87 ? 80  GLY A O   1 
ATOM   585  N  N   . LEU A 1 81  ? -8.872  1.937   3.766   1.00 11.91 ? 81  LEU A N   1 
ATOM   586  C  CA  . LEU A 1 81  ? -9.000  2.311   5.174   1.00 12.62 ? 81  LEU A CA  1 
ATOM   587  C  C   . LEU A 1 81  ? -10.144 3.299   5.249   1.00 12.46 ? 81  LEU A C   1 
ATOM   588  O  O   . LEU A 1 81  ? -10.224 4.200   4.444   1.00 13.07 ? 81  LEU A O   1 
ATOM   589  C  CB  . LEU A 1 81  ? -7.703  2.946   5.674   1.00 13.96 ? 81  LEU A CB  1 
ATOM   590  C  CG  . LEU A 1 81  ? -6.445  2.055   5.607   1.00 16.20 ? 81  LEU A CG  1 
ATOM   591  C  CD1 . LEU A 1 81  ? -5.191  2.865   5.972   1.00 19.02 ? 81  LEU A CD1 1 
ATOM   592  C  CD2 . LEU A 1 81  ? -6.572  0.839   6.482   1.00 17.82 ? 81  LEU A CD2 1 
ATOM   593  N  N   . PHE A 1 82  ? -11.053 3.110   6.201   1.00 12.13 ? 82  PHE A N   1 
ATOM   594  C  CA  . PHE A 1 82  ? -12.247 3.938   6.309   1.00 11.81 ? 82  PHE A CA  1 
ATOM   595  C  C   . PHE A 1 82  ? -12.175 4.825   7.546   1.00 11.94 ? 82  PHE A C   1 
ATOM   596  O  O   . PHE A 1 82  ? -12.170 4.331   8.662   1.00 13.02 ? 82  PHE A O   1 
ATOM   597  C  CB  . PHE A 1 82  ? -13.481 3.047   6.394   1.00 11.38 ? 82  PHE A CB  1 
ATOM   598  C  CG  . PHE A 1 82  ? -14.778 3.809   6.447   1.00 11.20 ? 82  PHE A CG  1 
ATOM   599  C  CD1 . PHE A 1 82  ? -15.359 4.279   5.283   1.00 12.89 ? 82  PHE A CD1 1 
ATOM   600  C  CD2 . PHE A 1 82  ? -15.424 4.058   7.650   1.00 11.42 ? 82  PHE A CD2 1 
ATOM   601  C  CE1 . PHE A 1 82  ? -16.559 4.977   5.312   1.00 14.46 ? 82  PHE A CE1 1 
ATOM   602  C  CE2 . PHE A 1 82  ? -16.631 4.767   7.664   1.00 12.95 ? 82  PHE A CE2 1 
ATOM   603  C  CZ  . PHE A 1 82  ? -17.189 5.219   6.506   1.00 14.55 ? 82  PHE A CZ  1 
ATOM   604  N  N   . ARG A 1 83  ? -12.079 6.140   7.313   1.00 12.77 ? 83  ARG A N   1 
ATOM   605  C  CA  . ARG A 1 83  ? -12.052 7.140   8.392   1.00 13.43 ? 83  ARG A CA  1 
ATOM   606  C  C   . ARG A 1 83  ? -11.047 6.748   9.487   1.00 13.40 ? 83  ARG A C   1 
ATOM   607  O  O   . ARG A 1 83  ? -11.373 6.591   10.669  1.00 15.07 ? 83  ARG A O   1 
ATOM   608  C  CB  . ARG A 1 83  ? -13.453 7.362   8.946   1.00 13.76 ? 83  ARG A CB  1 
ATOM   609  C  CG  . ARG A 1 83  ? -14.412 7.905   7.935   1.00 16.14 ? 83  ARG A CG  1 
ATOM   610  C  CD  . ARG A 1 83  ? -15.772 8.078   8.536   1.00 18.54 ? 83  ARG A CD  1 
ATOM   611  N  NE  . ARG A 1 83  ? -16.714 8.598   7.577   1.00 20.70 ? 83  ARG A NE  1 
ATOM   612  C  CZ  . ARG A 1 83  ? -18.001 8.836   7.863   1.00 20.37 ? 83  ARG A CZ  1 
ATOM   613  N  NH1 . ARG A 1 83  ? -18.490 8.598   9.077   1.00 23.67 ? 83  ARG A NH1 1 
ATOM   614  N  NH2 . ARG A 1 83  ? -18.795 9.314   6.926   1.00 20.67 ? 83  ARG A NH2 1 
ATOM   615  N  N   . TRP A 1 84  ? -9.806  6.596   9.038   1.00 13.23 ? 84  TRP A N   1 
ATOM   616  C  CA  . TRP A 1 84  ? -8.716  5.987   9.775   1.00 13.70 ? 84  TRP A CA  1 
ATOM   617  C  C   . TRP A 1 84  ? -7.783  7.038   10.359  1.00 13.94 ? 84  TRP A C   1 
ATOM   618  O  O   . TRP A 1 84  ? -7.471  8.021   9.707   1.00 13.30 ? 84  TRP A O   1 
ATOM   619  C  CB  . TRP A 1 84  ? -7.961  5.068   8.813   1.00 14.55 ? 84  TRP A CB  1 
ATOM   620  C  CG  . TRP A 1 84  ? -6.795  4.315   9.345   1.00 14.58 ? 84  TRP A CG  1 
ATOM   621  C  CD1 . TRP A 1 84  ? -6.793  3.030   9.825   1.00 15.00 ? 84  TRP A CD1 1 
ATOM   622  C  CD2 . TRP A 1 84  ? -5.421  4.724   9.314   1.00 13.52 ? 84  TRP A CD2 1 
ATOM   623  N  NE1 . TRP A 1 84  ? -5.515  2.644   10.148  1.00 15.70 ? 84  TRP A NE1 1 
ATOM   624  C  CE2 . TRP A 1 84  ? -4.649  3.656   9.842   1.00 14.75 ? 84  TRP A CE2 1 
ATOM   625  C  CE3 . TRP A 1 84  ? -4.761  5.890   8.908   1.00 16.10 ? 84  TRP A CE3 1 
ATOM   626  C  CZ2 . TRP A 1 84  ? -3.265  3.726   9.968   1.00 15.15 ? 84  TRP A CZ2 1 
ATOM   627  C  CZ3 . TRP A 1 84  ? -3.380  5.955   9.019   1.00 15.72 ? 84  TRP A CZ3 1 
ATOM   628  C  CH2 . TRP A 1 84  ? -2.643  4.875   9.557   1.00 16.20 ? 84  TRP A CH2 1 
ATOM   629  N  N   . VAL A 1 85  ? -7.332  6.783   11.585  1.00 15.15 ? 85  VAL A N   1 
ATOM   630  C  CA  . VAL A 1 85  ? -6.375  7.614   12.288  1.00 16.00 ? 85  VAL A CA  1 
ATOM   631  C  C   . VAL A 1 85  ? -5.118  6.788   12.524  1.00 16.93 ? 85  VAL A C   1 
ATOM   632  O  O   . VAL A 1 85  ? -5.202  5.619   12.912  1.00 17.19 ? 85  VAL A O   1 
ATOM   633  C  CB  . VAL A 1 85  ? -6.989  8.070   13.631  1.00 16.72 ? 85  VAL A CB  1 
ATOM   634  C  CG1 . VAL A 1 85  ? -6.002  8.883   14.445  1.00 17.05 ? 85  VAL A CG1 1 
ATOM   635  C  CG2 . VAL A 1 85  ? -8.250  8.865   13.373  1.00 17.46 ? 85  VAL A CG2 1 
ATOM   636  N  N   . ALA A 1 86  ? -3.964  7.400   12.301  1.00 17.95 ? 86  ALA A N   1 
ATOM   637  C  CA  . ALA A 1 86  ? -2.682  6.720   12.451  1.00 19.16 ? 86  ALA A CA  1 
ATOM   638  C  C   . ALA A 1 86  ? -2.335  6.545   13.918  1.00 20.53 ? 86  ALA A C   1 
ATOM   639  O  O   . ALA A 1 86  ? -2.841  7.277   14.769  1.00 20.92 ? 86  ALA A O   1 
ATOM   640  C  CB  . ALA A 1 86  ? -1.598  7.516   11.775  1.00 19.03 ? 86  ALA A CB  1 
ATOM   641  N  N   . PRO A 1 87  ? -1.448  5.596   14.210  1.00 22.03 ? 87  PRO A N   1 
ATOM   642  C  CA  . PRO A 1 87  ? -0.915  5.452   15.572  1.00 23.34 ? 87  PRO A CA  1 
ATOM   643  C  C   . PRO A 1 87  ? -0.199  6.714   16.039  1.00 24.38 ? 87  PRO A C   1 
ATOM   644  O  O   . PRO A 1 87  ? 0.182   7.558   15.221  1.00 23.92 ? 87  PRO A O   1 
ATOM   645  C  CB  . PRO A 1 87  ? 0.075   4.292   15.441  1.00 23.58 ? 87  PRO A CB  1 
ATOM   646  C  CG  . PRO A 1 87  ? -0.352  3.547   14.234  1.00 23.27 ? 87  PRO A CG  1 
ATOM   647  C  CD  . PRO A 1 87  ? -0.904  4.578   13.292  1.00 22.48 ? 87  PRO A CD  1 
ATOM   648  N  N   . ASN A 1 88  ? -0.022  6.846   17.350  1.00 26.13 ? 88  ASN A N   1 
ATOM   649  C  CA  . ASN A 1 88  ? 0.660   8.011   17.904  1.00 27.48 ? 88  ASN A CA  1 
ATOM   650  C  C   . ASN A 1 88  ? 2.058   8.157   17.310  1.00 27.50 ? 88  ASN A C   1 
ATOM   651  O  O   . ASN A 1 88  ? 2.731   7.159   17.024  1.00 27.56 ? 88  ASN A O   1 
ATOM   652  C  CB  . ASN A 1 88  ? 0.760   7.913   19.433  1.00 28.46 ? 88  ASN A CB  1 
ATOM   653  C  CG  . ASN A 1 88  ? -0.597  7.982   20.127  1.00 31.22 ? 88  ASN A CG  1 
ATOM   654  O  OD1 . ASN A 1 88  ? -1.625  8.271   19.504  1.00 35.33 ? 88  ASN A OD1 1 
ATOM   655  N  ND2 . ASN A 1 88  ? -0.606  7.710   21.432  1.00 34.86 ? 88  ASN A ND2 1 
ATOM   656  N  N   . ASN A 1 89  ? 2.467   9.406   17.104  1.00 27.55 ? 89  ASN A N   1 
ATOM   657  C  CA  . ASN A 1 89  ? 3.799   9.746   16.587  1.00 27.90 ? 89  ASN A CA  1 
ATOM   658  C  C   . ASN A 1 89  ? 4.043   9.390   15.107  1.00 26.79 ? 89  ASN A C   1 
ATOM   659  O  O   . ASN A 1 89  ? 5.163   9.523   14.618  1.00 28.48 ? 89  ASN A O   1 
ATOM   660  C  CB  . ASN A 1 89  ? 4.926   9.147   17.461  1.00 28.27 ? 89  ASN A CB  1 
ATOM   661  C  CG  . ASN A 1 89  ? 4.686   9.337   18.957  1.00 30.49 ? 89  ASN A CG  1 
ATOM   662  O  OD1 . ASN A 1 89  ? 4.655   8.364   19.722  1.00 34.19 ? 89  ASN A OD1 1 
ATOM   663  N  ND2 . ASN A 1 89  ? 4.519   10.582  19.378  1.00 31.71 ? 89  ASN A ND2 1 
ATOM   664  N  N   . VAL A 1 90  ? 3.007   8.957   14.388  1.00 24.79 ? 90  VAL A N   1 
ATOM   665  C  CA  . VAL A 1 90  ? 3.135   8.632   12.967  1.00 23.50 ? 90  VAL A CA  1 
ATOM   666  C  C   . VAL A 1 90  ? 2.650   9.830   12.154  1.00 22.81 ? 90  VAL A C   1 
ATOM   667  O  O   . VAL A 1 90  ? 1.513   10.281  12.326  1.00 22.04 ? 90  VAL A O   1 
ATOM   668  C  CB  . VAL A 1 90  ? 2.327   7.362   12.607  1.00 23.60 ? 90  VAL A CB  1 
ATOM   669  C  CG1 . VAL A 1 90  ? 2.235   7.159   11.094  1.00 22.87 ? 90  VAL A CG1 1 
ATOM   670  C  CG2 . VAL A 1 90  ? 2.946   6.126   13.264  1.00 23.62 ? 90  VAL A CG2 1 
ATOM   671  N  N   . GLN A 1 91  ? 3.514   10.347  11.291  1.00 21.83 ? 91  GLN A N   1 
ATOM   672  C  CA  . GLN A 1 91  ? 3.200   11.507  10.457  1.00 21.72 ? 91  GLN A CA  1 
ATOM   673  C  C   . GLN A 1 91  ? 4.177   11.652  9.289   1.00 20.44 ? 91  GLN A C   1 
ATOM   674  O  O   . GLN A 1 91  ? 5.293   11.111  9.322   1.00 20.95 ? 91  GLN A O   1 
ATOM   675  C  CB  . GLN A 1 91  ? 3.192   12.791  11.303  1.00 22.23 ? 91  GLN A CB  1 
ATOM   676  C  CG  . GLN A 1 91  ? 4.531   13.165  11.908  1.00 25.03 ? 91  GLN A CG  1 
ATOM   677  C  CD  . GLN A 1 91  ? 4.411   14.308  12.904  1.00 28.78 ? 91  GLN A CD  1 
ATOM   678  O  OE1 . GLN A 1 91  ? 4.412   14.084  14.114  1.00 33.22 ? 91  GLN A OE1 1 
ATOM   679  N  NE2 . GLN A 1 91  ? 4.278   15.524  12.397  1.00 32.89 ? 91  GLN A NE2 1 
ATOM   680  N  N   . GLY A 1 92  ? 3.756   12.349  8.241   1.00 19.38 ? 92  GLY A N   1 
ATOM   681  C  CA  . GLY A 1 92  ? 4.575   12.575  7.069   1.00 18.46 ? 92  GLY A CA  1 
ATOM   682  C  C   . GLY A 1 92  ? 3.916   12.168  5.766   1.00 18.18 ? 92  GLY A C   1 
ATOM   683  O  O   . GLY A 1 92  ? 2.742   11.774  5.750   1.00 17.60 ? 92  GLY A O   1 
ATOM   684  N  N   . ALA A 1 93  ? 4.671   12.245  4.675   1.00 18.04 ? 93  ALA A N   1 
ATOM   685  C  CA  . ALA A 1 93  ? 4.164   11.909  3.356   1.00 17.43 ? 93  ALA A CA  1 
ATOM   686  C  C   . ALA A 1 93  ? 3.743   10.447  3.295   1.00 16.88 ? 93  ALA A C   1 
ATOM   687  O  O   . ALA A 1 93  ? 4.433   9.567   3.829   1.00 16.56 ? 93  ALA A O   1 
ATOM   688  C  CB  . ALA A 1 93  ? 5.225   12.177  2.265   1.00 18.46 ? 93  ALA A CB  1 
ATOM   689  N  N   . ILE A 1 94  ? 2.633   10.189  2.616   1.00 15.80 ? 94  ILE A N   1 
ATOM   690  C  CA  . ILE A 1 94  ? 2.179   8.814   2.410   1.00 15.30 ? 94  ILE A CA  1 
ATOM   691  C  C   . ILE A 1 94  ? 2.780   8.294   1.118   1.00 14.48 ? 94  ILE A C   1 
ATOM   692  O  O   . ILE A 1 94  ? 2.586   8.872   0.049   1.00 14.76 ? 94  ILE A O   1 
ATOM   693  C  CB  . ILE A 1 94  ? 0.643   8.709   2.343   1.00 15.07 ? 94  ILE A CB  1 
ATOM   694  C  CG1 . ILE A 1 94  ? 0.037   9.225   3.636   1.00 14.94 ? 94  ILE A CG1 1 
ATOM   695  C  CG2 . ILE A 1 94  ? 0.237   7.243   2.083   1.00 16.09 ? 94  ILE A CG2 1 
ATOM   696  C  CD1 . ILE A 1 94  ? -1.479  9.095   3.728   1.00 14.81 ? 94  ILE A CD1 1 
ATOM   697  N  N   . THR A 1 95  ? 3.506   7.177   1.226   1.00 13.98 ? 95  THR A N   1 
ATOM   698  C  CA  . THR A 1 95  ? 4.005   6.428   0.090   1.00 13.79 ? 95  THR A CA  1 
ATOM   699  C  C   . THR A 1 95  ? 3.285   5.080   0.064   1.00 13.15 ? 95  THR A C   1 
ATOM   700  O  O   . THR A 1 95  ? 3.202   4.400   1.089   1.00 13.58 ? 95  THR A O   1 
ATOM   701  C  CB  . THR A 1 95  ? 5.503   6.201   0.248   1.00 13.78 ? 95  THR A CB  1 
ATOM   702  O  OG1 . THR A 1 95  ? 6.176   7.469   0.184   1.00 16.50 ? 95  THR A OG1 1 
ATOM   703  C  CG2 . THR A 1 95  ? 6.062   5.410   -0.908  1.00 15.09 ? 95  THR A CG2 1 
ATOM   704  N  N   . LEU A 1 96  ? 2.741   4.742   -1.088  1.00 12.60 ? 96  LEU A N   1 
ATOM   705  C  CA  . LEU A 1 96  ? 2.057   3.474   -1.297  1.00 12.22 ? 96  LEU A CA  1 
ATOM   706  C  C   . LEU A 1 96  ? 2.994   2.476   -1.956  1.00 12.38 ? 96  LEU A C   1 
ATOM   707  O  O   . LEU A 1 96  ? 3.737   2.819   -2.864  1.00 12.61 ? 96  LEU A O   1 
ATOM   708  C  CB  . LEU A 1 96  ? 0.844   3.690   -2.199  1.00 12.65 ? 96  LEU A CB  1 
ATOM   709  C  CG  . LEU A 1 96  ? -0.229  4.626   -1.637  1.00 12.76 ? 96  LEU A CG  1 
ATOM   710  C  CD1 . LEU A 1 96  ? -1.199  5.005   -2.742  1.00 13.54 ? 96  LEU A CD1 1 
ATOM   711  C  CD2 . LEU A 1 96  ? -0.946  3.951   -0.461  1.00 14.30 ? 96  LEU A CD2 1 
ATOM   712  N  N   . ILE A 1 97  ? 2.951   1.226   -1.504  1.00 11.61 ? 97  ILE A N   1 
ATOM   713  C  CA  . ILE A 1 97  ? 3.875   0.204   -1.981  1.00 11.51 ? 97  ILE A CA  1 
ATOM   714  C  C   . ILE A 1 97  ? 3.192   -1.143  -2.114  1.00 10.80 ? 97  ILE A C   1 
ATOM   715  O  O   . ILE A 1 97  ? 2.415   -1.554  -1.263  1.00 10.91 ? 97  ILE A O   1 
ATOM   716  C  CB  . ILE A 1 97  ? 5.106   0.062   -1.043  1.00 11.45 ? 97  ILE A CB  1 
ATOM   717  C  CG1 . ILE A 1 97  ? 5.548   1.393   -0.413  1.00 13.87 ? 97  ILE A CG1 1 
ATOM   718  C  CG2 . ILE A 1 97  ? 6.255   -0.555  -1.811  1.00 12.18 ? 97  ILE A CG2 1 
ATOM   719  C  CD1 . ILE A 1 97  ? 6.418   1.245   0.790   1.00 17.45 ? 97  ILE A CD1 1 
ATOM   720  N  N   . TYR A 1 98  ? 3.513   -1.854  -3.174  1.00 10.67 ? 98  TYR A N   1 
ATOM   721  C  CA  . TYR A 1 98  ? 3.097   -3.235  -3.357  1.00 10.16 ? 98  TYR A CA  1 
ATOM   722  C  C   . TYR A 1 98  ? 3.910   -4.097  -2.391  1.00 10.17 ? 98  TYR A C   1 
ATOM   723  O  O   . TYR A 1 98  ? 5.132   -3.913  -2.263  1.00 11.05 ? 98  TYR A O   1 
ATOM   724  C  CB  . TYR A 1 98  ? 3.387   -3.642  -4.802  1.00 10.33 ? 98  TYR A CB  1 
ATOM   725  C  CG  . TYR A 1 98  ? 2.759   -4.933  -5.269  1.00 8.40  ? 98  TYR A CG  1 
ATOM   726  C  CD1 . TYR A 1 98  ? 1.405   -5.008  -5.484  1.00 9.58  ? 98  TYR A CD1 1 
ATOM   727  C  CD2 . TYR A 1 98  ? 3.520   -6.065  -5.534  1.00 9.46  ? 98  TYR A CD2 1 
ATOM   728  C  CE1 . TYR A 1 98  ? 0.803   -6.166  -5.966  1.00 9.29  ? 98  TYR A CE1 1 
ATOM   729  C  CE2 . TYR A 1 98  ? 2.948   -7.215  -5.996  1.00 9.72  ? 98  TYR A CE2 1 
ATOM   730  C  CZ  . TYR A 1 98  ? 1.580   -7.268  -6.235  1.00 9.41  ? 98  TYR A CZ  1 
ATOM   731  O  OH  . TYR A 1 98  ? 0.997   -8.430  -6.686  1.00 11.34 ? 98  TYR A OH  1 
ATOM   732  N  N   . ASN A 1 99  ? 3.246   -5.019  -1.694  1.00 10.37 ? 99  ASN A N   1 
ATOM   733  C  CA  . ASN A 1 99  ? 3.936   -5.890  -0.729  1.00 10.48 ? 99  ASN A CA  1 
ATOM   734  C  C   . ASN A 1 99  ? 4.637   -7.059  -1.413  1.00 10.37 ? 99  ASN A C   1 
ATOM   735  O  O   . ASN A 1 99  ? 4.003   -7.989  -1.869  1.00 11.11 ? 99  ASN A O   1 
ATOM   736  C  CB  . ASN A 1 99  ? 2.924   -6.399  0.308   1.00 9.96  ? 99  ASN A CB  1 
ATOM   737  C  CG  . ASN A 1 99  ? 3.574   -6.918  1.569   1.00 10.93 ? 99  ASN A CG  1 
ATOM   738  O  OD1 . ASN A 1 99  ? 4.710   -6.528  1.895   1.00 11.01 ? 99  ASN A OD1 1 
ATOM   739  N  ND2 . ASN A 1 99  ? 2.836   -7.750  2.327   1.00 11.06 ? 99  ASN A ND2 1 
ATOM   740  N  N   . ASP A 1 100 ? 5.964   -7.003  -1.484  1.00 11.08 ? 100 ASP A N   1 
ATOM   741  C  CA  . ASP A 1 100 ? 6.742   -8.131  -1.990  1.00 11.19 ? 100 ASP A CA  1 
ATOM   742  C  C   . ASP A 1 100 ? 8.053   -8.175  -1.222  1.00 11.16 ? 100 ASP A C   1 
ATOM   743  O  O   . ASP A 1 100 ? 8.303   -7.346  -0.364  1.00 11.78 ? 100 ASP A O   1 
ATOM   744  C  CB  . ASP A 1 100 ? 6.979   -7.956  -3.503  1.00 11.77 ? 100 ASP A CB  1 
ATOM   745  C  CG  . ASP A 1 100 ? 7.182   -9.242  -4.246  1.00 13.76 ? 100 ASP A CG  1 
ATOM   746  O  OD1 . ASP A 1 100 ? 7.296   -10.334 -3.635  1.00 12.60 ? 100 ASP A OD1 1 
ATOM   747  O  OD2 . ASP A 1 100 ? 7.259   -9.239  -5.494  1.00 13.64 ? 100 ASP A OD2 1 
ATOM   748  N  N   . VAL A 1 101 ? 8.885   -9.165  -1.534  1.00 11.58 ? 101 VAL A N   1 
ATOM   749  C  CA  . VAL A 1 101 ? 10.177  -9.340  -0.891  1.00 12.66 ? 101 VAL A CA  1 
ATOM   750  C  C   . VAL A 1 101 ? 11.184  -8.401  -1.560  1.00 12.82 ? 101 VAL A C   1 
ATOM   751  O  O   . VAL A 1 101 ? 11.249  -8.348  -2.800  1.00 13.02 ? 101 VAL A O   1 
ATOM   752  C  CB  . VAL A 1 101 ? 10.608  -10.795 -1.050  1.00 13.14 ? 101 VAL A CB  1 
ATOM   753  C  CG1 . VAL A 1 101 ? 12.011  -11.009 -0.492  1.00 13.37 ? 101 VAL A CG1 1 
ATOM   754  C  CG2 . VAL A 1 101 ? 9.599   -11.719 -0.348  1.00 12.99 ? 101 VAL A CG2 1 
ATOM   755  N  N   . PRO A 1 102 ? 11.970  -7.652  -0.781  1.00 13.15 ? 102 PRO A N   1 
ATOM   756  C  CA  . PRO A 1 102 ? 13.006  -6.808  -1.388  1.00 13.46 ? 102 PRO A CA  1 
ATOM   757  C  C   . PRO A 1 102 ? 13.880  -7.582  -2.369  1.00 13.80 ? 102 PRO A C   1 
ATOM   758  O  O   . PRO A 1 102 ? 14.252  -8.738  -2.115  1.00 15.23 ? 102 PRO A O   1 
ATOM   759  C  CB  . PRO A 1 102 ? 13.803  -6.309  -0.198  1.00 13.75 ? 102 PRO A CB  1 
ATOM   760  C  CG  . PRO A 1 102 ? 12.793  -6.310  0.932   1.00 13.99 ? 102 PRO A CG  1 
ATOM   761  C  CD  . PRO A 1 102 ? 11.943  -7.490  0.684   1.00 13.13 ? 102 PRO A CD  1 
ATOM   762  N  N   . GLY A 1 103 ? 14.116  -6.965  -3.523  1.00 14.08 ? 103 GLY A N   1 
ATOM   763  C  CA  . GLY A 1 103 ? 14.909  -7.571  -4.571  1.00 14.96 ? 103 GLY A CA  1 
ATOM   764  C  C   . GLY A 1 103 ? 14.177  -8.506  -5.514  1.00 15.14 ? 103 GLY A C   1 
ATOM   765  O  O   . GLY A 1 103 ? 14.783  -9.053  -6.450  1.00 17.13 ? 103 GLY A O   1 
ATOM   766  N  N   . THR A 1 104 ? 12.863  -8.697  -5.314  1.00 14.59 ? 104 THR A N   1 
ATOM   767  C  CA  . THR A 1 104 ? 12.080  -9.614  -6.140  1.00 13.71 ? 104 THR A CA  1 
ATOM   768  C  C   . THR A 1 104 ? 10.940  -8.921  -6.883  1.00 13.14 ? 104 THR A C   1 
ATOM   769  O  O   . THR A 1 104 ? 10.050  -9.588  -7.393  1.00 13.69 ? 104 THR A O   1 
ATOM   770  C  CB  . THR A 1 104 ? 11.476  -10.770 -5.325  1.00 14.78 ? 104 THR A CB  1 
ATOM   771  O  OG1 . THR A 1 104 ? 10.411  -10.269 -4.496  1.00 15.04 ? 104 THR A OG1 1 
ATOM   772  C  CG2 . THR A 1 104 ? 12.497  -11.383 -4.393  1.00 14.89 ? 104 THR A CG2 1 
ATOM   773  N  N   . TYR A 1 105 ? 10.997  -7.596  -6.984  1.00 12.75 ? 105 TYR A N   1 
ATOM   774  C  CA  . TYR A 1 105 ? 9.937   -6.828  -7.644  1.00 12.65 ? 105 TYR A CA  1 
ATOM   775  C  C   . TYR A 1 105 ? 9.990   -6.858  -9.170  1.00 12.85 ? 105 TYR A C   1 
ATOM   776  O  O   . TYR A 1 105 ? 9.027   -6.504  -9.833  1.00 13.06 ? 105 TYR A O   1 
ATOM   777  C  CB  . TYR A 1 105 ? 9.987   -5.376  -7.194  1.00 12.43 ? 105 TYR A CB  1 
ATOM   778  C  CG  . TYR A 1 105 ? 9.399   -5.112  -5.826  1.00 12.52 ? 105 TYR A CG  1 
ATOM   779  C  CD1 . TYR A 1 105 ? 10.045  -5.509  -4.658  1.00 13.43 ? 105 TYR A CD1 1 
ATOM   780  C  CD2 . TYR A 1 105 ? 8.191   -4.440  -5.706  1.00 12.42 ? 105 TYR A CD2 1 
ATOM   781  C  CE1 . TYR A 1 105 ? 9.506   -5.231  -3.411  1.00 12.87 ? 105 TYR A CE1 1 
ATOM   782  C  CE2 . TYR A 1 105 ? 7.646   -4.144  -4.458  1.00 11.31 ? 105 TYR A CE2 1 
ATOM   783  C  CZ  . TYR A 1 105 ? 8.294   -4.552  -3.311  1.00 11.70 ? 105 TYR A CZ  1 
ATOM   784  O  OH  . TYR A 1 105 ? 7.783   -4.288  -2.048  1.00 12.08 ? 105 TYR A OH  1 
ATOM   785  N  N   . GLY A 1 106 ? 11.122  -7.279  -9.729  1.00 13.09 ? 106 GLY A N   1 
ATOM   786  C  CA  . GLY A 1 106 ? 11.321  -7.202  -11.165 1.00 13.01 ? 106 GLY A CA  1 
ATOM   787  C  C   . GLY A 1 106 ? 10.357  -7.996  -12.025 1.00 12.57 ? 106 GLY A C   1 
ATOM   788  O  O   . GLY A 1 106 ? 10.062  -7.599  -13.161 1.00 14.03 ? 106 GLY A O   1 
ATOM   789  N  N   . ASN A 1 107 ? 9.840   -9.110  -11.492 1.00 12.44 ? 107 ASN A N   1 
ATOM   790  C  CA  . ASN A 1 107 ? 8.901   -9.960  -12.215 1.00 12.56 ? 107 ASN A CA  1 
ATOM   791  C  C   . ASN A 1 107 ? 7.434   -9.628  -11.916 1.00 12.16 ? 107 ASN A C   1 
ATOM   792  O  O   . ASN A 1 107 ? 6.554   -10.362 -12.322 1.00 13.74 ? 107 ASN A O   1 
ATOM   793  C  CB  . ASN A 1 107 ? 9.168   -11.438 -11.975 1.00 12.88 ? 107 ASN A CB  1 
ATOM   794  C  CG  . ASN A 1 107 ? 8.876   -11.864 -10.562 1.00 12.99 ? 107 ASN A CG  1 
ATOM   795  O  OD1 . ASN A 1 107 ? 8.792   -11.039 -9.666  1.00 13.89 ? 107 ASN A OD1 1 
ATOM   796  N  ND2 . ASN A 1 107 ? 8.751   -13.164 -10.353 1.00 16.75 ? 107 ASN A ND2 1 
ATOM   797  N  N   . ASN A 1 108 ? 7.211   -8.492  -11.265 1.00 12.08 ? 108 ASN A N   1 
ATOM   798  C  CA  . ASN A 1 108 ? 5.859   -8.082  -10.901 1.00 12.43 ? 108 ASN A CA  1 
ATOM   799  C  C   . ASN A 1 108 ? 5.152   -7.423  -12.067 1.00 12.77 ? 108 ASN A C   1 
ATOM   800  O  O   . ASN A 1 108 ? 5.793   -6.905  -12.999 1.00 13.98 ? 108 ASN A O   1 
ATOM   801  C  CB  . ASN A 1 108 ? 5.892   -7.162  -9.689  1.00 12.03 ? 108 ASN A CB  1 
ATOM   802  C  CG  . ASN A 1 108 ? 6.421   -7.860  -8.428  1.00 11.49 ? 108 ASN A CG  1 
ATOM   803  O  OD1 . ASN A 1 108 ? 6.821   -9.037  -8.456  1.00 13.10 ? 108 ASN A OD1 1 
ATOM   804  N  ND2 . ASN A 1 108 ? 6.405   -7.139  -7.312  1.00 10.89 ? 108 ASN A ND2 1 
ATOM   805  N  N   . SER A 1 109 ? 3.825   -7.450  -12.029 1.00 12.37 ? 109 SER A N   1 
ATOM   806  C  CA  . SER A 1 109 ? 3.046   -6.861  -13.104 1.00 13.19 ? 109 SER A CA  1 
ATOM   807  C  C   . SER A 1 109 ? 1.737   -6.299  -12.575 1.00 13.01 ? 109 SER A C   1 
ATOM   808  O  O   . SER A 1 109 ? 1.306   -6.628  -11.473 1.00 11.99 ? 109 SER A O   1 
ATOM   809  C  CB  . SER A 1 109 ? 2.797   -7.876  -14.215 1.00 13.29 ? 109 SER A CB  1 
ATOM   810  O  OG  . SER A 1 109 ? 2.013   -8.957  -13.796 1.00 16.34 ? 109 SER A OG  1 
ATOM   811  N  N   . GLY A 1 110 ? 1.101   -5.454  -13.371 1.00 11.92 ? 110 GLY A N   1 
ATOM   812  C  CA  . GLY A 1 110 ? -0.130  -4.800  -12.966 1.00 11.08 ? 110 GLY A CA  1 
ATOM   813  C  C   . GLY A 1 110 ? 0.088   -3.670  -11.993 1.00 10.58 ? 110 GLY A C   1 
ATOM   814  O  O   . GLY A 1 110 ? 1.198   -3.204  -11.728 1.00 11.01 ? 110 GLY A O   1 
ATOM   815  N  N   . SER A 1 111 ? -1.026  -3.194  -11.442 1.00 11.09 ? 111 SER A N   1 
ATOM   816  C  CA  . SER A 1 111 ? -1.026  -1.997  -10.632 1.00 11.69 ? 111 SER A CA  1 
ATOM   817  C  C   . SER A 1 111 ? -2.363  -1.875  -9.927  1.00 11.70 ? 111 SER A C   1 
ATOM   818  O  O   . SER A 1 111 ? -3.334  -2.524  -10.329 1.00 12.48 ? 111 SER A O   1 
ATOM   819  C  CB  . SER A 1 111 ? -0.811  -0.739  -11.486 1.00 12.45 ? 111 SER A CB  1 
ATOM   820  O  OG  . SER A 1 111 ? -1.876  -0.569  -12.414 1.00 15.38 ? 111 SER A OG  1 
ATOM   821  N  N   . PHE A 1 112 ? -2.393  -1.050  -8.896  1.00 10.91 ? 112 PHE A N   1 
ATOM   822  C  CA  . PHE A 1 112 ? -3.638  -0.672  -8.238  1.00 10.75 ? 112 PHE A CA  1 
ATOM   823  C  C   . PHE A 1 112 ? -3.918  0.808   -8.463  1.00 11.03 ? 112 PHE A C   1 
ATOM   824  O  O   . PHE A 1 112 ? -3.002  1.646   -8.453  1.00 12.32 ? 112 PHE A O   1 
ATOM   825  C  CB  . PHE A 1 112 ? -3.572  -0.942  -6.728  1.00 10.73 ? 112 PHE A CB  1 
ATOM   826  C  CG  . PHE A 1 112 ? -3.352  -2.392  -6.373  1.00 10.37 ? 112 PHE A CG  1 
ATOM   827  C  CD1 . PHE A 1 112 ? -4.098  -3.401  -6.978  1.00 9.55  ? 112 PHE A CD1 1 
ATOM   828  C  CD2 . PHE A 1 112 ? -2.383  -2.740  -5.445  1.00 10.75 ? 112 PHE A CD2 1 
ATOM   829  C  CE1 . PHE A 1 112 ? -3.873  -4.731  -6.646  1.00 10.92 ? 112 PHE A CE1 1 
ATOM   830  C  CE2 . PHE A 1 112 ? -2.165  -4.045  -5.111  1.00 10.71 ? 112 PHE A CE2 1 
ATOM   831  C  CZ  . PHE A 1 112 ? -2.888  -5.039  -5.708  1.00 10.08 ? 112 PHE A CZ  1 
ATOM   832  N  N   . SER A 1 113 ? -5.191  1.126   -8.661  1.00 11.20 ? 113 SER A N   1 
ATOM   833  C  CA  . SER A 1 113 ? -5.673  2.489   -8.727  1.00 11.96 ? 113 SER A CA  1 
ATOM   834  C  C   . SER A 1 113 ? -6.157  2.854   -7.350  1.00 11.55 ? 113 SER A C   1 
ATOM   835  O  O   . SER A 1 113 ? -6.969  2.134   -6.772  1.00 12.22 ? 113 SER A O   1 
ATOM   836  C  CB  . SER A 1 113 ? -6.807  2.592   -9.735  1.00 12.55 ? 113 SER A CB  1 
ATOM   837  O  OG  . SER A 1 113 ? -7.297  3.924   -9.803  1.00 17.22 ? 113 SER A OG  1 
ATOM   838  N  N   . VAL A 1 114 ? -5.682  3.963   -6.816  1.00 11.46 ? 114 VAL A N   1 
ATOM   839  C  CA  . VAL A 1 114 ? -5.876  4.312   -5.410  1.00 11.45 ? 114 VAL A CA  1 
ATOM   840  C  C   . VAL A 1 114 ? -6.346  5.749   -5.266  1.00 11.89 ? 114 VAL A C   1 
ATOM   841  O  O   . VAL A 1 114 ? -5.784  6.651   -5.870  1.00 12.44 ? 114 VAL A O   1 
ATOM   842  C  CB  . VAL A 1 114 ? -4.594  4.062   -4.576  1.00 11.77 ? 114 VAL A CB  1 
ATOM   843  C  CG1 . VAL A 1 114 ? -4.869  4.257   -3.092  1.00 12.91 ? 114 VAL A CG1 1 
ATOM   844  C  CG2 . VAL A 1 114 ? -4.057  2.653   -4.832  1.00 11.18 ? 114 VAL A CG2 1 
ATOM   845  N  N   . ASN A 1 115 ? -7.378  5.952   -4.457  1.00 10.92 ? 115 ASN A N   1 
ATOM   846  C  CA  . ASN A 1 115 ? -7.823  7.265   -4.004  1.00 11.43 ? 115 ASN A CA  1 
ATOM   847  C  C   . ASN A 1 115 ? -7.498  7.434   -2.528  1.00 11.76 ? 115 ASN A C   1 
ATOM   848  O  O   . ASN A 1 115 ? -7.719  6.511   -1.744  1.00 11.18 ? 115 ASN A O   1 
ATOM   849  C  CB  . ASN A 1 115 ? -9.343  7.415   -4.164  1.00 11.76 ? 115 ASN A CB  1 
ATOM   850  C  CG  . ASN A 1 115 ? -9.777  7.743   -5.568  1.00 14.01 ? 115 ASN A CG  1 
ATOM   851  O  OD1 . ASN A 1 115 ? -9.665  8.894   -6.024  1.00 17.76 ? 115 ASN A OD1 1 
ATOM   852  N  ND2 . ASN A 1 115 ? -10.311 6.751   -6.256  1.00 18.14 ? 115 ASN A ND2 1 
ATOM   853  N  N   . ILE A 1 116 ? -6.961  8.588   -2.141  1.00 12.38 ? 116 ILE A N   1 
ATOM   854  C  CA  . ILE A 1 116 ? -6.810  8.968   -0.744  1.00 12.01 ? 116 ILE A CA  1 
ATOM   855  C  C   . ILE A 1 116 ? -7.411  10.351  -0.527  1.00 12.53 ? 116 ILE A C   1 
ATOM   856  O  O   . ILE A 1 116 ? -7.122  11.263  -1.288  1.00 14.49 ? 116 ILE A O   1 
ATOM   857  C  CB  . ILE A 1 116 ? -5.316  9.024   -0.293  1.00 12.57 ? 116 ILE A CB  1 
ATOM   858  C  CG1 . ILE A 1 116 ? -4.590  7.726   -0.660  1.00 12.46 ? 116 ILE A CG1 1 
ATOM   859  C  CG2 . ILE A 1 116 ? -5.224  9.312   1.192   1.00 12.65 ? 116 ILE A CG2 1 
ATOM   860  C  CD1 . ILE A 1 116 ? -3.078  7.754   -0.354  1.00 14.51 ? 116 ILE A CD1 1 
ATOM   861  N  N   . GLY A 1 117 ? -8.228  10.483  0.505   1.00 12.50 ? 117 GLY A N   1 
ATOM   862  C  CA  . GLY A 1 117 ? -8.724  11.785  0.919   1.00 12.16 ? 117 GLY A CA  1 
ATOM   863  C  C   . GLY A 1 117 ? -8.637  11.960  2.408   1.00 11.98 ? 117 GLY A C   1 
ATOM   864  O  O   . GLY A 1 117 ? -8.612  10.994  3.167   1.00 13.10 ? 117 GLY A O   1 
ATOM   865  N  N   . LYS A 1 118 ? -8.604  13.218  2.847   1.00 12.29 ? 118 LYS A N   1 
ATOM   866  C  CA  . LYS A 1 118 ? -8.743  13.527  4.255   1.00 12.57 ? 118 LYS A CA  1 
ATOM   867  C  C   . LYS A 1 118 ? -10.226 13.738  4.569   1.00 12.33 ? 118 LYS A C   1 
ATOM   868  O  O   . LYS A 1 118 ? -10.949 14.328  3.773   1.00 14.01 ? 118 LYS A O   1 
ATOM   869  C  CB  . LYS A 1 118 ? -7.939  14.772  4.626   1.00 12.70 ? 118 LYS A CB  1 
ATOM   870  C  CG  . LYS A 1 118 ? -6.448  14.596  4.409   1.00 12.94 ? 118 LYS A CG  1 
ATOM   871  C  CD  . LYS A 1 118 ? -5.606  15.642  5.128   1.00 13.55 ? 118 LYS A CD  1 
ATOM   872  C  CE  . LYS A 1 118 ? -4.135  15.425  4.819   1.00 14.61 ? 118 LYS A CE  1 
ATOM   873  N  NZ  . LYS A 1 118 ? -3.259  16.348  5.597   1.00 15.32 ? 118 LYS A NZ  1 
ATOM   874  N  N   . ASP A 1 119 ? -10.642 13.220  5.710   1.00 13.21 ? 119 ASP A N   1 
ATOM   875  C  CA  . ASP A 1 119 ? -12.017 13.298  6.164   1.00 14.11 ? 119 ASP A CA  1 
ATOM   876  C  C   . ASP A 1 119 ? -12.149 14.391  7.213   1.00 15.68 ? 119 ASP A C   1 
ATOM   877  O  O   . ASP A 1 119 ? -11.170 14.978  7.678   1.00 15.95 ? 119 ASP A O   1 
ATOM   878  C  CB  . ASP A 1 119 ? -12.420 11.978  6.791   1.00 14.04 ? 119 ASP A CB  1 
ATOM   879  C  CG  . ASP A 1 119 ? -12.405 10.848  5.811   1.00 15.11 ? 119 ASP A CG  1 
ATOM   880  O  OD1 . ASP A 1 119 ? -13.009 10.986  4.721   1.00 17.80 ? 119 ASP A OD1 1 
ATOM   881  O  OD2 . ASP A 1 119 ? -11.794 9.789   6.078   1.00 14.40 ? 119 ASP A OD2 1 
ATOM   882  N  N   . GLN A 1 120 ? -13.384 14.695  7.564   1.00 16.39 ? 120 GLN A N   1 
ATOM   883  C  CA  . GLN A 1 120 ? -13.641 15.605  8.672   1.00 18.04 ? 120 GLN A CA  1 
ATOM   884  C  C   . GLN A 1 120 ? -12.961 15.190  9.941   1.00 18.79 ? 120 GLN A C   1 
ATOM   885  O  O   . GLN A 1 120 ? -12.914 13.995  10.274  1.00 19.94 ? 120 GLN A O   1 
ATOM   886  C  CB  . GLN A 1 120 ? -15.100 15.576  9.044   1.00 18.85 ? 120 GLN A CB  1 
ATOM   887  C  CG  . GLN A 1 120 ? -15.894 16.516  8.417   1.00 20.80 ? 120 GLN A CG  1 
ATOM   888  C  CD  . GLN A 1 120 ? -17.340 16.293  8.751   1.00 20.49 ? 120 GLN A CD  1 
ATOM   889  O  OE1 . GLN A 1 120 ? -17.724 15.849  9.855   1.00 25.04 ? 120 GLN A OE1 1 
ATOM   890  N  NE2 . GLN A 1 120 ? -18.130 16.551  7.801   1.00 16.37 ? 120 GLN A NE2 1 
ATOM   891  N  N   . SER A 1 121 ? -12.515 16.173  10.710  1.00 18.45 ? 121 SER A N   1 
ATOM   892  C  CA  . SER A 1 121 ? -11.909 15.908  11.995  1.00 18.81 ? 121 SER A CA  1 
ATOM   893  C  C   . SER A 1 121 ? -11.973 17.129  12.906  1.00 19.64 ? 121 SER A C   1 
ATOM   894  O  O   . SER A 1 121 ? -12.670 18.089  12.524  1.00 19.09 ? 121 SER A O   1 
ATOM   895  C  CB  . SER A 1 121 ? -10.466 15.432  11.804  1.00 18.43 ? 121 SER A CB  1 
ATOM   896  O  OG  . SER A 1 121 ? -9.655  16.415  11.187  1.00 18.52 ? 121 SER A OG  1 
ATOM   897  O  OXT . SER A 1 121 ? -11.342 17.074  13.969  1.00 21.37 ? 121 SER A OXT 1 
HETATM 898  CA CA  . CA  B 2 .   ? 8.043   -10.739 -7.312  1.00 12.53 ? 201 CA  A CA  1 
HETATM 899  O  O   . HOH C 3 .   ? -8.274  -8.534  -2.779  1.00 7.37  ? 202 HOH A O   1 
HETATM 900  O  O   . HOH C 3 .   ? -3.335  -8.786  2.832   1.00 11.40 ? 203 HOH A O   1 
HETATM 901  O  O   . HOH C 3 .   ? -1.634  -8.482  -6.022  1.00 12.16 ? 204 HOH A O   1 
HETATM 902  O  O   . HOH C 3 .   ? 9.679   -2.213  -1.285  1.00 15.32 ? 205 HOH A O   1 
HETATM 903  O  O   . HOH C 3 .   ? 4.906   -0.564  -5.381  1.00 13.07 ? 206 HOH A O   1 
HETATM 904  O  O   . HOH C 3 .   ? -3.696  18.328  8.120   0.50 11.04 ? 207 HOH A O   1 
HETATM 905  O  O   . HOH C 3 .   ? 4.011   -3.504  -12.286 1.00 13.23 ? 208 HOH A O   1 
HETATM 906  O  O   . HOH C 3 .   ? 8.108   -5.782  -13.860 1.00 16.17 ? 209 HOH A O   1 
HETATM 907  O  O   . HOH C 3 .   ? -6.673  -10.946 -3.865  1.00 12.15 ? 210 HOH A O   1 
HETATM 908  O  O   . HOH C 3 .   ? -8.727  15.220  8.875   1.00 15.72 ? 211 HOH A O   1 
HETATM 909  O  O   . HOH C 3 .   ? -7.146  -13.636 -7.934  1.00 15.44 ? 212 HOH A O   1 
HETATM 910  O  O   . HOH C 3 .   ? -3.553  -7.210  6.539   1.00 14.49 ? 213 HOH A O   1 
HETATM 911  O  O   . HOH C 3 .   ? -5.264  17.163  11.846  1.00 15.40 ? 214 HOH A O   1 
HETATM 912  O  O   . HOH C 3 .   ? 6.551   -13.763 0.194   1.00 15.80 ? 215 HOH A O   1 
HETATM 913  O  O   . HOH C 3 .   ? 12.191  -3.353  -0.880  1.00 19.47 ? 216 HOH A O   1 
HETATM 914  O  O   . HOH C 3 .   ? 4.049   3.425   -9.225  1.00 16.18 ? 217 HOH A O   1 
HETATM 915  O  O   . HOH C 3 .   ? -7.404  17.642  7.310   0.50 15.03 ? 218 HOH A O   1 
HETATM 916  O  O   . HOH C 3 .   ? 6.205   -5.777  8.898   1.00 18.89 ? 219 HOH A O   1 
HETATM 917  O  O   . HOH C 3 .   ? 9.958   -6.439  6.456   1.00 18.68 ? 220 HOH A O   1 
HETATM 918  O  O   . HOH C 3 .   ? -8.868  11.195  -4.762  1.00 19.97 ? 221 HOH A O   1 
HETATM 919  O  O   . HOH C 3 .   ? 15.218  -9.653  0.356   1.00 22.96 ? 222 HOH A O   1 
HETATM 920  O  O   . HOH C 3 .   ? 13.435  -5.853  -6.807  1.00 18.22 ? 223 HOH A O   1 
HETATM 921  O  O   . HOH C 3 .   ? -4.216  -17.625 -4.532  1.00 18.29 ? 224 HOH A O   1 
HETATM 922  O  O   . HOH C 3 .   ? -2.993  11.155  14.277  1.00 19.83 ? 225 HOH A O   1 
HETATM 923  O  O   . HOH C 3 .   ? -7.801  17.196  13.156  1.00 20.95 ? 226 HOH A O   1 
HETATM 924  O  O   . HOH C 3 .   ? -5.518  -3.151  -12.436 1.00 19.41 ? 227 HOH A O   1 
HETATM 925  O  O   . HOH C 3 .   ? 3.818   -10.758 -12.801 1.00 18.81 ? 228 HOH A O   1 
HETATM 926  O  O   . HOH C 3 .   ? -9.303  -2.942  3.762   1.00 17.98 ? 229 HOH A O   1 
HETATM 927  O  O   . HOH C 3 .   ? 9.787   -3.062  5.517   1.00 21.91 ? 230 HOH A O   1 
HETATM 928  O  O   . HOH C 3 .   ? 2.374   -4.262  -15.728 1.00 22.10 ? 231 HOH A O   1 
HETATM 929  O  O   . HOH C 3 .   ? -7.629  -18.931 -1.330  1.00 21.10 ? 232 HOH A O   1 
HETATM 930  O  O   . HOH C 3 .   ? -1.656  16.805  2.736   1.00 24.25 ? 233 HOH A O   1 
HETATM 931  O  O   . HOH C 3 .   ? -3.744  -1.416  8.705   1.00 21.02 ? 234 HOH A O   1 
HETATM 932  O  O   . HOH C 3 .   ? -4.171  13.451  -7.554  1.00 23.10 ? 235 HOH A O   1 
HETATM 933  O  O   . HOH C 3 .   ? -8.549  4.424   13.003  1.00 25.61 ? 236 HOH A O   1 
HETATM 934  O  O   . HOH C 3 .   ? -2.003  18.574  13.123  1.00 26.68 ? 237 HOH A O   1 
HETATM 935  O  O   . HOH C 3 .   ? 11.881  -9.751  6.322   1.00 25.44 ? 238 HOH A O   1 
HETATM 936  O  O   . HOH C 3 .   ? 7.124   8.007   -6.340  1.00 23.76 ? 239 HOH A O   1 
HETATM 937  O  O   . HOH C 3 .   ? -5.786  -14.455 -2.267  1.00 21.27 ? 240 HOH A O   1 
HETATM 938  O  O   . HOH C 3 .   ? -4.302  0.028   10.865  1.00 25.37 ? 241 HOH A O   1 
HETATM 939  O  O   . HOH C 3 .   ? 4.723   -3.035  -14.965 1.00 24.04 ? 242 HOH A O   1 
HETATM 940  O  O   . HOH C 3 .   ? -0.476  -19.087 -4.671  1.00 23.51 ? 243 HOH A O   1 
HETATM 941  O  O   . HOH C 3 .   ? -3.588  -5.332  -14.168 1.00 22.73 ? 244 HOH A O   1 
HETATM 942  O  O   . HOH C 3 .   ? -10.063 3.706   -5.905  1.00 24.73 ? 245 HOH A O   1 
HETATM 943  O  O   . HOH C 3 .   ? -4.125  3.161   13.543  1.00 24.57 ? 246 HOH A O   1 
HETATM 944  O  O   . HOH C 3 .   ? 13.655  -8.695  -9.120  1.00 22.36 ? 247 HOH A O   1 
HETATM 945  O  O   . HOH C 3 .   ? 1.950   -19.547 -3.544  1.00 25.72 ? 248 HOH A O   1 
HETATM 946  O  O   . HOH C 3 .   ? 6.527   8.208   2.907   1.00 24.56 ? 249 HOH A O   1 
HETATM 947  O  O   . HOH C 3 .   ? 3.799   -12.949 7.595   1.00 27.35 ? 250 HOH A O   1 
HETATM 948  O  O   . HOH C 3 .   ? 0.202   -11.585 -14.216 1.00 23.49 ? 251 HOH A O   1 
HETATM 949  O  O   . HOH C 3 .   ? 10.510  -1.418  3.498   1.00 24.01 ? 252 HOH A O   1 
HETATM 950  O  O   . HOH C 3 .   ? 7.720   -14.848 -2.099  1.00 26.31 ? 253 HOH A O   1 
HETATM 951  O  O   . HOH C 3 .   ? -8.786  13.060  14.897  1.00 26.75 ? 254 HOH A O   1 
HETATM 952  O  O   . HOH C 3 .   ? 14.211  -13.106 3.297   1.00 27.14 ? 255 HOH A O   1 
HETATM 953  O  O   . HOH C 3 .   ? 5.866   8.447   10.821  1.00 23.10 ? 256 HOH A O   1 
HETATM 954  O  O   . HOH C 3 .   ? -6.540  -2.890  5.717   1.00 26.05 ? 257 HOH A O   1 
HETATM 955  O  O   . HOH C 3 .   ? 8.118   -18.566 4.954   1.00 29.55 ? 258 HOH A O   1 
HETATM 956  O  O   . HOH C 3 .   ? 12.766  -14.568 -0.335  1.00 24.65 ? 259 HOH A O   1 
HETATM 957  O  O   . HOH C 3 .   ? 15.851  -10.911 -2.848  1.00 28.85 ? 260 HOH A O   1 
HETATM 958  O  O   . HOH C 3 .   ? -14.722 8.634   4.387   1.00 23.13 ? 261 HOH A O   1 
HETATM 959  O  O   . HOH C 3 .   ? 3.903   -17.461 5.509   1.00 26.55 ? 262 HOH A O   1 
HETATM 960  O  O   . HOH C 3 .   ? 0.955   -14.049 1.002   1.00 20.52 ? 263 HOH A O   1 
HETATM 961  O  O   . HOH C 3 .   ? 8.399   -1.998  8.291   1.00 26.97 ? 264 HOH A O   1 
HETATM 962  O  O   . HOH C 3 .   ? -14.073 11.536  9.945   1.00 27.73 ? 265 HOH A O   1 
HETATM 963  O  O   . HOH C 3 .   ? -10.904 0.636   7.829   1.00 27.59 ? 266 HOH A O   1 
HETATM 964  O  O   . HOH C 3 .   ? 8.363   0.790   -11.568 1.00 30.85 ? 267 HOH A O   1 
HETATM 965  O  O   . HOH C 3 .   ? -6.910  -15.424 -10.050 1.00 26.20 ? 268 HOH A O   1 
HETATM 966  O  O   . HOH C 3 .   ? -7.235  -15.462 4.644   1.00 27.53 ? 269 HOH A O   1 
HETATM 967  O  O   . HOH C 3 .   ? 8.680   -4.931  8.487   1.00 23.94 ? 270 HOH A O   1 
HETATM 968  O  O   . HOH C 3 .   ? -9.630  5.024   -12.556 1.00 49.21 ? 271 HOH A O   1 
HETATM 969  O  O   . HOH C 3 .   ? 2.045   -18.737 -13.311 1.00 31.20 ? 272 HOH A O   1 
HETATM 970  O  O   . HOH C 3 .   ? 12.427  -8.277  4.069   1.00 24.48 ? 273 HOH A O   1 
HETATM 971  O  O   . HOH C 3 .   ? -1.515  10.918  -9.680  1.00 28.30 ? 274 HOH A O   1 
HETATM 972  O  O   . HOH C 3 .   ? 2.144   -3.333  9.973   1.00 26.25 ? 275 HOH A O   1 
HETATM 973  O  O   . HOH C 3 .   ? 16.050  -4.056  -2.467  1.00 32.77 ? 276 HOH A O   1 
HETATM 974  O  O   . HOH C 3 .   ? 8.994   -20.492 2.545   1.00 30.94 ? 277 HOH A O   1 
HETATM 975  O  O   . HOH C 3 .   ? -5.311  5.687   -10.997 1.00 30.71 ? 278 HOH A O   1 
HETATM 976  O  O   . HOH C 3 .   ? 11.746  1.392   -7.561  1.00 28.35 ? 279 HOH A O   1 
HETATM 977  O  O   . HOH C 3 .   ? -12.581 7.855   12.685  1.00 31.15 ? 280 HOH A O   1 
HETATM 978  O  O   . HOH C 3 .   ? -0.317  10.216  14.249  1.00 28.67 ? 281 HOH A O   1 
HETATM 979  O  O   . HOH C 3 .   ? 7.848   10.466  10.291  1.00 38.35 ? 282 HOH A O   1 
HETATM 980  O  O   . HOH C 3 .   ? 7.349   -0.481  -15.367 1.00 24.56 ? 283 HOH A O   1 
HETATM 981  O  O   . HOH C 3 .   ? -1.094  18.095  0.403   1.00 30.94 ? 284 HOH A O   1 
HETATM 982  O  O   . HOH C 3 .   ? 17.397  -9.305  -6.724  1.00 38.78 ? 285 HOH A O   1 
HETATM 983  O  O   . HOH C 3 .   ? 2.989   -18.493 -6.526  1.00 29.25 ? 286 HOH A O   1 
HETATM 984  O  O   . HOH C 3 .   ? -12.237 7.190   -8.822  1.00 45.55 ? 287 HOH A O   1 
HETATM 985  O  O   . HOH C 3 .   ? 2.942   -12.381 -14.773 1.00 31.33 ? 288 HOH A O   1 
HETATM 986  O  O   . HOH C 3 .   ? -3.776  -13.484 -15.614 1.00 31.49 ? 289 HOH A O   1 
HETATM 987  O  O   . HOH C 3 .   ? 9.724   4.761   -7.699  1.00 32.73 ? 290 HOH A O   1 
HETATM 988  O  O   . HOH C 3 .   ? 6.737   6.322   -8.481  1.00 30.74 ? 291 HOH A O   1 
HETATM 989  O  O   . HOH C 3 .   ? 0.355   0.097   -15.776 1.00 49.51 ? 292 HOH A O   1 
HETATM 990  O  O   . HOH C 3 .   ? 5.113   9.532   -9.669  1.00 35.43 ? 293 HOH A O   1 
HETATM 991  O  O   . HOH C 3 .   ? 4.192   0.020   11.422  1.00 40.37 ? 294 HOH A O   1 
HETATM 992  O  O   . HOH C 3 .   ? 3.319   16.030  9.505   1.00 33.06 ? 295 HOH A O   1 
HETATM 993  O  O   . HOH C 3 .   ? -20.727 9.340   10.942  1.00 33.88 ? 296 HOH A O   1 
HETATM 994  O  O   . HOH C 3 .   ? 2.143   -12.195 5.233   1.00 30.33 ? 297 HOH A O   1 
HETATM 995  O  O   . HOH C 3 .   ? -16.641 14.013  12.064  1.00 34.51 ? 298 HOH A O   1 
HETATM 996  O  O   . HOH C 3 .   ? 5.477   -3.138  9.554   1.00 34.17 ? 299 HOH A O   1 
HETATM 997  O  O   . HOH C 3 .   ? 13.812  -2.552  -7.948  1.00 26.99 ? 300 HOH A O   1 
HETATM 998  O  O   . HOH C 3 .   ? 12.104  -10.706 -9.919  1.00 34.62 ? 301 HOH A O   1 
HETATM 999  O  O   . HOH C 3 .   ? -2.911  15.287  -5.741  1.00 28.72 ? 302 HOH A O   1 
HETATM 1000 O  O   . HOH C 3 .   ? -3.561  16.331  -1.512  1.00 32.44 ? 303 HOH A O   1 
HETATM 1001 O  O   . HOH C 3 .   ? 10.170  2.286   0.428   1.00 49.24 ? 304 HOH A O   1 
HETATM 1002 O  O   . HOH C 3 .   ? 7.658   12.938  5.222   1.00 37.55 ? 305 HOH A O   1 
HETATM 1003 O  O   . HOH C 3 .   ? 1.670   -15.666 4.184   1.00 44.78 ? 306 HOH A O   1 
HETATM 1004 O  O   . HOH C 3 .   ? -0.039  -17.254 3.385   1.00 30.95 ? 307 HOH A O   1 
HETATM 1005 O  O   . HOH C 3 .   ? 1.493   -10.024 -16.357 1.00 48.55 ? 308 HOH A O   1 
# 
